data_2M4M
#
_entry.id   2M4M
#
_entity_poly.entity_id   1
_entity_poly.type   'polypeptide(L)'
_entity_poly.pdbx_seq_one_letter_code
;MSLGSESETGNAVVVFGYREAITKQILAYFAQFGEILEDLESELGDTETMRTPGYFFQQAPNRRRISREHGRTWTKLTYA
NHSSYLRALREHGTIYCGAAIGCVPYKHELISELSREGHHHHHH
;
_entity_poly.pdbx_strand_id   A
#
# COMPACT_ATOMS: atom_id res chain seq x y z
N MET A 1 14.11 15.13 -11.66
CA MET A 1 13.12 14.65 -10.67
C MET A 1 13.23 15.46 -9.38
N SER A 2 12.19 15.40 -8.57
CA SER A 2 12.16 16.10 -7.29
C SER A 2 13.26 15.59 -6.35
N LEU A 3 13.42 14.27 -6.33
CA LEU A 3 14.41 13.62 -5.46
C LEU A 3 15.76 13.51 -6.17
N GLY A 4 16.82 13.35 -5.39
CA GLY A 4 18.15 13.22 -5.95
C GLY A 4 18.76 11.87 -5.61
N SER A 5 20.04 11.69 -5.97
CA SER A 5 20.78 10.46 -5.69
C SER A 5 20.13 9.25 -6.40
N GLU A 6 20.45 8.05 -5.94
CA GLU A 6 19.86 6.86 -6.49
C GLU A 6 19.39 5.94 -5.36
N SER A 7 18.27 6.29 -4.78
CA SER A 7 17.70 5.54 -3.75
C SER A 7 16.18 5.58 -3.88
N GLU A 8 15.52 5.18 -2.84
CA GLU A 8 14.11 5.12 -2.79
C GLU A 8 13.61 6.00 -1.69
N THR A 9 12.36 5.85 -1.39
CA THR A 9 11.73 6.57 -0.30
C THR A 9 12.30 6.08 1.04
N GLY A 10 12.40 4.76 1.18
CA GLY A 10 12.95 4.18 2.38
C GLY A 10 11.90 3.82 3.41
N ASN A 11 10.84 4.63 3.48
CA ASN A 11 9.76 4.39 4.45
C ASN A 11 8.43 4.21 3.76
N ALA A 12 8.48 3.84 2.49
CA ALA A 12 7.28 3.60 1.70
C ALA A 12 7.49 2.38 0.82
N VAL A 13 6.45 1.57 0.69
CA VAL A 13 6.53 0.36 -0.12
C VAL A 13 5.44 0.35 -1.18
N VAL A 14 5.66 -0.45 -2.20
CA VAL A 14 4.69 -0.62 -3.25
C VAL A 14 4.06 -1.99 -3.10
N VAL A 15 2.78 -2.02 -2.84
CA VAL A 15 2.10 -3.28 -2.65
C VAL A 15 1.22 -3.58 -3.84
N PHE A 16 1.39 -4.75 -4.42
CA PHE A 16 0.63 -5.17 -5.57
C PHE A 16 0.23 -6.63 -5.45
N GLY A 17 -0.80 -7.00 -6.20
CA GLY A 17 -1.26 -8.38 -6.18
C GLY A 17 -2.45 -8.58 -5.25
N TYR A 18 -3.30 -7.58 -5.16
CA TYR A 18 -4.50 -7.65 -4.34
C TYR A 18 -5.71 -7.19 -5.12
N ARG A 19 -6.90 -7.53 -4.64
CA ARG A 19 -8.14 -7.16 -5.30
C ARG A 19 -9.08 -6.45 -4.30
N GLU A 20 -9.97 -5.60 -4.81
CA GLU A 20 -10.88 -4.81 -3.96
C GLU A 20 -11.94 -5.69 -3.27
N ALA A 21 -11.84 -6.99 -3.44
CA ALA A 21 -12.77 -7.90 -2.82
C ALA A 21 -12.21 -8.49 -1.52
N ILE A 22 -10.99 -8.08 -1.16
CA ILE A 22 -10.34 -8.60 0.05
C ILE A 22 -10.02 -7.50 1.05
N THR A 23 -10.52 -6.29 0.80
CA THR A 23 -10.16 -5.13 1.60
C THR A 23 -10.48 -5.30 3.07
N LYS A 24 -11.67 -5.77 3.36
CA LYS A 24 -12.09 -5.89 4.75
C LYS A 24 -11.17 -6.86 5.48
N GLN A 25 -10.76 -7.91 4.78
CA GLN A 25 -9.94 -8.95 5.35
C GLN A 25 -8.45 -8.54 5.44
N ILE A 26 -7.83 -8.21 4.30
CA ILE A 26 -6.40 -7.92 4.26
C ILE A 26 -6.06 -6.64 5.02
N LEU A 27 -6.95 -5.65 4.95
CA LEU A 27 -6.70 -4.37 5.61
C LEU A 27 -6.63 -4.56 7.11
N ALA A 28 -7.45 -5.45 7.65
CA ALA A 28 -7.47 -5.69 9.09
C ALA A 28 -6.08 -6.03 9.62
N TYR A 29 -5.36 -6.90 8.92
CA TYR A 29 -4.00 -7.27 9.32
C TYR A 29 -3.03 -6.09 9.28
N PHE A 30 -3.01 -5.39 8.16
CA PHE A 30 -2.07 -4.29 7.95
C PHE A 30 -2.54 -3.01 8.61
N ALA A 31 -3.77 -3.04 9.11
CA ALA A 31 -4.38 -1.89 9.74
C ALA A 31 -3.55 -1.43 10.92
N GLN A 32 -2.76 -2.34 11.47
CA GLN A 32 -1.86 -2.03 12.57
C GLN A 32 -0.89 -0.92 12.15
N PHE A 33 -0.58 -0.90 10.87
CA PHE A 33 0.34 0.06 10.34
C PHE A 33 -0.41 1.18 9.61
N GLY A 34 -1.39 0.81 8.79
CA GLY A 34 -2.16 1.78 8.04
C GLY A 34 -3.28 1.14 7.23
N GLU A 35 -3.81 1.87 6.25
CA GLU A 35 -4.89 1.35 5.42
C GLU A 35 -4.39 1.10 4.00
N ILE A 36 -5.07 0.22 3.26
CA ILE A 36 -4.59 -0.18 1.94
C ILE A 36 -5.54 0.26 0.81
N LEU A 37 -6.80 -0.17 0.89
CA LEU A 37 -7.78 0.16 -0.14
C LEU A 37 -8.78 1.20 0.36
N GLU A 38 -9.70 1.60 -0.51
CA GLU A 38 -10.64 2.68 -0.18
C GLU A 38 -11.97 2.19 0.41
N ASP A 39 -12.31 0.94 0.21
CA ASP A 39 -13.60 0.44 0.70
C ASP A 39 -13.47 -0.09 2.13
N LEU A 40 -13.86 0.72 3.09
CA LEU A 40 -13.72 0.38 4.46
C LEU A 40 -14.90 0.92 5.28
N GLU A 41 -15.65 0.01 5.84
CA GLU A 41 -16.78 0.35 6.70
C GLU A 41 -16.53 -0.23 8.08
N SER A 42 -16.64 0.62 9.10
CA SER A 42 -16.39 0.24 10.51
C SER A 42 -15.05 -0.52 10.67
N GLU A 43 -14.02 0.22 11.00
CA GLU A 43 -12.70 -0.31 11.09
C GLU A 43 -12.12 -0.13 12.48
N LEU A 44 -11.96 -1.25 13.12
CA LEU A 44 -11.44 -1.36 14.46
C LEU A 44 -12.30 -0.57 15.45
N GLY A 45 -13.37 -1.22 15.92
CA GLY A 45 -14.31 -0.57 16.82
C GLY A 45 -13.66 -0.08 18.09
N ASP A 46 -12.78 -0.89 18.64
CA ASP A 46 -12.08 -0.53 19.85
C ASP A 46 -10.59 -0.63 19.64
N THR A 47 -9.85 0.09 20.48
CA THR A 47 -8.41 0.08 20.44
C THR A 47 -7.82 0.87 19.26
N GLU A 48 -8.35 0.63 18.06
CA GLU A 48 -7.85 1.23 16.83
C GLU A 48 -6.38 0.85 16.62
N THR A 49 -5.93 -0.11 17.42
CA THR A 49 -4.58 -0.69 17.37
C THR A 49 -3.46 0.35 17.31
N MET A 50 -3.76 1.57 17.83
CA MET A 50 -2.82 2.71 17.83
C MET A 50 -2.06 2.85 16.50
N ARG A 51 -2.78 2.60 15.43
CA ARG A 51 -2.23 2.63 14.08
C ARG A 51 -1.90 4.04 13.62
N THR A 52 -1.08 4.13 12.56
CA THR A 52 -0.67 5.41 11.96
C THR A 52 0.32 6.17 12.87
N PRO A 53 1.39 6.75 12.28
CA PRO A 53 2.39 7.54 13.04
C PRO A 53 1.82 8.89 13.51
N GLY A 54 0.52 9.01 13.46
CA GLY A 54 -0.14 10.21 13.90
C GLY A 54 -1.29 9.90 14.84
N TYR A 55 -1.32 8.65 15.33
CA TYR A 55 -2.34 8.16 16.29
C TYR A 55 -3.70 7.94 15.60
N PHE A 56 -4.05 8.86 14.72
CA PHE A 56 -5.31 8.79 14.00
C PHE A 56 -5.08 8.89 12.51
N PHE A 57 -6.00 8.37 11.73
CA PHE A 57 -5.89 8.38 10.29
C PHE A 57 -6.54 9.63 9.71
N GLN A 58 -5.77 10.39 8.95
CA GLN A 58 -6.26 11.63 8.37
C GLN A 58 -6.65 11.43 6.90
N GLN A 59 -7.95 11.36 6.67
CA GLN A 59 -8.48 11.21 5.33
C GLN A 59 -9.91 11.68 5.33
N ALA A 60 -10.33 12.29 4.24
CA ALA A 60 -11.65 12.88 4.15
C ALA A 60 -12.61 12.06 3.30
N PRO A 61 -13.86 11.87 3.79
CA PRO A 61 -14.91 11.13 3.07
C PRO A 61 -15.37 11.85 1.80
N ASN A 62 -15.00 13.12 1.67
CA ASN A 62 -15.39 13.92 0.51
C ASN A 62 -14.34 13.82 -0.59
N ARG A 63 -13.28 13.09 -0.32
CA ARG A 63 -12.21 12.86 -1.28
C ARG A 63 -11.84 11.39 -1.31
N ARG A 64 -10.71 11.09 -1.95
CA ARG A 64 -10.23 9.73 -2.02
C ARG A 64 -9.90 9.26 -0.63
N ARG A 65 -10.23 8.01 -0.33
CA ARG A 65 -10.02 7.48 0.99
C ARG A 65 -8.54 7.42 1.29
N ILE A 66 -7.77 7.02 0.29
CA ILE A 66 -6.35 6.96 0.43
C ILE A 66 -5.71 8.18 -0.23
N SER A 67 -4.92 8.90 0.54
CA SER A 67 -4.29 10.11 0.06
C SER A 67 -3.06 9.79 -0.79
N ARG A 68 -2.63 8.55 -0.72
CA ARG A 68 -1.52 8.07 -1.52
C ARG A 68 -2.04 7.60 -2.88
N GLU A 69 -1.22 7.70 -3.90
CA GLU A 69 -1.65 7.31 -5.23
C GLU A 69 -1.72 5.79 -5.35
N HIS A 70 -2.86 5.32 -5.80
CA HIS A 70 -3.08 3.90 -5.98
C HIS A 70 -3.47 3.61 -7.42
N GLY A 71 -3.12 2.43 -7.88
CA GLY A 71 -3.42 2.02 -9.22
C GLY A 71 -4.47 0.95 -9.24
N ARG A 72 -4.49 0.18 -10.32
CA ARG A 72 -5.48 -0.87 -10.49
C ARG A 72 -5.25 -2.02 -9.52
N THR A 73 -4.01 -2.42 -9.37
CA THR A 73 -3.68 -3.54 -8.53
C THR A 73 -2.49 -3.25 -7.61
N TRP A 74 -2.12 -1.98 -7.50
CA TRP A 74 -0.97 -1.59 -6.68
C TRP A 74 -1.26 -0.32 -5.90
N THR A 75 -0.64 -0.19 -4.74
CA THR A 75 -0.75 1.03 -3.96
C THR A 75 0.58 1.36 -3.27
N LYS A 76 0.85 2.65 -3.13
CA LYS A 76 2.05 3.10 -2.41
C LYS A 76 1.72 3.36 -0.97
N LEU A 77 2.19 2.51 -0.09
CA LEU A 77 1.92 2.65 1.32
C LEU A 77 3.10 3.28 2.03
N THR A 78 2.86 4.44 2.59
CA THR A 78 3.89 5.17 3.30
C THR A 78 3.58 5.18 4.79
N TYR A 79 4.50 4.65 5.59
CA TYR A 79 4.27 4.55 7.03
C TYR A 79 5.14 5.53 7.80
N ALA A 80 6.10 6.17 7.10
CA ALA A 80 7.03 7.15 7.70
C ALA A 80 8.05 6.49 8.65
N ASN A 81 7.70 5.33 9.18
CA ASN A 81 8.57 4.60 10.08
C ASN A 81 9.16 3.38 9.39
N HIS A 82 10.43 3.15 9.62
CA HIS A 82 11.13 2.03 9.01
C HIS A 82 10.63 0.69 9.57
N SER A 83 10.24 0.70 10.83
CA SER A 83 9.77 -0.51 11.50
C SER A 83 8.52 -1.05 10.79
N SER A 84 7.57 -0.17 10.52
CA SER A 84 6.34 -0.53 9.84
C SER A 84 6.65 -0.93 8.40
N TYR A 85 7.61 -0.24 7.80
CA TYR A 85 8.05 -0.48 6.43
C TYR A 85 8.54 -1.92 6.27
N LEU A 86 9.43 -2.33 7.14
CA LEU A 86 10.01 -3.64 7.08
C LEU A 86 8.99 -4.74 7.40
N ARG A 87 8.15 -4.50 8.41
CA ARG A 87 7.16 -5.49 8.82
C ARG A 87 6.10 -5.70 7.74
N ALA A 88 5.70 -4.62 7.09
CA ALA A 88 4.70 -4.69 6.03
C ALA A 88 5.32 -5.18 4.72
N LEU A 89 6.65 -5.17 4.67
CA LEU A 89 7.39 -5.59 3.49
C LEU A 89 7.11 -7.07 3.18
N ARG A 90 7.11 -7.90 4.25
CA ARG A 90 6.86 -9.34 4.12
C ARG A 90 7.71 -9.98 3.02
N GLU A 91 7.07 -10.44 1.95
CA GLU A 91 7.74 -11.08 0.81
C GLU A 91 8.60 -12.29 1.27
N HIS A 92 8.21 -12.89 2.38
CA HIS A 92 8.90 -14.07 2.92
C HIS A 92 8.00 -15.29 2.89
N GLY A 93 7.34 -15.50 1.76
CA GLY A 93 6.45 -16.62 1.64
C GLY A 93 5.06 -16.28 2.07
N THR A 94 4.65 -15.05 1.79
CA THR A 94 3.35 -14.57 2.17
C THR A 94 2.34 -14.83 1.06
N ILE A 95 1.49 -15.82 1.27
CA ILE A 95 0.46 -16.16 0.32
C ILE A 95 -0.91 -15.79 0.87
N TYR A 96 -1.61 -14.97 0.14
CA TYR A 96 -2.89 -14.50 0.58
C TYR A 96 -3.95 -14.85 -0.46
N CYS A 97 -5.01 -15.53 -0.02
CA CYS A 97 -6.12 -15.92 -0.89
C CYS A 97 -5.66 -16.85 -2.03
N GLY A 98 -4.54 -17.53 -1.83
CA GLY A 98 -4.05 -18.45 -2.82
C GLY A 98 -2.93 -17.90 -3.69
N ALA A 99 -2.65 -16.61 -3.55
CA ALA A 99 -1.60 -15.98 -4.33
C ALA A 99 -0.66 -15.18 -3.45
N ALA A 100 0.60 -15.18 -3.81
CA ALA A 100 1.57 -14.41 -3.06
C ALA A 100 1.48 -12.94 -3.42
N ILE A 101 1.40 -12.09 -2.42
CA ILE A 101 1.34 -10.66 -2.65
C ILE A 101 2.73 -10.09 -2.79
N GLY A 102 2.86 -9.04 -3.56
CA GLY A 102 4.15 -8.45 -3.79
C GLY A 102 4.31 -7.11 -3.13
N CYS A 103 5.07 -7.08 -2.05
CA CYS A 103 5.39 -5.84 -1.38
C CYS A 103 6.86 -5.53 -1.60
N VAL A 104 7.13 -4.59 -2.47
CA VAL A 104 8.50 -4.27 -2.81
C VAL A 104 8.85 -2.85 -2.43
N PRO A 105 10.16 -2.52 -2.34
CA PRO A 105 10.62 -1.17 -2.05
C PRO A 105 10.23 -0.22 -3.17
N TYR A 106 10.07 1.05 -2.86
CA TYR A 106 9.64 2.01 -3.85
C TYR A 106 10.67 2.14 -5.00
N LYS A 107 10.19 1.93 -6.21
CA LYS A 107 11.00 2.05 -7.40
C LYS A 107 10.27 2.89 -8.42
N HIS A 108 10.93 3.90 -8.94
CA HIS A 108 10.30 4.80 -9.90
C HIS A 108 9.97 4.10 -11.21
N GLU A 109 10.89 3.28 -11.70
CA GLU A 109 10.71 2.57 -12.95
C GLU A 109 9.57 1.57 -12.84
N LEU A 110 9.42 0.98 -11.66
CA LEU A 110 8.36 0.03 -11.41
C LEU A 110 7.01 0.71 -11.55
N ILE A 111 6.90 1.94 -11.05
CA ILE A 111 5.67 2.70 -11.13
C ILE A 111 5.27 2.91 -12.59
N SER A 112 6.24 3.26 -13.41
CA SER A 112 5.99 3.45 -14.83
C SER A 112 5.48 2.15 -15.46
N GLU A 113 6.07 1.03 -15.07
CA GLU A 113 5.65 -0.28 -15.58
C GLU A 113 4.23 -0.61 -15.08
N LEU A 114 3.99 -0.34 -13.81
CA LEU A 114 2.71 -0.61 -13.19
C LEU A 114 1.60 0.22 -13.82
N SER A 115 1.89 1.47 -14.13
CA SER A 115 0.92 2.35 -14.74
C SER A 115 0.62 1.98 -16.20
N ARG A 116 1.50 1.18 -16.81
CA ARG A 116 1.30 0.73 -18.19
C ARG A 116 0.19 -0.32 -18.25
N GLU A 117 0.31 -1.33 -17.39
CA GLU A 117 -0.69 -2.40 -17.32
C GLU A 117 -1.91 -1.90 -16.56
N GLY A 118 -1.63 -1.18 -15.52
CA GLY A 118 -2.65 -0.63 -14.69
C GLY A 118 -2.84 0.84 -14.97
N HIS A 119 -3.19 1.13 -16.21
CA HIS A 119 -3.37 2.50 -16.66
C HIS A 119 -4.51 3.15 -15.90
N HIS A 120 -4.22 4.28 -15.28
CA HIS A 120 -5.22 4.97 -14.47
C HIS A 120 -5.27 6.47 -14.79
N HIS A 121 -4.12 7.07 -15.05
CA HIS A 121 -4.04 8.49 -15.33
C HIS A 121 -2.96 8.77 -16.36
N HIS A 122 -3.07 9.91 -17.02
CA HIS A 122 -2.06 10.34 -17.95
C HIS A 122 -0.96 11.02 -17.16
N HIS A 123 0.29 10.84 -17.60
CA HIS A 123 1.46 11.43 -16.93
C HIS A 123 1.80 10.72 -15.61
N HIS A 124 0.78 10.31 -14.88
CA HIS A 124 0.98 9.61 -13.61
C HIS A 124 0.87 8.12 -13.83
N MET A 1 23.87 -6.34 -4.10
CA MET A 1 23.58 -6.06 -5.52
C MET A 1 22.62 -4.90 -5.69
N SER A 2 21.54 -4.89 -4.91
CA SER A 2 20.56 -3.82 -5.02
C SER A 2 21.08 -2.55 -4.36
N LEU A 3 20.76 -1.41 -4.97
CA LEU A 3 21.19 -0.14 -4.44
C LEU A 3 20.18 0.39 -3.44
N GLY A 4 20.31 -0.03 -2.20
CA GLY A 4 19.42 0.42 -1.17
C GLY A 4 19.72 1.84 -0.78
N SER A 5 18.79 2.73 -1.03
CA SER A 5 18.97 4.12 -0.70
C SER A 5 17.71 4.68 -0.03
N GLU A 6 17.93 5.53 0.95
CA GLU A 6 16.84 6.14 1.69
C GLU A 6 16.50 7.48 1.09
N SER A 7 17.29 7.89 0.12
CA SER A 7 17.17 9.17 -0.53
C SER A 7 15.91 9.26 -1.36
N GLU A 8 15.58 8.18 -2.00
CA GLU A 8 14.41 8.12 -2.84
C GLU A 8 13.27 7.39 -2.16
N THR A 9 12.87 7.94 -1.02
CA THR A 9 11.78 7.39 -0.20
C THR A 9 11.91 5.89 0.06
N GLY A 10 12.82 5.52 0.96
CA GLY A 10 13.01 4.13 1.33
C GLY A 10 12.09 3.73 2.46
N ASN A 11 11.16 4.62 2.77
CA ASN A 11 10.18 4.40 3.82
C ASN A 11 8.81 4.10 3.22
N ALA A 12 8.79 3.82 1.93
CA ALA A 12 7.58 3.49 1.22
C ALA A 12 7.76 2.18 0.47
N VAL A 13 6.72 1.37 0.43
CA VAL A 13 6.79 0.08 -0.23
C VAL A 13 5.74 -0.05 -1.31
N VAL A 14 5.99 -0.93 -2.25
CA VAL A 14 5.04 -1.22 -3.31
C VAL A 14 4.49 -2.62 -3.12
N VAL A 15 3.21 -2.72 -2.84
CA VAL A 15 2.61 -4.02 -2.61
C VAL A 15 1.58 -4.31 -3.69
N PHE A 16 1.68 -5.48 -4.27
CA PHE A 16 0.79 -5.89 -5.34
C PHE A 16 0.48 -7.38 -5.26
N GLY A 17 -0.64 -7.78 -5.82
CA GLY A 17 -0.99 -9.19 -5.80
C GLY A 17 -2.43 -9.41 -5.37
N TYR A 18 -2.99 -8.44 -4.67
CA TYR A 18 -4.36 -8.54 -4.20
C TYR A 18 -5.29 -7.77 -5.11
N ARG A 19 -6.52 -8.23 -5.19
CA ARG A 19 -7.51 -7.67 -6.09
C ARG A 19 -8.06 -6.31 -5.63
N GLU A 20 -9.04 -6.34 -4.74
CA GLU A 20 -9.73 -5.13 -4.30
C GLU A 20 -10.80 -5.48 -3.28
N ALA A 21 -11.66 -6.43 -3.67
CA ALA A 21 -12.79 -6.86 -2.85
C ALA A 21 -12.35 -7.62 -1.60
N ILE A 22 -11.06 -7.77 -1.40
CA ILE A 22 -10.52 -8.44 -0.22
C ILE A 22 -10.33 -7.45 0.94
N THR A 23 -10.98 -6.30 0.83
CA THR A 23 -10.87 -5.20 1.79
C THR A 23 -10.93 -5.66 3.23
N LYS A 24 -12.11 -6.07 3.70
CA LYS A 24 -12.32 -6.38 5.11
C LYS A 24 -11.37 -7.48 5.60
N GLN A 25 -11.12 -8.45 4.75
CA GLN A 25 -10.29 -9.57 5.10
C GLN A 25 -8.84 -9.13 5.44
N ILE A 26 -8.12 -8.60 4.45
CA ILE A 26 -6.73 -8.20 4.65
C ILE A 26 -6.61 -6.95 5.55
N LEU A 27 -7.65 -6.13 5.55
CA LEU A 27 -7.68 -4.88 6.30
C LEU A 27 -7.55 -5.13 7.79
N ALA A 28 -8.19 -6.19 8.27
CA ALA A 28 -8.17 -6.51 9.70
C ALA A 28 -6.75 -6.56 10.27
N TYR A 29 -5.81 -7.02 9.46
CA TYR A 29 -4.43 -7.10 9.89
C TYR A 29 -3.63 -5.85 9.50
N PHE A 30 -3.81 -5.39 8.27
CA PHE A 30 -2.98 -4.30 7.74
C PHE A 30 -3.48 -2.89 8.09
N ALA A 31 -4.70 -2.76 8.61
CA ALA A 31 -5.23 -1.45 8.99
C ALA A 31 -4.49 -0.91 10.18
N GLN A 32 -3.84 -1.80 10.92
CA GLN A 32 -3.05 -1.41 12.06
C GLN A 32 -1.82 -0.63 11.58
N PHE A 33 -1.42 -0.92 10.36
CA PHE A 33 -0.28 -0.29 9.73
C PHE A 33 -0.71 1.00 9.01
N GLY A 34 -1.73 0.89 8.17
CA GLY A 34 -2.20 2.04 7.43
C GLY A 34 -3.32 1.72 6.46
N GLU A 35 -3.63 2.66 5.58
CA GLU A 35 -4.68 2.47 4.58
C GLU A 35 -4.15 1.70 3.39
N ILE A 36 -4.70 0.54 3.18
CA ILE A 36 -4.26 -0.33 2.12
C ILE A 36 -5.06 -0.11 0.83
N LEU A 37 -6.37 -0.19 0.96
CA LEU A 37 -7.25 -0.03 -0.17
C LEU A 37 -8.50 0.74 0.22
N GLU A 38 -9.44 0.83 -0.69
CA GLU A 38 -10.65 1.60 -0.46
C GLU A 38 -11.76 0.76 0.17
N ASP A 39 -13.01 0.96 -0.30
CA ASP A 39 -14.20 0.29 0.25
C ASP A 39 -14.54 0.84 1.63
N LEU A 40 -13.75 0.44 2.62
CA LEU A 40 -13.87 0.88 4.02
C LEU A 40 -15.29 1.04 4.51
N GLU A 41 -15.87 -0.01 5.02
CA GLU A 41 -17.18 0.11 5.60
C GLU A 41 -17.13 -0.15 7.11
N SER A 42 -16.98 -1.41 7.47
CA SER A 42 -16.90 -1.80 8.86
C SER A 42 -15.54 -1.47 9.47
N GLU A 43 -14.48 -1.90 8.77
CA GLU A 43 -13.07 -1.68 9.17
C GLU A 43 -12.80 -1.89 10.68
N LEU A 44 -12.62 -3.16 11.06
CA LEU A 44 -12.30 -3.56 12.42
C LEU A 44 -13.35 -3.08 13.42
N GLY A 45 -13.06 -3.27 14.69
CA GLY A 45 -13.97 -2.84 15.72
C GLY A 45 -13.23 -2.23 16.90
N ASP A 46 -13.58 -0.99 17.23
CA ASP A 46 -13.00 -0.24 18.37
C ASP A 46 -11.53 0.18 18.13
N THR A 47 -10.80 -0.63 17.39
CA THR A 47 -9.42 -0.34 17.07
C THR A 47 -9.36 0.63 15.89
N GLU A 48 -9.87 1.81 16.13
CA GLU A 48 -9.89 2.85 15.12
C GLU A 48 -8.76 3.84 15.37
N THR A 49 -8.37 3.97 16.63
CA THR A 49 -7.28 4.85 17.00
C THR A 49 -5.95 4.23 16.62
N MET A 50 -5.04 5.04 16.11
CA MET A 50 -3.72 4.58 15.70
C MET A 50 -3.80 3.58 14.55
N ARG A 51 -4.07 4.10 13.35
CA ARG A 51 -4.16 3.27 12.14
C ARG A 51 -3.26 3.81 11.05
N THR A 52 -2.52 4.84 11.38
CA THR A 52 -1.61 5.50 10.44
C THR A 52 -0.51 6.21 11.22
N PRO A 53 0.75 5.78 11.05
CA PRO A 53 1.89 6.38 11.73
C PRO A 53 2.42 7.62 11.01
N GLY A 54 1.60 8.15 10.13
CA GLY A 54 1.96 9.33 9.38
C GLY A 54 0.75 10.14 8.98
N TYR A 55 0.45 10.14 7.70
CA TYR A 55 -0.67 10.86 7.17
C TYR A 55 -1.95 10.08 7.40
N PHE A 56 -2.92 10.76 7.97
CA PHE A 56 -4.21 10.17 8.28
C PHE A 56 -5.07 10.05 7.01
N PHE A 57 -5.84 8.99 6.93
CA PHE A 57 -6.69 8.71 5.77
C PHE A 57 -7.98 9.55 5.75
N GLN A 58 -8.54 9.82 6.95
CA GLN A 58 -9.77 10.59 7.12
C GLN A 58 -11.02 9.82 6.61
N GLN A 59 -11.99 9.61 7.48
CA GLN A 59 -13.22 8.94 7.09
C GLN A 59 -14.18 9.91 6.42
N ALA A 60 -14.00 10.09 5.12
CA ALA A 60 -14.82 11.00 4.35
C ALA A 60 -15.69 10.23 3.37
N PRO A 61 -17.02 10.28 3.56
CA PRO A 61 -17.97 9.61 2.66
C PRO A 61 -17.89 10.20 1.25
N ASN A 62 -17.91 9.32 0.26
CA ASN A 62 -17.81 9.71 -1.15
C ASN A 62 -16.58 10.58 -1.42
N ARG A 63 -15.45 9.93 -1.65
CA ARG A 63 -14.22 10.64 -1.95
C ARG A 63 -13.71 10.23 -3.32
N ARG A 64 -12.64 10.87 -3.76
CA ARG A 64 -12.02 10.56 -5.05
C ARG A 64 -11.54 9.12 -5.08
N ARG A 65 -10.72 8.79 -4.11
CA ARG A 65 -10.10 7.49 -3.91
C ARG A 65 -9.25 7.52 -2.64
N ILE A 66 -8.52 6.42 -2.42
CA ILE A 66 -7.57 6.31 -1.31
C ILE A 66 -6.60 7.50 -1.31
N SER A 67 -6.12 7.89 -0.14
CA SER A 67 -5.24 9.05 -0.01
C SER A 67 -3.80 8.72 -0.45
N ARG A 68 -3.67 7.68 -1.24
CA ARG A 68 -2.39 7.24 -1.74
C ARG A 68 -2.58 6.73 -3.16
N GLU A 69 -1.52 6.69 -3.95
CA GLU A 69 -1.63 6.22 -5.31
C GLU A 69 -1.82 4.71 -5.39
N HIS A 70 -3.02 4.31 -5.79
CA HIS A 70 -3.41 2.94 -5.94
C HIS A 70 -4.01 2.74 -7.32
N GLY A 71 -3.51 1.76 -8.02
CA GLY A 71 -4.03 1.46 -9.32
C GLY A 71 -5.06 0.37 -9.25
N ARG A 72 -4.80 -0.71 -9.94
CA ARG A 72 -5.70 -1.84 -9.93
C ARG A 72 -5.31 -2.81 -8.83
N THR A 73 -4.27 -3.56 -9.08
CA THR A 73 -3.82 -4.54 -8.13
C THR A 73 -2.53 -4.12 -7.43
N TRP A 74 -2.05 -2.92 -7.74
CA TRP A 74 -0.83 -2.42 -7.12
C TRP A 74 -1.14 -1.21 -6.23
N THR A 75 -0.55 -1.20 -5.06
CA THR A 75 -0.76 -0.12 -4.11
C THR A 75 0.56 0.34 -3.51
N LYS A 76 0.81 1.64 -3.53
CA LYS A 76 1.96 2.21 -2.85
C LYS A 76 1.60 2.44 -1.40
N LEU A 77 2.38 1.92 -0.50
CA LEU A 77 2.10 2.10 0.91
C LEU A 77 3.15 2.97 1.57
N THR A 78 2.71 4.12 2.03
CA THR A 78 3.58 5.05 2.70
C THR A 78 3.23 5.11 4.19
N TYR A 79 4.15 4.67 5.04
CA TYR A 79 3.92 4.67 6.48
C TYR A 79 4.77 5.73 7.15
N ALA A 80 5.58 6.44 6.35
CA ALA A 80 6.47 7.53 6.84
C ALA A 80 7.63 6.98 7.68
N ASN A 81 7.36 6.02 8.53
CA ASN A 81 8.35 5.43 9.39
C ASN A 81 9.07 4.30 8.69
N HIS A 82 10.35 4.21 8.90
CA HIS A 82 11.17 3.18 8.29
C HIS A 82 11.11 1.90 9.11
N SER A 83 10.72 2.03 10.37
CA SER A 83 10.58 0.89 11.25
C SER A 83 9.52 -0.09 10.73
N SER A 84 8.44 0.46 10.21
CA SER A 84 7.35 -0.35 9.67
C SER A 84 7.67 -0.85 8.25
N TYR A 85 8.73 -0.29 7.65
CA TYR A 85 9.15 -0.66 6.30
C TYR A 85 9.52 -2.13 6.24
N LEU A 86 10.30 -2.59 7.22
CA LEU A 86 10.76 -3.98 7.24
C LEU A 86 9.59 -4.95 7.38
N ARG A 87 8.65 -4.61 8.24
CA ARG A 87 7.47 -5.45 8.49
C ARG A 87 6.54 -5.50 7.28
N ALA A 88 6.35 -4.36 6.62
CA ALA A 88 5.46 -4.27 5.47
C ALA A 88 6.12 -4.84 4.22
N LEU A 89 7.42 -5.05 4.28
CA LEU A 89 8.21 -5.56 3.17
C LEU A 89 8.12 -7.10 3.08
N ARG A 90 7.49 -7.71 4.07
CA ARG A 90 7.43 -9.16 4.16
C ARG A 90 6.76 -9.79 2.92
N GLU A 91 7.47 -10.72 2.30
CA GLU A 91 6.93 -11.50 1.21
C GLU A 91 7.39 -12.94 1.36
N HIS A 92 8.04 -13.22 2.49
CA HIS A 92 8.59 -14.54 2.76
C HIS A 92 7.49 -15.51 3.15
N GLY A 93 7.00 -16.25 2.17
CA GLY A 93 5.97 -17.25 2.42
C GLY A 93 4.65 -16.62 2.79
N THR A 94 4.41 -15.40 2.34
CA THR A 94 3.20 -14.69 2.65
C THR A 94 2.14 -14.91 1.57
N ILE A 95 1.21 -15.82 1.84
CA ILE A 95 0.13 -16.12 0.93
C ILE A 95 -1.21 -15.76 1.57
N TYR A 96 -1.98 -14.96 0.87
CA TYR A 96 -3.25 -14.51 1.38
C TYR A 96 -4.30 -14.54 0.27
N CYS A 97 -5.48 -15.06 0.57
CA CYS A 97 -6.60 -15.13 -0.37
C CYS A 97 -6.30 -16.13 -1.51
N GLY A 98 -5.27 -16.94 -1.32
CA GLY A 98 -4.92 -17.93 -2.32
C GLY A 98 -3.74 -17.51 -3.18
N ALA A 99 -3.21 -16.32 -2.94
CA ALA A 99 -2.08 -15.84 -3.72
C ALA A 99 -1.07 -15.16 -2.82
N ALA A 100 0.16 -15.11 -3.27
CA ALA A 100 1.21 -14.47 -2.51
C ALA A 100 1.30 -13.00 -2.86
N ILE A 101 1.30 -12.16 -1.86
CA ILE A 101 1.40 -10.73 -2.07
C ILE A 101 2.86 -10.32 -2.21
N GLY A 102 3.15 -9.52 -3.23
CA GLY A 102 4.50 -9.10 -3.47
C GLY A 102 4.76 -7.71 -2.99
N CYS A 103 5.86 -7.54 -2.27
CA CYS A 103 6.23 -6.25 -1.76
C CYS A 103 7.69 -5.97 -2.06
N VAL A 104 7.93 -4.86 -2.73
CA VAL A 104 9.27 -4.46 -3.08
C VAL A 104 9.50 -2.98 -2.73
N PRO A 105 10.77 -2.55 -2.63
CA PRO A 105 11.10 -1.16 -2.31
C PRO A 105 10.66 -0.21 -3.41
N TYR A 106 10.42 1.04 -3.04
CA TYR A 106 9.98 2.05 -3.99
C TYR A 106 11.00 2.23 -5.12
N LYS A 107 10.65 1.73 -6.29
CA LYS A 107 11.51 1.82 -7.45
C LYS A 107 10.84 2.68 -8.52
N HIS A 108 11.57 3.69 -8.99
CA HIS A 108 11.04 4.63 -9.99
C HIS A 108 10.58 3.92 -11.26
N GLU A 109 11.35 2.94 -11.72
CA GLU A 109 11.01 2.20 -12.92
C GLU A 109 9.70 1.45 -12.74
N LEU A 110 9.55 0.81 -11.60
CA LEU A 110 8.36 0.03 -11.31
C LEU A 110 7.15 0.93 -11.27
N ILE A 111 7.28 2.09 -10.65
CA ILE A 111 6.19 3.04 -10.54
C ILE A 111 5.79 3.53 -11.94
N SER A 112 6.79 3.81 -12.77
CA SER A 112 6.54 4.25 -14.13
C SER A 112 5.76 3.18 -14.91
N GLU A 113 6.19 1.93 -14.76
CA GLU A 113 5.52 0.81 -15.43
C GLU A 113 4.09 0.64 -14.90
N LEU A 114 3.94 0.77 -13.60
CA LEU A 114 2.63 0.67 -12.97
C LEU A 114 1.71 1.80 -13.44
N SER A 115 2.29 2.98 -13.59
CA SER A 115 1.56 4.17 -14.01
C SER A 115 1.30 4.19 -15.53
N ARG A 116 1.81 3.20 -16.25
CA ARG A 116 1.63 3.13 -17.71
C ARG A 116 0.16 3.11 -18.08
N GLU A 117 -0.62 2.32 -17.37
CA GLU A 117 -2.03 2.23 -17.64
C GLU A 117 -2.82 3.07 -16.65
N GLY A 118 -2.10 3.97 -15.98
CA GLY A 118 -2.73 4.85 -15.01
C GLY A 118 -3.39 6.05 -15.67
N HIS A 119 -3.09 6.25 -16.95
CA HIS A 119 -3.68 7.34 -17.71
C HIS A 119 -3.74 6.97 -19.18
N HIS A 120 -4.68 7.55 -19.92
CA HIS A 120 -4.85 7.25 -21.33
C HIS A 120 -5.19 8.51 -22.11
N HIS A 121 -5.10 8.42 -23.45
CA HIS A 121 -5.37 9.53 -24.37
C HIS A 121 -4.27 10.59 -24.33
N HIS A 122 -3.89 10.98 -23.13
CA HIS A 122 -2.85 11.99 -22.94
C HIS A 122 -1.53 11.51 -23.52
N HIS A 123 -0.96 12.33 -24.38
CA HIS A 123 0.30 11.99 -25.03
C HIS A 123 1.29 13.12 -24.77
N HIS A 124 2.40 13.12 -25.49
CA HIS A 124 3.42 14.15 -25.32
C HIS A 124 3.09 15.35 -26.18
N MET A 1 27.69 10.72 -9.60
CA MET A 1 29.16 10.61 -9.59
C MET A 1 29.67 10.26 -8.21
N SER A 2 30.22 9.06 -8.07
CA SER A 2 30.78 8.59 -6.80
C SER A 2 29.72 8.60 -5.69
N LEU A 3 28.58 7.94 -5.97
CA LEU A 3 27.45 7.86 -5.04
C LEU A 3 26.85 9.24 -4.76
N GLY A 4 25.88 9.29 -3.86
CA GLY A 4 25.25 10.56 -3.53
C GLY A 4 24.13 10.90 -4.49
N SER A 5 23.28 9.91 -4.75
CA SER A 5 22.13 10.09 -5.63
C SER A 5 21.15 11.11 -5.05
N GLU A 6 21.01 11.10 -3.72
CA GLU A 6 20.14 11.99 -2.99
C GLU A 6 18.67 11.80 -3.41
N SER A 7 18.31 10.56 -3.75
CA SER A 7 16.96 10.23 -4.17
C SER A 7 16.01 10.32 -3.00
N GLU A 8 16.27 9.50 -2.01
CA GLU A 8 15.50 9.43 -0.76
C GLU A 8 13.99 9.29 -1.00
N THR A 9 13.53 8.07 -1.17
CA THR A 9 12.11 7.83 -1.38
C THR A 9 11.37 7.83 -0.04
N GLY A 10 12.12 7.66 1.04
CA GLY A 10 11.53 7.67 2.35
C GLY A 10 10.99 6.31 2.77
N ASN A 11 9.93 6.33 3.57
CA ASN A 11 9.31 5.11 4.07
C ASN A 11 8.12 4.69 3.21
N ALA A 12 8.11 5.16 1.97
CA ALA A 12 7.06 4.82 1.04
C ALA A 12 7.41 3.54 0.29
N VAL A 13 6.48 2.60 0.28
CA VAL A 13 6.68 1.32 -0.39
C VAL A 13 5.51 1.00 -1.30
N VAL A 14 5.70 0.04 -2.18
CA VAL A 14 4.66 -0.37 -3.10
C VAL A 14 4.27 -1.81 -2.82
N VAL A 15 2.98 -2.05 -2.61
CA VAL A 15 2.49 -3.40 -2.37
C VAL A 15 1.61 -3.81 -3.53
N PHE A 16 1.83 -4.98 -4.06
CA PHE A 16 1.07 -5.43 -5.21
C PHE A 16 0.77 -6.92 -5.14
N GLY A 17 -0.16 -7.36 -5.97
CA GLY A 17 -0.51 -8.76 -6.00
C GLY A 17 -1.93 -9.02 -5.56
N TYR A 18 -2.60 -7.99 -5.07
CA TYR A 18 -3.96 -8.14 -4.60
C TYR A 18 -4.90 -7.20 -5.35
N ARG A 19 -6.19 -7.31 -5.07
CA ARG A 19 -7.21 -6.49 -5.71
C ARG A 19 -8.21 -5.99 -4.69
N GLU A 20 -9.00 -4.99 -5.07
CA GLU A 20 -10.04 -4.43 -4.20
C GLU A 20 -11.16 -5.46 -4.02
N ALA A 21 -10.96 -6.35 -3.06
CA ALA A 21 -11.90 -7.43 -2.76
C ALA A 21 -11.46 -8.11 -1.48
N ILE A 22 -10.14 -8.21 -1.33
CA ILE A 22 -9.52 -8.81 -0.15
C ILE A 22 -9.33 -7.75 0.92
N THR A 23 -9.97 -6.62 0.68
CA THR A 23 -9.86 -5.43 1.46
C THR A 23 -9.91 -5.66 2.96
N LYS A 24 -11.09 -5.98 3.48
CA LYS A 24 -11.29 -6.13 4.89
C LYS A 24 -10.43 -7.26 5.47
N GLN A 25 -10.25 -8.30 4.69
CA GLN A 25 -9.49 -9.47 5.11
C GLN A 25 -8.03 -9.09 5.43
N ILE A 26 -7.33 -8.53 4.45
CA ILE A 26 -5.94 -8.13 4.64
C ILE A 26 -5.85 -6.92 5.58
N LEU A 27 -6.93 -6.14 5.61
CA LEU A 27 -7.01 -4.94 6.41
C LEU A 27 -6.84 -5.28 7.87
N ALA A 28 -7.46 -6.36 8.31
CA ALA A 28 -7.38 -6.77 9.70
C ALA A 28 -5.93 -6.97 10.16
N TYR A 29 -5.03 -7.26 9.22
CA TYR A 29 -3.63 -7.47 9.56
C TYR A 29 -2.79 -6.17 9.47
N PHE A 30 -2.91 -5.43 8.36
CA PHE A 30 -2.07 -4.24 8.13
C PHE A 30 -2.68 -2.94 8.68
N ALA A 31 -3.93 -2.99 9.11
CA ALA A 31 -4.61 -1.80 9.62
C ALA A 31 -4.01 -1.33 10.94
N GLN A 32 -3.04 -2.08 11.46
CA GLN A 32 -2.33 -1.69 12.67
C GLN A 32 -1.72 -0.31 12.48
N PHE A 33 -1.20 -0.08 11.28
CA PHE A 33 -0.62 1.21 10.94
C PHE A 33 -1.56 1.96 9.99
N GLY A 34 -2.58 1.25 9.50
CA GLY A 34 -3.59 1.86 8.65
C GLY A 34 -3.22 1.96 7.18
N GLU A 35 -4.24 2.26 6.35
CA GLU A 35 -4.10 2.45 4.90
C GLU A 35 -3.70 1.16 4.17
N ILE A 36 -4.62 0.63 3.34
CA ILE A 36 -4.34 -0.60 2.59
C ILE A 36 -5.01 -0.56 1.21
N LEU A 37 -6.29 -0.21 1.19
CA LEU A 37 -7.09 -0.16 -0.01
C LEU A 37 -8.06 1.00 0.11
N GLU A 38 -9.02 1.09 -0.81
CA GLU A 38 -9.96 2.19 -0.78
C GLU A 38 -11.09 1.97 0.21
N ASP A 39 -11.72 0.80 0.19
CA ASP A 39 -12.87 0.58 1.05
C ASP A 39 -12.44 0.43 2.52
N LEU A 40 -12.87 1.38 3.33
CA LEU A 40 -12.43 1.51 4.69
C LEU A 40 -13.58 2.04 5.54
N GLU A 41 -14.18 1.16 6.32
CA GLU A 41 -15.30 1.51 7.19
C GLU A 41 -15.75 0.32 8.05
N SER A 42 -15.74 0.53 9.37
CA SER A 42 -16.18 -0.47 10.34
C SER A 42 -15.43 -1.81 10.25
N GLU A 43 -14.26 -1.88 10.89
CA GLU A 43 -13.48 -3.10 10.92
C GLU A 43 -12.96 -3.38 12.32
N LEU A 44 -12.07 -2.52 12.79
CA LEU A 44 -11.47 -2.68 14.10
C LEU A 44 -11.93 -1.60 15.05
N GLY A 45 -12.29 -1.99 16.26
CA GLY A 45 -12.65 -1.04 17.28
C GLY A 45 -11.43 -0.57 18.03
N ASP A 46 -10.36 -1.34 17.89
CA ASP A 46 -9.08 -1.05 18.51
C ASP A 46 -8.08 -0.65 17.43
N THR A 47 -7.06 0.12 17.82
CA THR A 47 -5.99 0.61 16.91
C THR A 47 -6.55 1.46 15.75
N GLU A 48 -7.78 1.91 15.90
CA GLU A 48 -8.46 2.71 14.90
C GLU A 48 -7.77 4.09 14.79
N THR A 49 -7.28 4.58 15.93
CA THR A 49 -6.60 5.86 15.95
C THR A 49 -5.14 5.73 15.50
N MET A 50 -4.72 4.50 15.21
CA MET A 50 -3.37 4.24 14.74
C MET A 50 -3.34 4.19 13.22
N ARG A 51 -4.51 4.32 12.62
CA ARG A 51 -4.63 4.29 11.18
C ARG A 51 -4.03 5.53 10.55
N THR A 52 -2.85 5.35 9.97
CA THR A 52 -2.09 6.43 9.35
C THR A 52 -1.75 7.53 10.37
N PRO A 53 -0.71 7.30 11.16
CA PRO A 53 -0.26 8.23 12.19
C PRO A 53 0.22 9.56 11.58
N GLY A 54 -0.58 10.60 11.74
CA GLY A 54 -0.25 11.89 11.21
C GLY A 54 -1.40 12.50 10.44
N TYR A 55 -1.81 11.83 9.39
CA TYR A 55 -2.91 12.31 8.57
C TYR A 55 -3.97 11.22 8.41
N PHE A 56 -5.03 11.34 9.18
CA PHE A 56 -6.11 10.38 9.18
C PHE A 56 -6.94 10.47 7.90
N PHE A 57 -7.53 9.36 7.51
CA PHE A 57 -8.38 9.30 6.32
C PHE A 57 -9.70 10.02 6.59
N GLN A 58 -10.25 10.66 5.58
CA GLN A 58 -11.49 11.39 5.74
C GLN A 58 -12.61 10.73 4.96
N GLN A 59 -13.63 10.28 5.67
CA GLN A 59 -14.78 9.63 5.06
C GLN A 59 -15.76 10.67 4.53
N ALA A 60 -15.50 11.16 3.33
CA ALA A 60 -16.34 12.16 2.71
C ALA A 60 -16.33 11.99 1.20
N PRO A 61 -17.45 12.29 0.53
CA PRO A 61 -17.57 12.17 -0.94
C PRO A 61 -16.65 13.14 -1.68
N ASN A 62 -16.23 14.18 -0.98
CA ASN A 62 -15.36 15.20 -1.57
C ASN A 62 -13.90 14.87 -1.31
N ARG A 63 -13.67 13.73 -0.70
CA ARG A 63 -12.32 13.31 -0.36
C ARG A 63 -12.02 11.90 -0.85
N ARG A 64 -10.78 11.54 -0.68
CA ARG A 64 -10.26 10.26 -1.08
C ARG A 64 -10.20 9.32 0.11
N ARG A 65 -10.54 8.07 -0.13
CA ARG A 65 -10.56 7.06 0.91
C ARG A 65 -9.14 6.77 1.46
N ILE A 66 -8.17 6.77 0.55
CA ILE A 66 -6.78 6.53 0.93
C ILE A 66 -5.92 7.77 0.66
N SER A 67 -5.11 8.13 1.64
CA SER A 67 -4.26 9.32 1.57
C SER A 67 -3.20 9.18 0.47
N ARG A 68 -2.59 8.02 0.41
CA ARG A 68 -1.55 7.76 -0.57
C ARG A 68 -2.17 7.37 -1.93
N GLU A 69 -1.43 7.60 -3.01
CA GLU A 69 -1.90 7.26 -4.33
C GLU A 69 -1.83 5.74 -4.56
N HIS A 70 -2.79 5.22 -5.29
CA HIS A 70 -2.85 3.81 -5.57
C HIS A 70 -3.13 3.57 -7.05
N GLY A 71 -2.84 2.37 -7.52
CA GLY A 71 -3.06 2.06 -8.91
C GLY A 71 -4.20 1.09 -9.11
N ARG A 72 -3.88 -0.06 -9.67
CA ARG A 72 -4.89 -1.08 -9.94
C ARG A 72 -4.69 -2.27 -9.05
N THR A 73 -3.68 -3.04 -9.34
CA THR A 73 -3.38 -4.20 -8.57
C THR A 73 -2.20 -3.92 -7.64
N TRP A 74 -1.88 -2.63 -7.52
CA TRP A 74 -0.78 -2.17 -6.71
C TRP A 74 -1.18 -0.94 -5.91
N THR A 75 -0.72 -0.89 -4.69
CA THR A 75 -1.02 0.21 -3.80
C THR A 75 0.28 0.75 -3.16
N LYS A 76 0.47 2.04 -3.25
CA LYS A 76 1.61 2.68 -2.61
C LYS A 76 1.23 3.00 -1.17
N LEU A 77 2.07 2.65 -0.22
CA LEU A 77 1.76 2.90 1.18
C LEU A 77 2.89 3.66 1.88
N THR A 78 2.53 4.65 2.67
CA THR A 78 3.50 5.40 3.44
C THR A 78 3.30 5.14 4.93
N TYR A 79 4.13 4.27 5.48
CA TYR A 79 4.05 3.92 6.89
C TYR A 79 4.69 4.99 7.77
N ALA A 80 5.62 5.75 7.17
CA ALA A 80 6.32 6.87 7.86
C ALA A 80 7.34 6.38 8.90
N ASN A 81 7.03 5.28 9.57
CA ASN A 81 7.90 4.72 10.58
C ASN A 81 8.69 3.56 10.03
N HIS A 82 9.94 3.46 10.43
CA HIS A 82 10.83 2.41 9.95
C HIS A 82 10.37 1.03 10.41
N SER A 83 9.83 0.98 11.63
CA SER A 83 9.36 -0.28 12.19
C SER A 83 8.28 -0.89 11.28
N SER A 84 7.35 -0.06 10.85
CA SER A 84 6.29 -0.48 9.96
C SER A 84 6.81 -0.66 8.53
N TYR A 85 7.80 0.14 8.16
CA TYR A 85 8.40 0.10 6.82
C TYR A 85 9.00 -1.27 6.51
N LEU A 86 9.79 -1.77 7.44
CA LEU A 86 10.46 -3.02 7.24
C LEU A 86 9.48 -4.21 7.28
N ARG A 87 8.37 -4.03 7.98
CA ARG A 87 7.37 -5.08 8.09
C ARG A 87 6.53 -5.21 6.83
N ALA A 88 6.61 -4.21 5.96
CA ALA A 88 5.84 -4.22 4.72
C ALA A 88 6.45 -5.17 3.70
N LEU A 89 7.67 -5.61 3.97
CA LEU A 89 8.44 -6.47 3.07
C LEU A 89 7.89 -7.89 3.00
N ARG A 90 6.87 -8.20 3.82
CA ARG A 90 6.28 -9.55 3.92
C ARG A 90 5.97 -10.20 2.56
N GLU A 91 6.94 -10.92 2.03
CA GLU A 91 6.79 -11.69 0.81
C GLU A 91 7.86 -12.76 0.76
N HIS A 92 7.53 -13.88 1.34
CA HIS A 92 8.40 -15.03 1.38
C HIS A 92 7.55 -16.23 1.07
N GLY A 93 6.53 -16.00 0.26
CA GLY A 93 5.56 -17.01 -0.04
C GLY A 93 4.29 -16.72 0.70
N THR A 94 3.96 -15.43 0.78
CA THR A 94 2.82 -14.98 1.53
C THR A 94 1.54 -15.08 0.74
N ILE A 95 0.98 -16.26 0.70
CA ILE A 95 -0.26 -16.49 0.00
C ILE A 95 -1.43 -16.17 0.92
N TYR A 96 -2.19 -15.18 0.53
CA TYR A 96 -3.32 -14.76 1.31
C TYR A 96 -4.53 -14.69 0.41
N CYS A 97 -5.61 -15.36 0.83
CA CYS A 97 -6.85 -15.40 0.06
C CYS A 97 -6.65 -16.13 -1.28
N GLY A 98 -5.52 -16.83 -1.42
CA GLY A 98 -5.25 -17.58 -2.62
C GLY A 98 -4.05 -17.07 -3.41
N ALA A 99 -3.61 -15.85 -3.14
CA ALA A 99 -2.48 -15.28 -3.88
C ALA A 99 -1.48 -14.60 -2.96
N ALA A 100 -0.24 -14.56 -3.42
CA ALA A 100 0.83 -13.96 -2.66
C ALA A 100 0.86 -12.46 -2.83
N ILE A 101 1.15 -11.76 -1.75
CA ILE A 101 1.26 -10.32 -1.77
C ILE A 101 2.73 -9.92 -1.76
N GLY A 102 3.13 -9.12 -2.72
CA GLY A 102 4.51 -8.73 -2.81
C GLY A 102 4.70 -7.26 -2.61
N CYS A 103 5.64 -6.90 -1.78
CA CYS A 103 5.95 -5.52 -1.52
C CYS A 103 7.43 -5.27 -1.63
N VAL A 104 7.77 -4.19 -2.31
CA VAL A 104 9.15 -3.79 -2.50
C VAL A 104 9.25 -2.27 -2.32
N PRO A 105 10.48 -1.72 -2.18
CA PRO A 105 10.69 -0.29 -2.06
C PRO A 105 10.21 0.43 -3.33
N TYR A 106 9.77 1.68 -3.17
CA TYR A 106 9.25 2.47 -4.28
C TYR A 106 10.26 2.53 -5.44
N LYS A 107 9.91 1.86 -6.53
CA LYS A 107 10.74 1.83 -7.72
C LYS A 107 10.06 2.60 -8.83
N HIS A 108 10.79 3.55 -9.40
CA HIS A 108 10.27 4.37 -10.49
C HIS A 108 10.01 3.51 -11.71
N GLU A 109 10.93 2.57 -11.98
CA GLU A 109 10.78 1.68 -13.12
C GLU A 109 9.56 0.79 -12.93
N LEU A 110 9.35 0.36 -11.70
CA LEU A 110 8.21 -0.48 -11.36
C LEU A 110 6.92 0.29 -11.62
N ILE A 111 6.93 1.57 -11.26
CA ILE A 111 5.78 2.43 -11.47
C ILE A 111 5.48 2.55 -12.96
N SER A 112 6.53 2.73 -13.78
CA SER A 112 6.37 2.84 -15.22
C SER A 112 5.71 1.58 -15.81
N GLU A 113 6.16 0.41 -15.36
CA GLU A 113 5.59 -0.87 -15.81
C GLU A 113 4.13 -0.97 -15.40
N LEU A 114 3.86 -0.62 -14.16
CA LEU A 114 2.52 -0.64 -13.63
C LEU A 114 1.62 0.38 -14.35
N SER A 115 2.20 1.55 -14.61
CA SER A 115 1.50 2.63 -15.30
C SER A 115 1.09 2.26 -16.72
N ARG A 116 1.99 1.60 -17.45
CA ARG A 116 1.70 1.25 -18.84
C ARG A 116 0.62 0.18 -18.95
N GLU A 117 0.27 -0.42 -17.82
CA GLU A 117 -0.82 -1.39 -17.79
C GLU A 117 -2.16 -0.70 -17.98
N GLY A 118 -2.13 0.61 -17.95
CA GLY A 118 -3.29 1.38 -18.25
C GLY A 118 -3.59 1.33 -19.74
N HIS A 119 -2.52 1.13 -20.52
CA HIS A 119 -2.59 1.03 -21.99
C HIS A 119 -3.21 2.27 -22.62
N HIS A 120 -3.04 3.39 -21.95
CA HIS A 120 -3.59 4.67 -22.43
C HIS A 120 -2.51 5.49 -23.13
N HIS A 121 -1.25 5.04 -22.99
CA HIS A 121 -0.07 5.70 -23.58
C HIS A 121 0.25 7.02 -22.83
N HIS A 122 1.53 7.26 -22.56
CA HIS A 122 1.95 8.44 -21.81
C HIS A 122 2.04 9.70 -22.67
N HIS A 123 2.97 9.71 -23.63
CA HIS A 123 3.23 10.86 -24.51
C HIS A 123 3.73 12.07 -23.71
N HIS A 124 2.80 12.81 -23.13
CA HIS A 124 3.13 14.00 -22.35
C HIS A 124 1.96 14.35 -21.46
N MET A 1 15.78 16.52 -17.76
CA MET A 1 16.34 15.92 -16.53
C MET A 1 16.79 17.00 -15.56
N SER A 2 16.98 16.61 -14.28
CA SER A 2 17.48 17.50 -13.23
C SER A 2 16.50 18.64 -12.92
N LEU A 3 15.26 18.49 -13.37
CA LEU A 3 14.24 19.50 -13.10
C LEU A 3 13.85 19.50 -11.64
N GLY A 4 13.78 18.32 -11.05
CA GLY A 4 13.40 18.20 -9.66
C GLY A 4 14.18 17.12 -8.93
N SER A 5 13.59 16.59 -7.88
CA SER A 5 14.22 15.56 -7.08
C SER A 5 13.97 14.18 -7.71
N GLU A 6 14.84 13.21 -7.39
CA GLU A 6 14.71 11.86 -7.92
C GLU A 6 13.43 11.21 -7.40
N SER A 7 13.03 11.62 -6.23
CA SER A 7 11.80 11.17 -5.58
C SER A 7 11.85 9.69 -5.17
N GLU A 8 13.04 9.17 -4.95
CA GLU A 8 13.18 7.84 -4.49
C GLU A 8 13.16 7.87 -2.98
N THR A 9 11.98 7.80 -2.45
CA THR A 9 11.77 7.85 -1.02
C THR A 9 12.45 6.68 -0.30
N GLY A 10 12.27 5.48 -0.82
CA GLY A 10 12.92 4.30 -0.24
C GLY A 10 12.23 3.82 1.04
N ASN A 11 11.66 4.75 1.79
CA ASN A 11 10.98 4.45 3.05
C ASN A 11 9.52 4.13 2.81
N ALA A 12 9.17 3.97 1.55
CA ALA A 12 7.82 3.63 1.16
C ALA A 12 7.86 2.43 0.22
N VAL A 13 6.91 1.55 0.37
CA VAL A 13 6.86 0.36 -0.45
C VAL A 13 5.60 0.31 -1.27
N VAL A 14 5.66 -0.41 -2.36
CA VAL A 14 4.50 -0.58 -3.20
C VAL A 14 3.97 -1.99 -3.02
N VAL A 15 2.74 -2.09 -2.58
CA VAL A 15 2.11 -3.37 -2.35
C VAL A 15 1.21 -3.71 -3.52
N PHE A 16 1.49 -4.84 -4.16
CA PHE A 16 0.72 -5.26 -5.31
C PHE A 16 0.52 -6.77 -5.31
N GLY A 17 -0.41 -7.23 -6.12
CA GLY A 17 -0.68 -8.66 -6.19
C GLY A 17 -2.13 -8.98 -5.90
N TYR A 18 -2.81 -8.05 -5.28
CA TYR A 18 -4.20 -8.23 -4.93
C TYR A 18 -5.11 -7.62 -5.99
N ARG A 19 -6.42 -7.87 -5.87
CA ARG A 19 -7.36 -7.34 -6.84
C ARG A 19 -7.88 -5.97 -6.43
N GLU A 20 -8.90 -5.95 -5.55
CA GLU A 20 -9.54 -4.70 -5.14
C GLU A 20 -10.63 -4.99 -4.11
N ALA A 21 -11.40 -6.04 -4.34
CA ALA A 21 -12.52 -6.38 -3.47
C ALA A 21 -12.12 -7.35 -2.36
N ILE A 22 -10.84 -7.37 -2.02
CA ILE A 22 -10.32 -8.25 -0.97
C ILE A 22 -9.93 -7.47 0.27
N THR A 23 -10.26 -6.18 0.29
CA THR A 23 -9.84 -5.28 1.35
C THR A 23 -10.31 -5.74 2.71
N LYS A 24 -11.57 -6.14 2.82
CA LYS A 24 -12.18 -6.54 4.07
C LYS A 24 -11.30 -7.57 4.82
N GLN A 25 -10.65 -8.45 4.07
CA GLN A 25 -9.80 -9.48 4.66
C GLN A 25 -8.42 -8.94 5.03
N ILE A 26 -7.67 -8.46 4.04
CA ILE A 26 -6.29 -8.03 4.23
C ILE A 26 -6.18 -6.79 5.14
N LEU A 27 -7.20 -5.95 5.12
CA LEU A 27 -7.19 -4.69 5.87
C LEU A 27 -7.06 -4.94 7.36
N ALA A 28 -7.78 -5.92 7.88
CA ALA A 28 -7.77 -6.21 9.32
C ALA A 28 -6.36 -6.52 9.85
N TYR A 29 -5.47 -6.93 8.96
CA TYR A 29 -4.12 -7.28 9.36
C TYR A 29 -3.19 -6.05 9.38
N PHE A 30 -3.22 -5.27 8.30
CA PHE A 30 -2.31 -4.14 8.16
C PHE A 30 -2.90 -2.83 8.70
N ALA A 31 -4.18 -2.84 9.04
CA ALA A 31 -4.85 -1.65 9.57
C ALA A 31 -4.27 -1.23 10.90
N GLN A 32 -3.51 -2.12 11.51
CA GLN A 32 -2.85 -1.82 12.76
C GLN A 32 -1.75 -0.77 12.52
N PHE A 33 -1.25 -0.73 11.29
CA PHE A 33 -0.16 0.17 10.95
C PHE A 33 -0.59 1.32 10.03
N GLY A 34 -1.40 1.03 9.02
CA GLY A 34 -1.81 2.06 8.08
C GLY A 34 -3.09 1.72 7.31
N GLU A 35 -3.31 2.44 6.22
CA GLU A 35 -4.50 2.27 5.39
C GLU A 35 -4.15 1.66 4.02
N ILE A 36 -4.96 0.69 3.57
CA ILE A 36 -4.76 0.06 2.27
C ILE A 36 -6.09 0.01 1.51
N LEU A 37 -6.07 0.42 0.23
CA LEU A 37 -7.28 0.46 -0.63
C LEU A 37 -8.27 1.53 -0.17
N GLU A 38 -9.40 1.63 -0.86
CA GLU A 38 -10.40 2.65 -0.52
C GLU A 38 -11.60 2.08 0.23
N ASP A 39 -12.08 0.93 -0.20
CA ASP A 39 -13.24 0.32 0.45
C ASP A 39 -12.84 -0.35 1.75
N LEU A 40 -13.01 0.38 2.83
CA LEU A 40 -12.56 -0.07 4.14
C LEU A 40 -13.72 -0.64 4.97
N GLU A 41 -14.19 0.15 5.95
CA GLU A 41 -15.30 -0.24 6.83
C GLU A 41 -14.97 -1.43 7.74
N SER A 42 -15.56 -1.42 8.95
CA SER A 42 -15.33 -2.45 9.97
C SER A 42 -13.84 -2.75 10.14
N GLU A 43 -13.06 -1.70 10.29
CA GLU A 43 -11.62 -1.83 10.37
C GLU A 43 -11.18 -2.31 11.75
N LEU A 44 -11.08 -1.39 12.68
CA LEU A 44 -10.64 -1.70 14.02
C LEU A 44 -11.69 -1.23 15.02
N GLY A 45 -11.40 -1.39 16.29
CA GLY A 45 -12.30 -0.91 17.30
C GLY A 45 -11.90 0.48 17.76
N ASP A 46 -11.02 0.53 18.75
CA ASP A 46 -10.51 1.79 19.29
C ASP A 46 -8.99 1.83 19.21
N THR A 47 -8.43 0.87 18.50
CA THR A 47 -6.99 0.73 18.38
C THR A 47 -6.46 1.44 17.15
N GLU A 48 -7.32 2.20 16.54
CA GLU A 48 -6.99 2.97 15.36
C GLU A 48 -5.86 3.98 15.64
N THR A 49 -5.71 4.35 16.90
CA THR A 49 -4.67 5.27 17.30
C THR A 49 -3.29 4.68 17.03
N MET A 50 -3.21 3.36 17.00
CA MET A 50 -1.97 2.66 16.72
C MET A 50 -1.51 2.91 15.28
N ARG A 51 -2.46 3.00 14.35
CA ARG A 51 -2.13 3.22 12.94
C ARG A 51 -2.05 4.70 12.63
N THR A 52 -1.35 5.01 11.52
CA THR A 52 -1.19 6.37 10.98
C THR A 52 -0.59 7.39 11.98
N PRO A 53 0.52 8.06 11.58
CA PRO A 53 1.18 9.08 12.41
C PRO A 53 0.27 10.27 12.69
N GLY A 54 -0.74 10.40 11.88
CA GLY A 54 -1.70 11.47 12.02
C GLY A 54 -3.11 11.00 11.81
N TYR A 55 -3.71 10.40 12.83
CA TYR A 55 -5.08 9.90 12.73
C TYR A 55 -6.10 11.03 12.90
N PHE A 56 -6.19 11.86 11.87
CA PHE A 56 -7.11 12.99 11.87
C PHE A 56 -8.56 12.56 11.62
N PHE A 57 -8.74 11.73 10.60
CA PHE A 57 -10.08 11.27 10.20
C PHE A 57 -10.78 10.43 11.28
N GLN A 58 -10.04 9.49 11.86
CA GLN A 58 -10.57 8.59 12.90
C GLN A 58 -11.83 7.87 12.41
N GLN A 59 -11.63 6.81 11.61
CA GLN A 59 -12.71 6.02 11.00
C GLN A 59 -13.86 6.88 10.51
N ALA A 60 -13.69 7.47 9.35
CA ALA A 60 -14.70 8.33 8.77
C ALA A 60 -15.23 7.74 7.46
N PRO A 61 -16.25 6.87 7.55
CA PRO A 61 -16.83 6.21 6.37
C PRO A 61 -17.60 7.17 5.47
N ASN A 62 -17.96 8.32 6.01
CA ASN A 62 -18.71 9.31 5.25
C ASN A 62 -17.79 10.38 4.67
N ARG A 63 -16.49 10.16 4.79
CA ARG A 63 -15.50 11.07 4.25
C ARG A 63 -14.42 10.33 3.48
N ARG A 64 -13.27 10.99 3.36
CA ARG A 64 -12.13 10.49 2.63
C ARG A 64 -11.50 9.34 3.39
N ARG A 65 -11.29 8.22 2.71
CA ARG A 65 -10.73 7.05 3.35
C ARG A 65 -9.21 7.10 3.32
N ILE A 66 -8.65 7.09 2.13
CA ILE A 66 -7.21 7.14 1.95
C ILE A 66 -6.84 8.35 1.11
N SER A 67 -5.96 9.16 1.65
CA SER A 67 -5.53 10.38 0.98
C SER A 67 -4.13 10.17 0.40
N ARG A 68 -3.91 8.99 -0.10
CA ARG A 68 -2.65 8.59 -0.64
C ARG A 68 -2.86 8.11 -2.08
N GLU A 69 -1.83 8.19 -2.92
CA GLU A 69 -1.96 7.79 -4.32
C GLU A 69 -1.99 6.27 -4.46
N HIS A 70 -2.85 5.79 -5.34
CA HIS A 70 -3.02 4.36 -5.58
C HIS A 70 -3.60 4.10 -6.95
N GLY A 71 -3.41 2.89 -7.44
CA GLY A 71 -4.01 2.49 -8.69
C GLY A 71 -5.31 1.79 -8.45
N ARG A 72 -5.22 0.51 -8.10
CA ARG A 72 -6.37 -0.30 -7.71
C ARG A 72 -5.92 -1.66 -7.26
N THR A 73 -4.99 -2.22 -7.98
CA THR A 73 -4.43 -3.49 -7.64
C THR A 73 -3.15 -3.31 -6.86
N TRP A 74 -2.71 -2.07 -6.75
CA TRP A 74 -1.52 -1.72 -6.03
C TRP A 74 -1.68 -0.36 -5.37
N THR A 75 -1.08 -0.18 -4.22
CA THR A 75 -1.05 1.10 -3.56
C THR A 75 0.29 1.28 -2.86
N LYS A 76 0.75 2.50 -2.80
CA LYS A 76 2.00 2.82 -2.15
C LYS A 76 1.77 3.03 -0.66
N LEU A 77 2.46 2.25 0.16
CA LEU A 77 2.32 2.36 1.59
C LEU A 77 3.44 3.18 2.20
N THR A 78 3.08 4.31 2.75
CA THR A 78 4.03 5.17 3.40
C THR A 78 3.76 5.19 4.91
N TYR A 79 4.49 4.37 5.64
CA TYR A 79 4.31 4.28 7.09
C TYR A 79 5.21 5.27 7.81
N ALA A 80 6.20 5.80 7.06
CA ALA A 80 7.17 6.78 7.59
C ALA A 80 8.17 6.12 8.56
N ASN A 81 7.66 5.32 9.47
CA ASN A 81 8.51 4.64 10.46
C ASN A 81 9.17 3.43 9.84
N HIS A 82 10.43 3.26 10.16
CA HIS A 82 11.22 2.16 9.62
C HIS A 82 10.72 0.81 10.15
N SER A 83 10.32 0.76 11.40
CA SER A 83 9.84 -0.46 12.01
C SER A 83 8.60 -1.00 11.29
N SER A 84 7.63 -0.13 11.05
CA SER A 84 6.41 -0.50 10.35
C SER A 84 6.71 -0.80 8.87
N TYR A 85 7.74 -0.15 8.35
CA TYR A 85 8.19 -0.33 6.96
C TYR A 85 8.59 -1.78 6.69
N LEU A 86 9.41 -2.34 7.55
CA LEU A 86 9.91 -3.67 7.39
C LEU A 86 8.79 -4.70 7.55
N ARG A 87 7.84 -4.40 8.42
CA ARG A 87 6.71 -5.29 8.69
C ARG A 87 5.81 -5.42 7.45
N ALA A 88 5.96 -4.50 6.51
CA ALA A 88 5.15 -4.49 5.30
C ALA A 88 5.82 -5.23 4.13
N LEU A 89 7.11 -5.57 4.27
CA LEU A 89 7.86 -6.19 3.18
C LEU A 89 7.24 -7.53 2.75
N ARG A 90 6.96 -8.39 3.74
CA ARG A 90 6.29 -9.70 3.52
C ARG A 90 6.86 -10.49 2.35
N GLU A 91 8.16 -10.38 2.14
CA GLU A 91 8.81 -11.06 1.04
C GLU A 91 9.32 -12.44 1.50
N HIS A 92 8.40 -13.30 1.91
CA HIS A 92 8.75 -14.64 2.36
C HIS A 92 7.51 -15.52 2.50
N GLY A 93 7.18 -16.23 1.42
CA GLY A 93 6.06 -17.17 1.43
C GLY A 93 4.76 -16.57 1.96
N THR A 94 4.53 -15.31 1.67
CA THR A 94 3.34 -14.65 2.14
C THR A 94 2.25 -14.67 1.07
N ILE A 95 1.51 -15.76 1.05
CA ILE A 95 0.43 -15.94 0.10
C ILE A 95 -0.89 -15.63 0.77
N TYR A 96 -1.60 -14.66 0.24
CA TYR A 96 -2.85 -14.27 0.80
C TYR A 96 -3.99 -14.53 -0.17
N CYS A 97 -4.96 -15.32 0.27
CA CYS A 97 -6.13 -15.69 -0.52
C CYS A 97 -5.80 -16.64 -1.68
N GLY A 98 -4.83 -16.26 -2.50
CA GLY A 98 -4.47 -17.08 -3.63
C GLY A 98 -3.09 -16.80 -4.18
N ALA A 99 -2.60 -15.58 -3.98
CA ALA A 99 -1.31 -15.19 -4.49
C ALA A 99 -0.48 -14.46 -3.45
N ALA A 100 0.83 -14.49 -3.60
CA ALA A 100 1.73 -13.78 -2.72
C ALA A 100 1.67 -12.30 -2.99
N ILE A 101 1.73 -11.51 -1.94
CA ILE A 101 1.71 -10.08 -2.09
C ILE A 101 3.14 -9.57 -2.22
N GLY A 102 3.37 -8.77 -3.25
CA GLY A 102 4.70 -8.27 -3.50
C GLY A 102 4.88 -6.86 -3.00
N CYS A 103 5.87 -6.68 -2.16
CA CYS A 103 6.18 -5.38 -1.63
C CYS A 103 7.64 -5.04 -1.85
N VAL A 104 7.90 -3.97 -2.56
CA VAL A 104 9.26 -3.51 -2.83
C VAL A 104 9.35 -2.02 -2.58
N PRO A 105 10.56 -1.48 -2.34
CA PRO A 105 10.76 -0.05 -2.15
C PRO A 105 10.36 0.71 -3.41
N TYR A 106 9.85 1.92 -3.23
CA TYR A 106 9.38 2.73 -4.33
C TYR A 106 10.47 2.95 -5.38
N LYS A 107 10.16 2.55 -6.61
CA LYS A 107 11.07 2.72 -7.73
C LYS A 107 10.34 3.26 -8.95
N HIS A 108 11.05 3.97 -9.81
CA HIS A 108 10.47 4.61 -10.98
C HIS A 108 9.94 3.59 -11.96
N GLU A 109 10.76 2.59 -12.25
CA GLU A 109 10.40 1.56 -13.21
C GLU A 109 9.24 0.73 -12.66
N LEU A 110 9.24 0.53 -11.35
CA LEU A 110 8.22 -0.29 -10.68
C LEU A 110 6.83 0.29 -10.95
N ILE A 111 6.70 1.60 -10.76
CA ILE A 111 5.42 2.27 -11.00
C ILE A 111 5.05 2.19 -12.48
N SER A 112 6.04 2.42 -13.33
CA SER A 112 5.85 2.39 -14.76
C SER A 112 5.38 1.00 -15.25
N GLU A 113 5.96 -0.05 -14.68
CA GLU A 113 5.61 -1.42 -15.05
C GLU A 113 4.17 -1.75 -14.66
N LEU A 114 3.78 -1.36 -13.46
CA LEU A 114 2.42 -1.57 -12.99
C LEU A 114 1.40 -0.80 -13.84
N SER A 115 1.76 0.41 -14.24
CA SER A 115 0.86 1.26 -14.97
C SER A 115 0.78 0.91 -16.47
N ARG A 116 1.60 -0.05 -16.94
CA ARG A 116 1.58 -0.42 -18.37
C ARG A 116 0.25 -1.06 -18.75
N GLU A 117 -0.48 -1.56 -17.76
CA GLU A 117 -1.80 -2.12 -18.00
C GLU A 117 -2.78 -1.52 -17.00
N GLY A 118 -2.33 -0.49 -16.31
CA GLY A 118 -3.17 0.17 -15.33
C GLY A 118 -3.61 1.53 -15.81
N HIS A 119 -2.83 2.12 -16.69
CA HIS A 119 -3.15 3.43 -17.23
C HIS A 119 -3.81 3.25 -18.60
N HIS A 120 -5.13 3.19 -18.60
CA HIS A 120 -5.91 3.00 -19.82
C HIS A 120 -6.17 4.31 -20.54
N HIS A 121 -5.14 5.13 -20.65
CA HIS A 121 -5.24 6.41 -21.33
C HIS A 121 -4.01 6.64 -22.19
N HIS A 122 -4.19 7.37 -23.26
CA HIS A 122 -3.10 7.69 -24.16
C HIS A 122 -2.36 8.92 -23.64
N HIS A 123 -1.04 8.81 -23.51
CA HIS A 123 -0.24 9.94 -23.06
C HIS A 123 -0.16 10.97 -24.16
N HIS A 124 -0.71 12.13 -23.91
CA HIS A 124 -0.69 13.21 -24.87
C HIS A 124 0.62 13.97 -24.80
N MET A 1 29.74 8.76 -9.59
CA MET A 1 28.61 9.31 -8.82
C MET A 1 27.88 10.36 -9.63
N SER A 2 26.58 10.45 -9.46
CA SER A 2 25.78 11.40 -10.21
C SER A 2 24.89 12.22 -9.27
N LEU A 3 24.52 13.41 -9.71
CA LEU A 3 23.64 14.28 -8.94
C LEU A 3 22.18 13.87 -9.14
N GLY A 4 21.36 14.18 -8.16
CA GLY A 4 19.96 13.81 -8.23
C GLY A 4 19.72 12.48 -7.58
N SER A 5 19.04 12.48 -6.47
CA SER A 5 18.82 11.26 -5.72
C SER A 5 17.35 11.07 -5.35
N GLU A 6 16.98 9.82 -5.14
CA GLU A 6 15.64 9.45 -4.78
C GLU A 6 15.44 9.57 -3.28
N SER A 7 15.49 10.79 -2.80
CA SER A 7 15.29 11.09 -1.40
C SER A 7 13.81 11.03 -1.03
N GLU A 8 12.98 10.75 -2.00
CA GLU A 8 11.54 10.75 -1.80
C GLU A 8 11.01 9.35 -1.48
N THR A 9 11.91 8.40 -1.34
CA THR A 9 11.51 7.06 -0.99
C THR A 9 11.19 6.95 0.49
N GLY A 10 12.12 7.39 1.33
CA GLY A 10 11.91 7.38 2.76
C GLY A 10 11.60 5.98 3.29
N ASN A 11 10.38 5.82 3.75
CA ASN A 11 9.92 4.55 4.30
C ASN A 11 8.73 4.02 3.51
N ALA A 12 8.58 4.53 2.30
CA ALA A 12 7.48 4.15 1.44
C ALA A 12 7.76 2.82 0.72
N VAL A 13 6.74 2.00 0.62
CA VAL A 13 6.81 0.73 -0.07
C VAL A 13 5.61 0.55 -0.99
N VAL A 14 5.70 -0.39 -1.91
CA VAL A 14 4.59 -0.65 -2.82
C VAL A 14 4.08 -2.07 -2.63
N VAL A 15 2.78 -2.21 -2.44
CA VAL A 15 2.16 -3.52 -2.25
C VAL A 15 1.34 -3.88 -3.48
N PHE A 16 1.47 -5.12 -3.94
CA PHE A 16 0.77 -5.54 -5.15
C PHE A 16 0.35 -7.01 -5.06
N GLY A 17 -0.67 -7.37 -5.85
CA GLY A 17 -1.12 -8.76 -5.90
C GLY A 17 -2.50 -8.97 -5.27
N TYR A 18 -3.38 -8.00 -5.42
CA TYR A 18 -4.73 -8.08 -4.85
C TYR A 18 -5.73 -7.28 -5.67
N ARG A 19 -7.01 -7.48 -5.39
CA ARG A 19 -8.10 -6.81 -6.12
C ARG A 19 -9.15 -6.25 -5.16
N GLU A 20 -10.03 -5.41 -5.68
CA GLU A 20 -11.11 -4.84 -4.89
C GLU A 20 -12.14 -5.91 -4.60
N ALA A 21 -11.99 -6.57 -3.46
CA ALA A 21 -12.89 -7.63 -3.00
C ALA A 21 -12.39 -8.17 -1.69
N ILE A 22 -11.09 -8.16 -1.54
CA ILE A 22 -10.43 -8.68 -0.37
C ILE A 22 -10.04 -7.57 0.60
N THR A 23 -10.65 -6.40 0.43
CA THR A 23 -10.26 -5.22 1.21
C THR A 23 -10.41 -5.45 2.69
N LYS A 24 -11.54 -5.96 3.10
CA LYS A 24 -11.81 -6.15 4.52
C LYS A 24 -10.80 -7.11 5.15
N GLN A 25 -10.41 -8.13 4.40
CA GLN A 25 -9.45 -9.11 4.90
C GLN A 25 -8.07 -8.48 5.13
N ILE A 26 -7.53 -7.84 4.09
CA ILE A 26 -6.22 -7.18 4.19
C ILE A 26 -6.28 -6.01 5.18
N LEU A 27 -7.36 -5.26 5.15
CA LEU A 27 -7.58 -4.14 6.06
C LEU A 27 -7.52 -4.63 7.51
N ALA A 28 -8.10 -5.79 7.80
CA ALA A 28 -8.07 -6.34 9.15
C ALA A 28 -6.64 -6.62 9.63
N TYR A 29 -5.75 -6.91 8.69
CA TYR A 29 -4.35 -7.23 9.04
C TYR A 29 -3.44 -5.99 8.98
N PHE A 30 -3.54 -5.22 7.91
CA PHE A 30 -2.64 -4.09 7.68
C PHE A 30 -3.11 -2.80 8.37
N ALA A 31 -4.30 -2.84 8.98
CA ALA A 31 -4.84 -1.67 9.70
C ALA A 31 -3.94 -1.25 10.85
N GLN A 32 -2.92 -2.03 11.11
CA GLN A 32 -1.96 -1.72 12.15
C GLN A 32 -1.20 -0.43 11.83
N PHE A 33 -1.03 -0.14 10.54
CA PHE A 33 -0.26 1.03 10.15
C PHE A 33 -0.88 1.82 8.98
N GLY A 34 -0.87 1.23 7.79
CA GLY A 34 -1.27 1.99 6.59
C GLY A 34 -2.69 1.76 6.11
N GLU A 35 -3.06 2.50 5.06
CA GLU A 35 -4.37 2.45 4.43
C GLU A 35 -4.27 1.77 3.06
N ILE A 36 -5.12 0.79 2.80
CA ILE A 36 -5.08 0.08 1.51
C ILE A 36 -6.48 0.00 0.91
N LEU A 37 -6.56 0.23 -0.41
CA LEU A 37 -7.83 0.21 -1.15
C LEU A 37 -8.77 1.34 -0.70
N GLU A 38 -10.03 1.27 -1.11
CA GLU A 38 -10.98 2.35 -0.82
C GLU A 38 -12.22 1.85 -0.06
N ASP A 39 -12.40 0.55 0.01
CA ASP A 39 -13.58 -0.02 0.68
C ASP A 39 -13.31 -0.25 2.17
N LEU A 40 -13.46 0.79 2.95
CA LEU A 40 -13.20 0.71 4.38
C LEU A 40 -14.36 0.11 5.14
N GLU A 41 -15.55 0.70 4.96
CA GLU A 41 -16.76 0.27 5.67
C GLU A 41 -16.61 0.47 7.19
N SER A 42 -15.96 -0.48 7.82
CA SER A 42 -15.72 -0.47 9.24
C SER A 42 -14.24 -0.33 9.49
N GLU A 43 -13.83 0.87 9.85
CA GLU A 43 -12.44 1.23 9.98
C GLU A 43 -11.91 1.00 11.38
N LEU A 44 -12.58 0.13 12.14
CA LEU A 44 -12.20 -0.18 13.52
C LEU A 44 -11.89 1.08 14.34
N GLY A 45 -12.94 1.81 14.69
CA GLY A 45 -12.77 3.02 15.47
C GLY A 45 -12.58 4.24 14.61
N ASP A 46 -12.68 5.41 15.21
CA ASP A 46 -12.49 6.67 14.48
C ASP A 46 -11.04 7.10 14.54
N THR A 47 -10.23 6.23 15.13
CA THR A 47 -8.80 6.48 15.26
C THR A 47 -8.07 6.20 13.93
N GLU A 48 -8.83 6.16 12.82
CA GLU A 48 -8.28 5.96 11.48
C GLU A 48 -7.34 7.11 11.15
N THR A 49 -7.71 8.30 11.57
CA THR A 49 -6.94 9.49 11.33
C THR A 49 -5.59 9.45 12.06
N MET A 50 -5.50 8.57 13.05
CA MET A 50 -4.29 8.44 13.83
C MET A 50 -3.54 7.17 13.42
N ARG A 51 -4.14 6.42 12.50
CA ARG A 51 -3.52 5.20 11.99
C ARG A 51 -2.31 5.55 11.19
N THR A 52 -2.52 6.48 10.34
CA THR A 52 -1.52 7.03 9.48
C THR A 52 -1.14 8.42 10.01
N PRO A 53 0.16 8.70 10.21
CA PRO A 53 0.60 9.96 10.81
C PRO A 53 0.37 11.19 9.91
N GLY A 54 -0.46 12.12 10.41
CA GLY A 54 -0.71 13.38 9.72
C GLY A 54 -1.53 13.23 8.46
N TYR A 55 -2.85 13.30 8.59
CA TYR A 55 -3.74 13.17 7.47
C TYR A 55 -4.79 14.27 7.42
N PHE A 56 -5.59 14.24 6.39
CA PHE A 56 -6.50 15.34 6.05
C PHE A 56 -7.94 15.15 6.56
N PHE A 57 -8.20 14.12 7.35
CA PHE A 57 -9.56 13.86 7.82
C PHE A 57 -9.57 12.98 9.03
N GLN A 58 -10.67 13.02 9.77
CA GLN A 58 -10.84 12.16 10.93
C GLN A 58 -11.46 10.83 10.50
N GLN A 59 -12.47 10.93 9.64
CA GLN A 59 -13.21 9.79 9.13
C GLN A 59 -14.12 10.24 7.99
N ALA A 60 -13.69 10.05 6.75
CA ALA A 60 -14.47 10.50 5.60
C ALA A 60 -14.87 9.33 4.69
N PRO A 61 -16.03 8.69 4.98
CA PRO A 61 -16.54 7.54 4.23
C PRO A 61 -16.87 7.85 2.76
N ASN A 62 -17.29 9.08 2.50
CA ASN A 62 -17.76 9.48 1.17
C ASN A 62 -16.64 10.06 0.30
N ARG A 63 -15.42 9.98 0.79
CA ARG A 63 -14.30 10.51 0.11
C ARG A 63 -13.20 9.45 0.03
N ARG A 64 -12.41 9.47 -1.05
CA ARG A 64 -11.26 8.59 -1.15
C ARG A 64 -10.30 8.89 -0.02
N ARG A 65 -10.29 8.02 0.97
CA ARG A 65 -9.54 8.22 2.19
C ARG A 65 -8.05 8.26 1.93
N ILE A 66 -7.58 7.33 1.12
CA ILE A 66 -6.18 7.28 0.81
C ILE A 66 -5.80 8.48 -0.03
N SER A 67 -4.86 9.26 0.49
CA SER A 67 -4.43 10.47 -0.16
C SER A 67 -3.82 10.21 -1.53
N ARG A 68 -3.09 9.12 -1.65
CA ARG A 68 -2.48 8.78 -2.91
C ARG A 68 -3.45 8.02 -3.78
N GLU A 69 -3.50 8.38 -5.05
CA GLU A 69 -4.35 7.70 -6.00
C GLU A 69 -3.73 6.35 -6.37
N HIS A 70 -4.57 5.40 -6.74
CA HIS A 70 -4.09 4.08 -7.09
C HIS A 70 -4.32 3.81 -8.57
N GLY A 71 -3.50 2.97 -9.14
CA GLY A 71 -3.63 2.63 -10.54
C GLY A 71 -4.68 1.55 -10.76
N ARG A 72 -4.41 0.37 -10.21
CA ARG A 72 -5.35 -0.74 -10.34
C ARG A 72 -5.11 -1.83 -9.32
N THR A 73 -3.91 -2.34 -9.26
CA THR A 73 -3.61 -3.45 -8.37
C THR A 73 -2.44 -3.17 -7.43
N TRP A 74 -2.10 -1.90 -7.23
CA TRP A 74 -0.98 -1.55 -6.38
C TRP A 74 -1.32 -0.39 -5.45
N THR A 75 -0.73 -0.40 -4.27
CA THR A 75 -0.91 0.64 -3.28
C THR A 75 0.43 1.03 -2.64
N LYS A 76 0.66 2.32 -2.49
CA LYS A 76 1.87 2.82 -1.86
C LYS A 76 1.63 2.99 -0.38
N LEU A 77 2.41 2.34 0.43
CA LEU A 77 2.27 2.47 1.86
C LEU A 77 3.39 3.32 2.41
N THR A 78 3.05 4.52 2.81
CA THR A 78 4.00 5.41 3.40
C THR A 78 3.82 5.38 4.92
N TYR A 79 4.63 4.56 5.59
CA TYR A 79 4.54 4.37 7.03
C TYR A 79 5.16 5.54 7.79
N ALA A 80 6.19 6.14 7.19
CA ALA A 80 6.93 7.25 7.79
C ALA A 80 7.81 6.78 8.97
N ASN A 81 7.92 5.46 9.13
CA ASN A 81 8.76 4.88 10.18
C ASN A 81 9.56 3.72 9.62
N HIS A 82 10.76 3.52 10.15
CA HIS A 82 11.65 2.48 9.66
C HIS A 82 11.25 1.09 10.19
N SER A 83 10.54 1.09 11.31
CA SER A 83 10.14 -0.16 11.95
C SER A 83 9.28 -1.03 11.03
N SER A 84 8.14 -0.51 10.61
CA SER A 84 7.24 -1.26 9.75
C SER A 84 7.76 -1.35 8.31
N TYR A 85 8.73 -0.50 7.96
CA TYR A 85 9.33 -0.52 6.63
C TYR A 85 9.95 -1.87 6.35
N LEU A 86 10.74 -2.37 7.29
CA LEU A 86 11.40 -3.67 7.14
C LEU A 86 10.37 -4.79 7.09
N ARG A 87 9.33 -4.66 7.88
CA ARG A 87 8.27 -5.66 7.98
C ARG A 87 7.47 -5.75 6.66
N ALA A 88 7.49 -4.68 5.87
CA ALA A 88 6.74 -4.64 4.61
C ALA A 88 7.45 -5.39 3.48
N LEU A 89 8.71 -5.70 3.68
CA LEU A 89 9.52 -6.38 2.66
C LEU A 89 9.19 -7.87 2.53
N ARG A 90 8.30 -8.36 3.39
CA ARG A 90 7.88 -9.78 3.39
C ARG A 90 7.65 -10.32 1.96
N GLU A 91 8.41 -11.34 1.61
CA GLU A 91 8.30 -12.00 0.33
C GLU A 91 8.98 -13.37 0.43
N HIS A 92 8.22 -14.33 0.90
CA HIS A 92 8.73 -15.68 1.10
C HIS A 92 7.61 -16.69 0.93
N GLY A 93 6.59 -16.31 0.20
CA GLY A 93 5.46 -17.18 0.00
C GLY A 93 4.33 -16.87 0.96
N THR A 94 4.12 -15.58 1.22
CA THR A 94 3.06 -15.15 2.10
C THR A 94 1.72 -15.27 1.38
N ILE A 95 1.05 -16.39 1.59
CA ILE A 95 -0.22 -16.65 0.95
C ILE A 95 -1.34 -15.99 1.70
N TYR A 96 -2.05 -15.14 1.00
CA TYR A 96 -3.18 -14.45 1.55
C TYR A 96 -4.32 -14.51 0.55
N CYS A 97 -5.49 -14.93 1.02
CA CYS A 97 -6.67 -15.06 0.15
C CYS A 97 -6.45 -16.14 -0.93
N GLY A 98 -5.41 -16.95 -0.74
CA GLY A 98 -5.12 -18.03 -1.67
C GLY A 98 -3.90 -17.76 -2.55
N ALA A 99 -3.45 -16.52 -2.61
CA ALA A 99 -2.30 -16.19 -3.45
C ALA A 99 -1.20 -15.53 -2.63
N ALA A 100 0.05 -15.70 -3.06
CA ALA A 100 1.18 -15.09 -2.36
C ALA A 100 1.34 -13.64 -2.77
N ILE A 101 1.06 -12.74 -1.84
CA ILE A 101 1.21 -11.33 -2.10
C ILE A 101 2.64 -10.90 -1.81
N GLY A 102 3.01 -9.73 -2.29
CA GLY A 102 4.35 -9.25 -2.08
C GLY A 102 4.42 -7.75 -2.02
N CYS A 103 5.46 -7.25 -1.37
CA CYS A 103 5.66 -5.83 -1.23
C CYS A 103 7.15 -5.52 -1.32
N VAL A 104 7.48 -4.46 -2.05
CA VAL A 104 8.87 -4.06 -2.25
C VAL A 104 9.05 -2.58 -1.95
N PRO A 105 10.32 -2.11 -1.80
CA PRO A 105 10.62 -0.69 -1.56
C PRO A 105 10.13 0.17 -2.72
N TYR A 106 9.77 1.41 -2.42
CA TYR A 106 9.21 2.31 -3.42
C TYR A 106 10.20 2.58 -4.56
N LYS A 107 9.73 2.36 -5.77
CA LYS A 107 10.50 2.61 -6.97
C LYS A 107 9.68 3.46 -7.91
N HIS A 108 10.23 4.59 -8.36
CA HIS A 108 9.53 5.48 -9.27
C HIS A 108 9.30 4.78 -10.62
N GLU A 109 10.28 3.98 -11.01
CA GLU A 109 10.22 3.24 -12.26
C GLU A 109 9.16 2.13 -12.19
N LEU A 110 9.03 1.52 -11.02
CA LEU A 110 8.05 0.46 -10.83
C LEU A 110 6.64 0.98 -11.03
N ILE A 111 6.36 2.16 -10.49
CA ILE A 111 5.04 2.77 -10.59
C ILE A 111 4.66 3.02 -12.04
N SER A 112 5.58 3.60 -12.81
CA SER A 112 5.33 3.86 -14.20
C SER A 112 5.13 2.58 -14.99
N GLU A 113 5.96 1.56 -14.74
CA GLU A 113 5.83 0.29 -15.42
C GLU A 113 4.53 -0.41 -15.06
N LEU A 114 4.14 -0.36 -13.80
CA LEU A 114 2.90 -0.98 -13.36
C LEU A 114 1.72 -0.33 -14.04
N SER A 115 1.75 0.99 -14.13
CA SER A 115 0.69 1.74 -14.79
C SER A 115 0.64 1.40 -16.29
N ARG A 116 1.82 1.33 -16.91
CA ARG A 116 1.93 1.04 -18.35
C ARG A 116 1.48 -0.39 -18.65
N GLU A 117 1.89 -1.33 -17.82
CA GLU A 117 1.56 -2.73 -18.02
C GLU A 117 1.79 -3.51 -16.74
N GLY A 118 3.04 -3.63 -16.39
CA GLY A 118 3.41 -4.30 -15.14
C GLY A 118 3.60 -5.80 -15.28
N HIS A 119 3.24 -6.35 -16.42
CA HIS A 119 3.35 -7.79 -16.62
C HIS A 119 4.70 -8.18 -17.19
N HIS A 120 5.74 -8.02 -16.39
CA HIS A 120 7.09 -8.38 -16.79
C HIS A 120 7.80 -9.13 -15.66
N HIS A 121 8.16 -10.36 -15.92
CA HIS A 121 8.87 -11.17 -14.95
C HIS A 121 10.34 -11.26 -15.33
N HIS A 122 10.59 -11.65 -16.58
CA HIS A 122 11.95 -11.78 -17.13
C HIS A 122 12.75 -12.89 -16.44
N HIS A 123 12.98 -12.72 -15.16
CA HIS A 123 13.75 -13.68 -14.38
C HIS A 123 13.25 -13.73 -12.94
N HIS A 124 12.80 -12.59 -12.41
CA HIS A 124 12.28 -12.54 -11.05
C HIS A 124 10.94 -13.24 -10.94
N MET A 1 27.85 15.92 -4.99
CA MET A 1 28.28 14.53 -4.69
C MET A 1 27.08 13.66 -4.37
N SER A 2 26.92 12.57 -5.10
CA SER A 2 25.82 11.65 -4.86
C SER A 2 26.32 10.21 -4.84
N LEU A 3 26.01 9.50 -3.77
CA LEU A 3 26.40 8.11 -3.64
C LEU A 3 25.19 7.18 -3.78
N GLY A 4 24.02 7.79 -3.95
CA GLY A 4 22.80 7.02 -4.10
C GLY A 4 21.57 7.90 -3.97
N SER A 5 20.56 7.63 -4.77
CA SER A 5 19.34 8.41 -4.76
C SER A 5 18.38 7.92 -3.68
N GLU A 6 17.37 8.72 -3.35
CA GLU A 6 16.36 8.33 -2.39
C GLU A 6 15.27 7.55 -3.09
N SER A 7 15.22 7.72 -4.39
CA SER A 7 14.24 7.05 -5.27
C SER A 7 12.79 7.33 -4.84
N GLU A 8 12.62 8.39 -4.04
CA GLU A 8 11.33 8.78 -3.50
C GLU A 8 10.72 7.63 -2.67
N THR A 9 11.57 6.70 -2.25
CA THR A 9 11.13 5.56 -1.47
C THR A 9 10.81 5.98 -0.04
N GLY A 10 11.77 6.63 0.60
CA GLY A 10 11.60 7.06 1.97
C GLY A 10 11.13 5.93 2.88
N ASN A 11 9.92 6.09 3.39
CA ASN A 11 9.32 5.12 4.29
C ASN A 11 8.06 4.50 3.68
N ALA A 12 7.98 4.53 2.36
CA ALA A 12 6.83 3.99 1.64
C ALA A 12 7.20 2.70 0.90
N VAL A 13 6.26 1.78 0.86
CA VAL A 13 6.44 0.52 0.16
C VAL A 13 5.32 0.31 -0.82
N VAL A 14 5.54 -0.56 -1.78
CA VAL A 14 4.54 -0.86 -2.78
C VAL A 14 4.05 -2.28 -2.61
N VAL A 15 2.75 -2.44 -2.45
CA VAL A 15 2.13 -3.75 -2.31
C VAL A 15 1.19 -3.97 -3.48
N PHE A 16 1.31 -5.10 -4.14
CA PHE A 16 0.50 -5.36 -5.31
C PHE A 16 0.08 -6.82 -5.41
N GLY A 17 -1.03 -7.06 -6.10
CA GLY A 17 -1.52 -8.41 -6.29
C GLY A 17 -2.89 -8.63 -5.66
N TYR A 18 -3.63 -7.56 -5.42
CA TYR A 18 -4.93 -7.68 -4.79
C TYR A 18 -5.93 -6.67 -5.35
N ARG A 19 -7.20 -6.91 -5.07
CA ARG A 19 -8.29 -6.12 -5.61
C ARG A 19 -8.92 -5.21 -4.53
N GLU A 20 -9.47 -4.07 -4.97
CA GLU A 20 -10.04 -3.03 -4.08
C GLU A 20 -11.10 -3.58 -3.10
N ALA A 21 -11.85 -4.59 -3.51
CA ALA A 21 -12.96 -5.12 -2.69
C ALA A 21 -12.50 -6.00 -1.51
N ILE A 22 -11.23 -6.39 -1.47
CA ILE A 22 -10.77 -7.33 -0.42
C ILE A 22 -10.35 -6.62 0.87
N THR A 23 -10.86 -5.44 1.10
CA THR A 23 -10.51 -4.65 2.28
C THR A 23 -10.85 -5.40 3.56
N LYS A 24 -12.03 -6.00 3.59
CA LYS A 24 -12.48 -6.71 4.77
C LYS A 24 -11.55 -7.89 5.12
N GLN A 25 -10.80 -8.36 4.11
CA GLN A 25 -9.91 -9.49 4.29
C GLN A 25 -8.48 -9.05 4.66
N ILE A 26 -7.80 -8.39 3.71
CA ILE A 26 -6.41 -7.97 3.93
C ILE A 26 -6.26 -6.94 5.05
N LEU A 27 -7.14 -5.95 5.08
CA LEU A 27 -7.05 -4.88 6.08
C LEU A 27 -7.16 -5.44 7.51
N ALA A 28 -7.87 -6.56 7.68
CA ALA A 28 -8.02 -7.17 9.00
C ALA A 28 -6.65 -7.62 9.56
N TYR A 29 -5.83 -8.23 8.71
CA TYR A 29 -4.51 -8.71 9.12
C TYR A 29 -3.43 -7.64 8.95
N PHE A 30 -3.47 -6.95 7.81
CA PHE A 30 -2.49 -5.92 7.43
C PHE A 30 -2.71 -4.58 8.13
N ALA A 31 -3.75 -4.52 8.96
CA ALA A 31 -4.15 -3.31 9.72
C ALA A 31 -2.98 -2.50 10.35
N GLN A 32 -1.76 -3.07 10.40
CA GLN A 32 -0.61 -2.32 10.92
C GLN A 32 -0.39 -1.10 10.05
N PHE A 33 -0.56 -1.29 8.75
CA PHE A 33 -0.43 -0.23 7.76
C PHE A 33 -1.53 0.80 7.96
N GLY A 34 -2.68 0.30 8.32
CA GLY A 34 -3.83 1.13 8.46
C GLY A 34 -4.85 0.87 7.38
N GLU A 35 -5.14 1.88 6.58
CA GLU A 35 -6.14 1.74 5.54
C GLU A 35 -5.50 1.26 4.23
N ILE A 36 -5.60 -0.03 3.98
CA ILE A 36 -5.03 -0.65 2.77
C ILE A 36 -5.76 -0.19 1.51
N LEU A 37 -7.08 -0.17 1.59
CA LEU A 37 -7.91 0.12 0.45
C LEU A 37 -8.91 1.21 0.79
N GLU A 38 -9.48 1.85 -0.24
CA GLU A 38 -10.43 2.92 -0.02
C GLU A 38 -11.82 2.35 0.27
N ASP A 39 -12.01 1.11 -0.11
CA ASP A 39 -13.23 0.39 0.20
C ASP A 39 -13.28 0.12 1.70
N LEU A 40 -14.44 0.19 2.30
CA LEU A 40 -14.54 -0.01 3.73
C LEU A 40 -15.62 -1.04 4.06
N GLU A 41 -16.88 -0.58 4.08
CA GLU A 41 -18.05 -1.42 4.42
C GLU A 41 -17.99 -1.89 5.90
N SER A 42 -16.98 -2.67 6.23
CA SER A 42 -16.80 -3.20 7.56
C SER A 42 -15.31 -3.33 7.84
N GLU A 43 -14.90 -2.92 9.03
CA GLU A 43 -13.54 -2.99 9.43
C GLU A 43 -13.41 -3.79 10.74
N LEU A 44 -12.49 -3.38 11.59
CA LEU A 44 -12.20 -4.08 12.82
C LEU A 44 -13.17 -3.66 13.92
N GLY A 45 -13.61 -4.62 14.72
CA GLY A 45 -14.47 -4.31 15.84
C GLY A 45 -13.69 -3.69 16.99
N ASP A 46 -12.46 -4.15 17.13
CA ASP A 46 -11.54 -3.65 18.16
C ASP A 46 -10.22 -3.30 17.48
N THR A 47 -9.14 -3.19 18.26
CA THR A 47 -7.82 -2.84 17.72
C THR A 47 -7.86 -1.45 17.05
N GLU A 48 -8.65 -0.57 17.64
CA GLU A 48 -8.84 0.80 17.16
C GLU A 48 -7.50 1.55 17.18
N THR A 49 -6.69 1.22 18.15
CA THR A 49 -5.44 1.87 18.39
C THR A 49 -4.40 1.65 17.26
N MET A 50 -4.52 0.54 16.53
CA MET A 50 -3.58 0.24 15.46
C MET A 50 -4.15 0.58 14.09
N ARG A 51 -3.94 1.83 13.66
CA ARG A 51 -4.37 2.32 12.36
C ARG A 51 -3.31 3.31 11.86
N THR A 52 -3.44 3.78 10.63
CA THR A 52 -2.49 4.77 10.11
C THR A 52 -2.49 6.01 11.03
N PRO A 53 -1.32 6.36 11.57
CA PRO A 53 -1.18 7.46 12.52
C PRO A 53 -1.68 8.80 11.99
N GLY A 54 -2.72 9.33 12.62
CA GLY A 54 -3.25 10.62 12.23
C GLY A 54 -4.47 10.52 11.33
N TYR A 55 -4.88 9.31 10.99
CA TYR A 55 -6.03 9.13 10.12
C TYR A 55 -7.10 8.26 10.74
N PHE A 56 -8.17 8.89 11.20
CA PHE A 56 -9.30 8.15 11.74
C PHE A 56 -10.49 8.31 10.82
N PHE A 57 -10.20 8.73 9.58
CA PHE A 57 -11.18 8.88 8.47
C PHE A 57 -12.52 9.58 8.87
N GLN A 58 -13.40 9.69 7.89
CA GLN A 58 -14.73 10.26 8.09
C GLN A 58 -15.75 9.39 7.37
N GLN A 59 -16.98 9.33 7.88
CA GLN A 59 -18.01 8.54 7.25
C GLN A 59 -18.98 9.42 6.48
N ALA A 60 -18.72 9.54 5.19
CA ALA A 60 -19.54 10.33 4.29
C ALA A 60 -19.40 9.77 2.88
N PRO A 61 -20.40 9.93 2.01
CA PRO A 61 -20.36 9.38 0.64
C PRO A 61 -19.15 9.87 -0.18
N ASN A 62 -18.72 11.09 0.09
CA ASN A 62 -17.60 11.70 -0.65
C ASN A 62 -16.29 11.64 0.13
N ARG A 63 -16.09 10.60 0.91
CA ARG A 63 -14.92 10.51 1.79
C ARG A 63 -13.66 9.90 1.10
N ARG A 64 -12.68 10.71 0.85
CA ARG A 64 -11.39 10.22 0.42
C ARG A 64 -10.54 9.99 1.64
N ARG A 65 -10.64 8.79 2.19
CA ARG A 65 -9.98 8.46 3.43
C ARG A 65 -8.49 8.32 3.22
N ILE A 66 -8.11 7.65 2.15
CA ILE A 66 -6.72 7.40 1.91
C ILE A 66 -6.10 8.47 1.00
N SER A 67 -5.08 9.10 1.53
CA SER A 67 -4.39 10.18 0.84
C SER A 67 -3.20 9.65 0.05
N ARG A 68 -3.08 8.35 0.01
CA ARG A 68 -1.99 7.71 -0.69
C ARG A 68 -2.49 7.21 -2.04
N GLU A 69 -1.66 7.36 -3.06
CA GLU A 69 -2.03 6.94 -4.41
C GLU A 69 -1.96 5.42 -4.56
N HIS A 70 -2.87 4.88 -5.36
CA HIS A 70 -2.88 3.45 -5.65
C HIS A 70 -3.46 3.21 -7.03
N GLY A 71 -3.23 2.03 -7.57
CA GLY A 71 -3.69 1.72 -8.89
C GLY A 71 -4.70 0.60 -8.92
N ARG A 72 -4.71 -0.13 -10.02
CA ARG A 72 -5.67 -1.22 -10.24
C ARG A 72 -5.53 -2.32 -9.23
N THR A 73 -4.31 -2.79 -9.03
CA THR A 73 -4.08 -3.89 -8.13
C THR A 73 -2.87 -3.63 -7.22
N TRP A 74 -2.39 -2.40 -7.22
CA TRP A 74 -1.21 -2.03 -6.43
C TRP A 74 -1.48 -0.79 -5.59
N THR A 75 -0.95 -0.77 -4.39
CA THR A 75 -1.13 0.34 -3.48
C THR A 75 0.21 0.75 -2.85
N LYS A 76 0.48 2.05 -2.84
CA LYS A 76 1.69 2.55 -2.23
C LYS A 76 1.38 3.00 -0.80
N LEU A 77 1.81 2.19 0.16
CA LEU A 77 1.50 2.42 1.57
C LEU A 77 2.66 3.06 2.30
N THR A 78 2.38 4.18 2.97
CA THR A 78 3.40 4.91 3.69
C THR A 78 3.17 4.86 5.22
N TYR A 79 4.15 4.36 5.96
CA TYR A 79 4.07 4.33 7.45
C TYR A 79 4.58 5.63 8.05
N ALA A 80 5.51 6.28 7.33
CA ALA A 80 6.17 7.52 7.77
C ALA A 80 7.32 7.24 8.75
N ASN A 81 7.53 5.97 9.07
CA ASN A 81 8.64 5.58 9.96
C ASN A 81 9.46 4.48 9.32
N HIS A 82 10.77 4.59 9.45
CA HIS A 82 11.68 3.62 8.86
C HIS A 82 11.56 2.26 9.54
N SER A 83 11.34 2.26 10.85
CA SER A 83 11.20 1.01 11.60
C SER A 83 10.00 0.22 11.07
N SER A 84 8.90 0.92 10.87
CA SER A 84 7.68 0.33 10.35
C SER A 84 7.89 -0.10 8.88
N TYR A 85 8.70 0.68 8.16
CA TYR A 85 9.02 0.43 6.75
C TYR A 85 9.65 -0.95 6.54
N LEU A 86 10.62 -1.28 7.34
CA LEU A 86 11.33 -2.53 7.20
C LEU A 86 10.43 -3.73 7.50
N ARG A 87 9.48 -3.52 8.40
CA ARG A 87 8.55 -4.58 8.78
C ARG A 87 7.42 -4.73 7.76
N ALA A 88 7.35 -3.79 6.82
CA ALA A 88 6.34 -3.78 5.78
C ALA A 88 6.80 -4.52 4.54
N LEU A 89 8.08 -4.84 4.51
CA LEU A 89 8.70 -5.45 3.36
C LEU A 89 8.02 -6.77 2.96
N ARG A 90 7.71 -7.60 3.97
CA ARG A 90 6.99 -8.87 3.76
C ARG A 90 7.60 -9.68 2.59
N GLU A 91 6.71 -10.26 1.76
CA GLU A 91 7.08 -11.04 0.59
C GLU A 91 7.89 -12.30 0.96
N HIS A 92 7.68 -12.79 2.17
CA HIS A 92 8.32 -14.01 2.62
C HIS A 92 7.30 -15.11 2.80
N GLY A 93 6.93 -15.74 1.70
CA GLY A 93 5.91 -16.79 1.76
C GLY A 93 4.55 -16.23 2.12
N THR A 94 4.31 -14.98 1.74
CA THR A 94 3.06 -14.32 2.06
C THR A 94 1.99 -14.65 1.03
N ILE A 95 1.25 -15.73 1.27
CA ILE A 95 0.18 -16.14 0.39
C ILE A 95 -1.16 -15.90 1.06
N TYR A 96 -2.03 -15.20 0.35
CA TYR A 96 -3.33 -14.89 0.86
C TYR A 96 -4.38 -15.22 -0.20
N CYS A 97 -5.45 -15.89 0.22
CA CYS A 97 -6.56 -16.28 -0.66
C CYS A 97 -6.10 -17.26 -1.76
N GLY A 98 -4.90 -17.82 -1.60
CA GLY A 98 -4.38 -18.74 -2.58
C GLY A 98 -3.43 -18.09 -3.57
N ALA A 99 -3.04 -16.86 -3.31
CA ALA A 99 -2.10 -16.16 -4.18
C ALA A 99 -1.07 -15.41 -3.37
N ALA A 100 0.13 -15.30 -3.91
CA ALA A 100 1.19 -14.59 -3.23
C ALA A 100 1.18 -13.13 -3.63
N ILE A 101 1.13 -12.26 -2.65
CA ILE A 101 1.12 -10.83 -2.89
C ILE A 101 2.55 -10.29 -2.88
N GLY A 102 2.81 -9.30 -3.71
CA GLY A 102 4.14 -8.76 -3.80
C GLY A 102 4.29 -7.51 -2.98
N CYS A 103 5.33 -7.48 -2.17
CA CYS A 103 5.60 -6.34 -1.31
C CYS A 103 7.07 -5.95 -1.46
N VAL A 104 7.31 -4.80 -2.05
CA VAL A 104 8.67 -4.34 -2.28
C VAL A 104 8.80 -2.84 -2.02
N PRO A 105 10.03 -2.33 -1.88
CA PRO A 105 10.26 -0.90 -1.70
C PRO A 105 9.91 -0.15 -2.98
N TYR A 106 9.63 1.13 -2.85
CA TYR A 106 9.27 1.93 -4.01
C TYR A 106 10.40 1.94 -5.04
N LYS A 107 10.12 1.41 -6.22
CA LYS A 107 11.05 1.45 -7.33
C LYS A 107 10.44 2.27 -8.45
N HIS A 108 11.24 3.13 -9.04
CA HIS A 108 10.76 4.02 -10.10
C HIS A 108 10.32 3.21 -11.31
N GLU A 109 11.09 2.18 -11.63
CA GLU A 109 10.80 1.34 -12.77
C GLU A 109 9.50 0.56 -12.58
N LEU A 110 9.26 0.09 -11.36
CA LEU A 110 8.05 -0.69 -11.07
C LEU A 110 6.80 0.16 -11.29
N ILE A 111 6.83 1.38 -10.77
CA ILE A 111 5.73 2.30 -10.93
C ILE A 111 5.53 2.64 -12.41
N SER A 112 6.63 2.82 -13.11
CA SER A 112 6.57 3.12 -14.53
C SER A 112 5.84 2.00 -15.28
N GLU A 113 6.21 0.75 -14.99
CA GLU A 113 5.56 -0.39 -15.63
C GLU A 113 4.10 -0.51 -15.21
N LEU A 114 3.84 -0.26 -13.92
CA LEU A 114 2.50 -0.32 -13.39
C LEU A 114 1.61 0.73 -14.04
N SER A 115 2.17 1.90 -14.28
CA SER A 115 1.47 2.97 -14.97
C SER A 115 1.16 2.54 -16.41
N ARG A 116 2.13 1.88 -17.05
CA ARG A 116 2.01 1.41 -18.43
C ARG A 116 0.95 0.30 -18.55
N GLU A 117 1.10 -0.75 -17.72
CA GLU A 117 0.22 -1.93 -17.72
C GLU A 117 0.07 -2.50 -19.15
N GLY A 118 1.16 -2.48 -19.89
CA GLY A 118 1.15 -3.00 -21.24
C GLY A 118 1.02 -1.90 -22.27
N HIS A 119 0.11 -0.96 -22.03
CA HIS A 119 -0.16 0.15 -22.96
C HIS A 119 -0.52 -0.39 -24.35
N HIS A 120 -1.10 -1.59 -24.35
CA HIS A 120 -1.49 -2.29 -25.57
C HIS A 120 -2.83 -1.81 -26.11
N HIS A 121 -3.12 -0.52 -25.89
CA HIS A 121 -4.37 0.09 -26.32
C HIS A 121 -5.56 -0.55 -25.62
N HIS A 122 -6.26 -1.43 -26.31
CA HIS A 122 -7.41 -2.13 -25.77
C HIS A 122 -7.95 -3.08 -26.83
N HIS A 123 -8.79 -4.01 -26.41
CA HIS A 123 -9.41 -4.95 -27.34
C HIS A 123 -10.36 -4.23 -28.30
N HIS A 124 -10.98 -3.18 -27.81
CA HIS A 124 -11.87 -2.38 -28.63
C HIS A 124 -11.08 -1.23 -29.25
N MET A 1 23.59 17.47 -5.29
CA MET A 1 22.42 17.41 -4.41
C MET A 1 22.82 16.82 -3.08
N SER A 2 22.67 17.60 -2.01
CA SER A 2 23.02 17.14 -0.68
C SER A 2 22.29 17.92 0.43
N LEU A 3 21.81 19.13 0.09
CA LEU A 3 21.12 19.97 1.07
C LEU A 3 19.83 19.30 1.55
N GLY A 4 19.07 18.74 0.62
CA GLY A 4 17.82 18.10 0.98
C GLY A 4 18.04 16.68 1.44
N SER A 5 17.04 16.11 2.09
CA SER A 5 17.11 14.75 2.58
C SER A 5 16.78 13.76 1.46
N GLU A 6 16.08 14.26 0.44
CA GLU A 6 15.67 13.46 -0.71
C GLU A 6 14.94 12.18 -0.24
N SER A 7 13.89 12.37 0.53
CA SER A 7 13.13 11.28 1.05
C SER A 7 11.79 11.12 0.36
N GLU A 8 11.83 10.71 -0.89
CA GLU A 8 10.63 10.44 -1.65
C GLU A 8 10.00 9.15 -1.17
N THR A 9 10.83 8.18 -1.00
CA THR A 9 10.42 6.88 -0.55
C THR A 9 10.55 6.78 0.97
N GLY A 10 11.77 6.78 1.45
CA GLY A 10 12.03 6.68 2.87
C GLY A 10 11.56 5.36 3.46
N ASN A 11 10.37 5.38 4.03
CA ASN A 11 9.79 4.21 4.67
C ASN A 11 8.46 3.82 4.01
N ALA A 12 8.28 4.25 2.77
CA ALA A 12 7.09 3.90 2.01
C ALA A 12 7.38 2.71 1.10
N VAL A 13 6.39 1.85 0.91
CA VAL A 13 6.56 0.69 0.06
C VAL A 13 5.38 0.53 -0.88
N VAL A 14 5.58 -0.21 -1.95
CA VAL A 14 4.52 -0.50 -2.90
C VAL A 14 4.07 -1.93 -2.71
N VAL A 15 2.83 -2.11 -2.34
CA VAL A 15 2.29 -3.43 -2.12
C VAL A 15 1.32 -3.78 -3.23
N PHE A 16 1.48 -4.93 -3.81
CA PHE A 16 0.64 -5.35 -4.92
C PHE A 16 0.33 -6.84 -4.83
N GLY A 17 -0.62 -7.28 -5.64
CA GLY A 17 -1.00 -8.69 -5.64
C GLY A 17 -2.45 -8.91 -5.27
N TYR A 18 -3.10 -7.84 -4.84
CA TYR A 18 -4.48 -7.91 -4.45
C TYR A 18 -5.30 -6.84 -5.16
N ARG A 19 -6.61 -6.95 -5.07
CA ARG A 19 -7.50 -6.04 -5.76
C ARG A 19 -8.40 -5.33 -4.76
N GLU A 20 -8.96 -4.19 -5.16
CA GLU A 20 -9.83 -3.43 -4.30
C GLU A 20 -11.19 -4.14 -4.20
N ALA A 21 -11.24 -5.10 -3.29
CA ALA A 21 -12.41 -5.94 -3.08
C ALA A 21 -12.21 -6.77 -1.83
N ILE A 22 -10.96 -7.10 -1.56
CA ILE A 22 -10.56 -7.87 -0.40
C ILE A 22 -10.27 -6.94 0.79
N THR A 23 -10.92 -5.78 0.76
CA THR A 23 -10.73 -4.71 1.74
C THR A 23 -10.65 -5.23 3.18
N LYS A 24 -11.77 -5.70 3.70
CA LYS A 24 -11.86 -6.15 5.09
C LYS A 24 -10.93 -7.30 5.40
N GLN A 25 -10.72 -8.16 4.42
CA GLN A 25 -9.88 -9.34 4.59
C GLN A 25 -8.46 -8.99 5.01
N ILE A 26 -7.72 -8.37 4.10
CA ILE A 26 -6.33 -8.03 4.35
C ILE A 26 -6.21 -6.89 5.38
N LEU A 27 -7.24 -6.05 5.44
CA LEU A 27 -7.24 -4.91 6.35
C LEU A 27 -7.13 -5.36 7.79
N ALA A 28 -7.77 -6.48 8.12
CA ALA A 28 -7.78 -7.01 9.49
C ALA A 28 -6.35 -7.16 10.04
N TYR A 29 -5.38 -7.36 9.16
CA TYR A 29 -3.99 -7.50 9.58
C TYR A 29 -3.24 -6.16 9.51
N PHE A 30 -3.37 -5.45 8.41
CA PHE A 30 -2.59 -4.23 8.18
C PHE A 30 -3.22 -2.96 8.75
N ALA A 31 -4.46 -3.05 9.22
CA ALA A 31 -5.15 -1.89 9.79
C ALA A 31 -4.41 -1.34 10.99
N GLN A 32 -3.65 -2.21 11.64
CA GLN A 32 -2.83 -1.83 12.78
C GLN A 32 -1.78 -0.81 12.36
N PHE A 33 -1.33 -0.93 11.13
CA PHE A 33 -0.32 -0.04 10.60
C PHE A 33 -0.97 1.19 9.96
N GLY A 34 -2.02 0.98 9.19
CA GLY A 34 -2.72 2.09 8.58
C GLY A 34 -3.73 1.66 7.54
N GLU A 35 -4.38 2.64 6.92
CA GLU A 35 -5.35 2.41 5.86
C GLU A 35 -4.62 2.05 4.56
N ILE A 36 -5.26 1.26 3.70
CA ILE A 36 -4.59 0.77 2.49
C ILE A 36 -5.29 1.19 1.20
N LEU A 37 -6.29 0.42 0.81
CA LEU A 37 -6.98 0.61 -0.46
C LEU A 37 -7.74 1.92 -0.49
N GLU A 38 -8.86 1.90 0.20
CA GLU A 38 -9.77 3.03 0.30
C GLU A 38 -10.85 2.60 1.29
N ASP A 39 -10.40 1.91 2.33
CA ASP A 39 -11.27 1.33 3.34
C ASP A 39 -12.11 2.37 4.05
N LEU A 40 -13.37 2.03 4.24
CA LEU A 40 -14.35 2.89 4.86
C LEU A 40 -14.52 2.56 6.34
N GLU A 41 -14.13 1.35 6.71
CA GLU A 41 -14.21 0.92 8.09
C GLU A 41 -12.82 0.53 8.57
N SER A 42 -12.48 0.91 9.79
CA SER A 42 -11.16 0.65 10.33
C SER A 42 -10.95 -0.82 10.64
N GLU A 43 -12.06 -1.54 10.86
CA GLU A 43 -12.04 -2.98 11.18
C GLU A 43 -11.43 -3.26 12.54
N LEU A 44 -11.08 -2.21 13.25
CA LEU A 44 -10.47 -2.36 14.54
C LEU A 44 -11.36 -1.79 15.64
N GLY A 45 -11.88 -0.59 15.41
CA GLY A 45 -12.69 0.07 16.41
C GLY A 45 -11.83 0.76 17.45
N ASP A 46 -10.99 0.00 18.11
CA ASP A 46 -10.06 0.53 19.09
C ASP A 46 -8.67 0.51 18.50
N THR A 47 -7.82 1.43 18.97
CA THR A 47 -6.45 1.56 18.48
C THR A 47 -6.44 2.11 17.03
N GLU A 48 -7.59 2.62 16.63
CA GLU A 48 -7.79 3.21 15.32
C GLU A 48 -6.92 4.46 15.14
N THR A 49 -6.55 5.05 16.26
CA THR A 49 -5.75 6.25 16.27
C THR A 49 -4.26 5.95 16.07
N MET A 50 -3.91 4.68 15.90
CA MET A 50 -2.52 4.32 15.68
C MET A 50 -2.27 4.07 14.19
N ARG A 51 -3.33 4.20 13.40
CA ARG A 51 -3.24 3.98 11.96
C ARG A 51 -2.50 5.15 11.32
N THR A 52 -1.65 4.83 10.32
CA THR A 52 -0.84 5.82 9.59
C THR A 52 0.00 6.74 10.54
N PRO A 53 0.86 7.64 9.98
CA PRO A 53 1.69 8.56 10.79
C PRO A 53 0.88 9.65 11.51
N GLY A 54 -0.41 9.41 11.68
CA GLY A 54 -1.26 10.37 12.35
C GLY A 54 -2.38 10.87 11.45
N TYR A 55 -2.99 9.95 10.72
CA TYR A 55 -4.07 10.28 9.83
C TYR A 55 -5.28 9.43 10.15
N PHE A 56 -6.32 9.61 9.39
CA PHE A 56 -7.54 8.85 9.58
C PHE A 56 -8.13 8.44 8.24
N PHE A 57 -8.89 7.36 8.25
CA PHE A 57 -9.53 6.82 7.05
C PHE A 57 -10.75 7.64 6.67
N GLN A 58 -10.99 8.72 7.41
CA GLN A 58 -12.14 9.59 7.18
C GLN A 58 -12.31 9.93 5.72
N GLN A 59 -13.27 9.29 5.09
CA GLN A 59 -13.55 9.45 3.69
C GLN A 59 -13.99 10.86 3.38
N ALA A 60 -14.89 11.34 4.20
CA ALA A 60 -15.48 12.68 4.06
C ALA A 60 -16.31 12.77 2.76
N PRO A 61 -17.24 13.74 2.67
CA PRO A 61 -18.07 13.90 1.47
C PRO A 61 -17.31 14.50 0.28
N ASN A 62 -16.00 14.67 0.45
CA ASN A 62 -15.18 15.25 -0.60
C ASN A 62 -13.78 14.62 -0.63
N ARG A 63 -13.63 13.54 -1.40
CA ARG A 63 -12.32 12.92 -1.60
C ARG A 63 -12.34 12.10 -2.89
N ARG A 64 -11.31 12.21 -3.68
CA ARG A 64 -11.21 11.40 -4.85
C ARG A 64 -10.41 10.16 -4.55
N ARG A 65 -9.82 10.17 -3.37
CA ARG A 65 -8.98 9.09 -2.90
C ARG A 65 -8.64 9.31 -1.43
N ILE A 66 -8.04 8.31 -0.80
CA ILE A 66 -7.64 8.43 0.61
C ILE A 66 -6.57 9.50 0.76
N SER A 67 -5.62 9.48 -0.16
CA SER A 67 -4.52 10.42 -0.19
C SER A 67 -3.59 9.99 -1.32
N ARG A 68 -3.37 8.70 -1.39
CA ARG A 68 -2.56 8.11 -2.42
C ARG A 68 -3.44 7.64 -3.58
N GLU A 69 -2.93 7.79 -4.78
CA GLU A 69 -3.65 7.36 -5.97
C GLU A 69 -3.38 5.88 -6.28
N HIS A 70 -4.36 5.21 -6.88
CA HIS A 70 -4.22 3.81 -7.26
C HIS A 70 -4.98 3.54 -8.55
N GLY A 71 -4.34 2.87 -9.48
CA GLY A 71 -4.96 2.57 -10.75
C GLY A 71 -5.40 1.13 -10.86
N ARG A 72 -4.49 0.22 -10.57
CA ARG A 72 -4.79 -1.20 -10.65
C ARG A 72 -4.56 -1.88 -9.31
N THR A 73 -4.06 -3.10 -9.37
CA THR A 73 -3.84 -3.93 -8.20
C THR A 73 -2.58 -3.53 -7.40
N TRP A 74 -2.28 -2.24 -7.34
CA TRP A 74 -1.12 -1.75 -6.62
C TRP A 74 -1.49 -0.64 -5.65
N THR A 75 -0.94 -0.70 -4.46
CA THR A 75 -1.17 0.31 -3.44
C THR A 75 0.14 0.67 -2.74
N LYS A 76 0.50 1.94 -2.81
CA LYS A 76 1.69 2.43 -2.10
C LYS A 76 1.30 2.80 -0.68
N LEU A 77 1.87 2.12 0.28
CA LEU A 77 1.53 2.35 1.67
C LEU A 77 2.68 3.08 2.35
N THR A 78 2.39 4.22 2.92
CA THR A 78 3.39 5.01 3.59
C THR A 78 3.41 4.71 5.08
N TYR A 79 4.31 3.82 5.47
CA TYR A 79 4.44 3.44 6.87
C TYR A 79 5.03 4.58 7.70
N ALA A 80 6.05 5.24 7.14
CA ALA A 80 6.78 6.34 7.83
C ALA A 80 7.64 5.81 8.98
N ASN A 81 7.08 4.92 9.78
CA ASN A 81 7.82 4.29 10.88
C ASN A 81 8.79 3.25 10.34
N HIS A 82 10.05 3.38 10.74
CA HIS A 82 11.12 2.51 10.25
C HIS A 82 10.94 1.06 10.75
N SER A 83 10.51 0.90 11.99
CA SER A 83 10.37 -0.42 12.58
C SER A 83 9.38 -1.29 11.79
N SER A 84 8.25 -0.71 11.42
CA SER A 84 7.24 -1.45 10.67
C SER A 84 7.62 -1.57 9.19
N TYR A 85 8.57 -0.72 8.76
CA TYR A 85 9.06 -0.74 7.38
C TYR A 85 9.70 -2.08 7.05
N LEU A 86 10.56 -2.55 7.94
CA LEU A 86 11.26 -3.82 7.76
C LEU A 86 10.27 -4.97 7.70
N ARG A 87 9.27 -4.89 8.53
CA ARG A 87 8.22 -5.90 8.59
C ARG A 87 7.50 -6.03 7.25
N ALA A 88 7.44 -4.94 6.50
CA ALA A 88 6.79 -4.92 5.19
C ALA A 88 7.62 -5.63 4.11
N LEU A 89 8.88 -5.90 4.42
CA LEU A 89 9.79 -6.56 3.47
C LEU A 89 9.54 -8.07 3.38
N ARG A 90 8.60 -8.57 4.19
CA ARG A 90 8.26 -10.01 4.28
C ARG A 90 7.71 -10.62 2.96
N GLU A 91 8.22 -10.19 1.82
CA GLU A 91 7.82 -10.75 0.55
C GLU A 91 8.59 -12.06 0.29
N HIS A 92 8.18 -13.11 0.99
CA HIS A 92 8.81 -14.41 0.83
C HIS A 92 7.76 -15.50 0.78
N GLY A 93 7.12 -15.75 1.90
CA GLY A 93 6.11 -16.77 1.97
C GLY A 93 4.79 -16.22 2.44
N THR A 94 4.55 -14.94 2.16
CA THR A 94 3.32 -14.30 2.57
C THR A 94 2.27 -14.38 1.46
N ILE A 95 1.43 -15.40 1.55
CA ILE A 95 0.37 -15.61 0.60
C ILE A 95 -0.99 -15.43 1.29
N TYR A 96 -1.81 -14.58 0.71
CA TYR A 96 -3.14 -14.32 1.25
C TYR A 96 -4.17 -14.40 0.13
N CYS A 97 -5.29 -15.06 0.41
CA CYS A 97 -6.38 -15.21 -0.55
C CYS A 97 -5.92 -16.05 -1.77
N GLY A 98 -4.81 -16.75 -1.61
CA GLY A 98 -4.30 -17.59 -2.67
C GLY A 98 -3.29 -16.88 -3.56
N ALA A 99 -2.90 -15.67 -3.17
CA ALA A 99 -1.93 -14.90 -3.93
C ALA A 99 -0.84 -14.36 -3.03
N ALA A 100 0.37 -14.28 -3.56
CA ALA A 100 1.48 -13.75 -2.81
C ALA A 100 1.54 -12.24 -2.98
N ILE A 101 1.54 -11.53 -1.87
CA ILE A 101 1.57 -10.10 -1.93
C ILE A 101 3.01 -9.60 -2.04
N GLY A 102 3.22 -8.69 -2.96
CA GLY A 102 4.54 -8.16 -3.19
C GLY A 102 4.73 -6.82 -2.52
N CYS A 103 5.93 -6.58 -2.05
CA CYS A 103 6.25 -5.34 -1.36
C CYS A 103 7.66 -4.87 -1.71
N VAL A 104 7.76 -3.78 -2.44
CA VAL A 104 9.04 -3.23 -2.83
C VAL A 104 9.24 -1.82 -2.27
N PRO A 105 10.49 -1.38 -2.07
CA PRO A 105 10.81 -0.05 -1.51
C PRO A 105 10.61 1.08 -2.54
N TYR A 106 9.48 1.03 -3.25
CA TYR A 106 9.11 1.99 -4.29
C TYR A 106 10.14 2.06 -5.43
N LYS A 107 9.75 1.60 -6.60
CA LYS A 107 10.61 1.63 -7.75
C LYS A 107 9.94 2.38 -8.89
N HIS A 108 10.65 3.33 -9.48
CA HIS A 108 10.11 4.15 -10.55
C HIS A 108 9.80 3.31 -11.79
N GLU A 109 10.62 2.28 -12.01
CA GLU A 109 10.41 1.40 -13.15
C GLU A 109 9.11 0.62 -12.99
N LEU A 110 8.85 0.19 -11.76
CA LEU A 110 7.63 -0.54 -11.46
C LEU A 110 6.42 0.32 -11.76
N ILE A 111 6.50 1.59 -11.39
CA ILE A 111 5.42 2.54 -11.63
C ILE A 111 5.20 2.69 -13.13
N SER A 112 6.29 2.79 -13.88
CA SER A 112 6.21 2.91 -15.33
C SER A 112 5.54 1.68 -15.94
N GLU A 113 5.94 0.51 -15.48
CA GLU A 113 5.38 -0.75 -15.97
C GLU A 113 3.90 -0.85 -15.61
N LEU A 114 3.57 -0.48 -14.38
CA LEU A 114 2.20 -0.53 -13.90
C LEU A 114 1.29 0.41 -14.68
N SER A 115 1.76 1.63 -14.94
CA SER A 115 0.96 2.59 -15.68
C SER A 115 0.79 2.20 -17.15
N ARG A 116 1.83 1.64 -17.74
CA ARG A 116 1.79 1.19 -19.13
C ARG A 116 0.81 0.04 -19.30
N GLU A 117 0.81 -0.89 -18.31
CA GLU A 117 -0.09 -2.08 -18.27
C GLU A 117 -0.15 -2.84 -19.60
N GLY A 118 0.88 -2.71 -20.40
CA GLY A 118 0.91 -3.36 -21.67
C GLY A 118 2.31 -3.50 -22.17
N HIS A 119 2.60 -4.65 -22.74
CA HIS A 119 3.93 -4.91 -23.27
C HIS A 119 3.81 -5.49 -24.67
N HIS A 120 4.81 -5.24 -25.49
CA HIS A 120 4.79 -5.68 -26.87
C HIS A 120 5.48 -7.04 -27.02
N HIS A 121 4.67 -8.08 -27.14
CA HIS A 121 5.17 -9.45 -27.34
C HIS A 121 4.35 -10.14 -28.41
N HIS A 122 3.76 -9.34 -29.29
CA HIS A 122 2.88 -9.85 -30.33
C HIS A 122 3.61 -10.73 -31.33
N HIS A 123 4.51 -10.15 -32.10
CA HIS A 123 5.25 -10.88 -33.12
C HIS A 123 6.44 -10.08 -33.61
N HIS A 124 7.54 -10.75 -33.87
CA HIS A 124 8.73 -10.10 -34.37
C HIS A 124 8.56 -9.77 -35.85
N MET A 1 22.30 18.96 -16.64
CA MET A 1 22.22 17.53 -16.31
C MET A 1 22.24 17.35 -14.80
N SER A 2 21.07 17.16 -14.21
CA SER A 2 20.98 16.97 -12.78
C SER A 2 21.03 15.49 -12.42
N LEU A 3 22.00 15.15 -11.58
CA LEU A 3 22.22 13.77 -11.14
C LEU A 3 21.05 13.23 -10.30
N GLY A 4 20.50 14.08 -9.43
CA GLY A 4 19.41 13.67 -8.56
C GLY A 4 18.18 13.24 -9.33
N SER A 5 17.65 12.08 -8.98
CA SER A 5 16.47 11.53 -9.60
C SER A 5 15.19 12.05 -8.92
N GLU A 6 14.05 11.83 -9.56
CA GLU A 6 12.76 12.26 -9.01
C GLU A 6 12.14 11.13 -8.19
N SER A 7 12.90 10.09 -7.99
CA SER A 7 12.44 8.94 -7.28
C SER A 7 13.47 8.58 -6.22
N GLU A 8 13.22 9.03 -5.03
CA GLU A 8 14.11 8.81 -3.92
C GLU A 8 13.55 7.76 -2.96
N THR A 9 12.39 7.22 -3.33
CA THR A 9 11.69 6.19 -2.55
C THR A 9 11.08 6.74 -1.26
N GLY A 10 11.90 7.30 -0.41
CA GLY A 10 11.44 7.84 0.85
C GLY A 10 11.01 6.75 1.81
N ASN A 11 9.95 7.01 2.57
CA ASN A 11 9.43 6.07 3.55
C ASN A 11 8.20 5.36 2.98
N ALA A 12 7.97 5.53 1.69
CA ALA A 12 6.82 4.95 1.03
C ALA A 12 7.18 3.62 0.39
N VAL A 13 6.27 2.67 0.49
CA VAL A 13 6.44 1.37 -0.13
C VAL A 13 5.24 1.08 -1.00
N VAL A 14 5.41 0.18 -1.94
CA VAL A 14 4.35 -0.18 -2.83
C VAL A 14 3.96 -1.63 -2.59
N VAL A 15 2.70 -1.84 -2.30
CA VAL A 15 2.18 -3.16 -2.10
C VAL A 15 1.27 -3.51 -3.25
N PHE A 16 1.54 -4.61 -3.90
CA PHE A 16 0.75 -5.02 -5.04
C PHE A 16 0.40 -6.50 -4.97
N GLY A 17 -0.54 -6.90 -5.81
CA GLY A 17 -0.97 -8.28 -5.82
C GLY A 17 -2.45 -8.42 -5.56
N TYR A 18 -3.10 -7.31 -5.22
CA TYR A 18 -4.52 -7.31 -4.94
C TYR A 18 -5.22 -6.17 -5.68
N ARG A 19 -6.53 -6.05 -5.44
CA ARG A 19 -7.34 -5.01 -6.05
C ARG A 19 -8.29 -4.42 -5.01
N GLU A 20 -8.86 -3.27 -5.30
CA GLU A 20 -9.79 -2.63 -4.39
C GLU A 20 -11.13 -3.37 -4.42
N ALA A 21 -11.24 -4.35 -3.54
CA ALA A 21 -12.44 -5.18 -3.39
C ALA A 21 -12.23 -6.16 -2.23
N ILE A 22 -10.98 -6.59 -2.07
CA ILE A 22 -10.58 -7.52 -1.01
C ILE A 22 -10.25 -6.78 0.27
N THR A 23 -10.75 -5.55 0.37
CA THR A 23 -10.43 -4.65 1.45
C THR A 23 -10.62 -5.28 2.83
N LYS A 24 -11.76 -5.90 3.06
CA LYS A 24 -12.08 -6.44 4.36
C LYS A 24 -11.03 -7.46 4.82
N GLN A 25 -10.48 -8.21 3.88
CA GLN A 25 -9.51 -9.24 4.19
C GLN A 25 -8.12 -8.66 4.51
N ILE A 26 -7.45 -8.10 3.48
CA ILE A 26 -6.08 -7.59 3.65
C ILE A 26 -5.99 -6.41 4.62
N LEU A 27 -7.05 -5.63 4.70
CA LEU A 27 -7.09 -4.49 5.62
C LEU A 27 -6.90 -4.93 7.04
N ALA A 28 -7.59 -5.99 7.42
CA ALA A 28 -7.50 -6.51 8.78
C ALA A 28 -6.08 -6.99 9.08
N TYR A 29 -5.44 -7.57 8.08
CA TYR A 29 -4.11 -8.11 8.21
C TYR A 29 -3.07 -7.01 8.54
N PHE A 30 -3.10 -5.91 7.78
CA PHE A 30 -2.11 -4.83 7.98
C PHE A 30 -2.62 -3.72 8.91
N ALA A 31 -3.90 -3.78 9.28
CA ALA A 31 -4.50 -2.78 10.19
C ALA A 31 -3.88 -2.85 11.57
N GLN A 32 -3.00 -3.82 11.76
CA GLN A 32 -2.27 -4.00 13.00
C GLN A 32 -1.47 -2.74 13.33
N PHE A 33 -0.96 -2.10 12.29
CA PHE A 33 -0.13 -0.92 12.46
C PHE A 33 -0.49 0.21 11.48
N GLY A 34 -1.60 0.05 10.76
CA GLY A 34 -1.98 1.06 9.80
C GLY A 34 -3.35 0.81 9.20
N GLU A 35 -3.63 1.45 8.08
CA GLU A 35 -4.90 1.30 7.38
C GLU A 35 -4.65 1.33 5.88
N ILE A 36 -5.45 0.58 5.13
CA ILE A 36 -5.23 0.48 3.70
C ILE A 36 -6.56 0.54 2.94
N LEU A 37 -6.50 1.00 1.68
CA LEU A 37 -7.65 1.12 0.79
C LEU A 37 -8.62 2.21 1.26
N GLU A 38 -9.75 2.34 0.57
CA GLU A 38 -10.72 3.40 0.88
C GLU A 38 -12.08 2.83 1.29
N ASP A 39 -12.06 1.69 1.93
CA ASP A 39 -13.29 1.06 2.42
C ASP A 39 -13.00 0.38 3.74
N LEU A 40 -13.94 0.45 4.66
CA LEU A 40 -13.72 -0.13 5.98
C LEU A 40 -14.92 -0.97 6.43
N GLU A 41 -15.97 -0.28 6.86
CA GLU A 41 -17.22 -0.90 7.36
C GLU A 41 -16.99 -1.64 8.69
N SER A 42 -16.21 -2.70 8.64
CA SER A 42 -15.86 -3.48 9.82
C SER A 42 -14.53 -4.18 9.61
N GLU A 43 -13.45 -3.51 9.97
CA GLU A 43 -12.11 -4.06 9.81
C GLU A 43 -11.81 -5.04 10.93
N LEU A 44 -11.57 -4.50 12.11
CA LEU A 44 -11.29 -5.30 13.28
C LEU A 44 -11.66 -4.55 14.55
N GLY A 45 -11.81 -5.29 15.65
CA GLY A 45 -12.15 -4.66 16.91
C GLY A 45 -11.05 -4.81 17.94
N ASP A 46 -9.95 -5.39 17.52
CA ASP A 46 -8.80 -5.61 18.39
C ASP A 46 -7.53 -5.14 17.68
N THR A 47 -6.47 -4.84 18.44
CA THR A 47 -5.17 -4.37 17.91
C THR A 47 -5.30 -3.09 17.07
N GLU A 48 -6.40 -2.41 17.26
CA GLU A 48 -6.71 -1.21 16.49
C GLU A 48 -6.04 0.03 17.08
N THR A 49 -5.43 -0.12 18.24
CA THR A 49 -4.80 1.00 18.92
C THR A 49 -3.38 1.24 18.42
N MET A 50 -2.89 0.34 17.59
CA MET A 50 -1.53 0.42 17.09
C MET A 50 -1.44 0.95 15.65
N ARG A 51 -2.53 1.51 15.14
CA ARG A 51 -2.52 2.03 13.78
C ARG A 51 -1.77 3.36 13.72
N THR A 52 -0.74 3.41 12.87
CA THR A 52 0.08 4.62 12.64
C THR A 52 0.72 5.15 13.95
N PRO A 53 1.57 6.20 13.87
CA PRO A 53 2.22 6.77 15.05
C PRO A 53 1.29 7.67 15.90
N GLY A 54 -0.02 7.43 15.85
CA GLY A 54 -0.93 8.24 16.67
C GLY A 54 -2.37 8.30 16.21
N TYR A 55 -2.62 8.05 14.93
CA TYR A 55 -3.97 8.11 14.40
C TYR A 55 -4.52 6.73 14.12
N PHE A 56 -5.49 6.34 14.92
CA PHE A 56 -6.14 5.06 14.77
C PHE A 56 -6.89 5.02 13.44
N PHE A 57 -8.00 5.75 13.39
CA PHE A 57 -8.79 5.90 12.18
C PHE A 57 -9.83 6.97 12.43
N GLN A 58 -9.92 7.91 11.52
CA GLN A 58 -10.82 9.03 11.70
C GLN A 58 -12.05 8.88 10.83
N GLN A 59 -13.20 8.87 11.47
CA GLN A 59 -14.48 8.72 10.79
C GLN A 59 -15.10 10.11 10.59
N ALA A 60 -14.27 11.13 10.78
CA ALA A 60 -14.68 12.52 10.65
C ALA A 60 -15.22 12.81 9.24
N PRO A 61 -16.01 13.88 9.08
CA PRO A 61 -16.59 14.27 7.78
C PRO A 61 -15.54 14.66 6.72
N ASN A 62 -14.34 15.03 7.16
CA ASN A 62 -13.29 15.44 6.24
C ASN A 62 -12.03 14.64 6.48
N ARG A 63 -11.93 13.52 5.79
CA ARG A 63 -10.76 12.65 5.88
C ARG A 63 -10.68 11.73 4.66
N ARG A 64 -9.47 11.40 4.25
CA ARG A 64 -9.26 10.52 3.12
C ARG A 64 -8.61 9.21 3.56
N ARG A 65 -8.79 8.87 4.85
CA ARG A 65 -8.25 7.66 5.45
C ARG A 65 -6.76 7.49 5.19
N ILE A 66 -6.45 6.74 4.13
CA ILE A 66 -5.10 6.47 3.74
C ILE A 66 -4.37 7.75 3.31
N SER A 67 -5.07 8.59 2.56
CA SER A 67 -4.55 9.86 2.10
C SER A 67 -3.28 9.68 1.27
N ARG A 68 -3.13 8.52 0.65
CA ARG A 68 -1.98 8.23 -0.17
C ARG A 68 -2.42 7.80 -1.55
N GLU A 69 -1.55 8.02 -2.53
CA GLU A 69 -1.83 7.68 -3.90
C GLU A 69 -1.73 6.17 -4.14
N HIS A 70 -2.65 5.65 -4.94
CA HIS A 70 -2.67 4.23 -5.25
C HIS A 70 -3.13 4.01 -6.68
N GLY A 71 -2.89 2.82 -7.19
CA GLY A 71 -3.30 2.49 -8.53
C GLY A 71 -4.46 1.52 -8.54
N ARG A 72 -4.40 0.55 -9.42
CA ARG A 72 -5.46 -0.45 -9.52
C ARG A 72 -5.05 -1.74 -8.86
N THR A 73 -3.86 -2.18 -9.14
CA THR A 73 -3.37 -3.42 -8.60
C THR A 73 -2.23 -3.19 -7.60
N TRP A 74 -1.92 -1.93 -7.37
CA TRP A 74 -0.84 -1.56 -6.46
C TRP A 74 -1.23 -0.39 -5.59
N THR A 75 -0.76 -0.38 -4.37
CA THR A 75 -1.03 0.67 -3.43
C THR A 75 0.25 1.22 -2.84
N LYS A 76 0.43 2.53 -2.91
CA LYS A 76 1.58 3.18 -2.33
C LYS A 76 1.19 3.74 -0.98
N LEU A 77 1.70 3.12 0.07
CA LEU A 77 1.35 3.53 1.42
C LEU A 77 2.59 3.81 2.26
N THR A 78 2.50 4.85 3.08
CA THR A 78 3.58 5.26 3.94
C THR A 78 3.20 5.04 5.40
N TYR A 79 4.02 4.30 6.14
CA TYR A 79 3.77 4.05 7.56
C TYR A 79 4.36 5.15 8.43
N ALA A 80 5.13 6.04 7.79
CA ALA A 80 5.78 7.18 8.45
C ALA A 80 6.83 6.73 9.47
N ASN A 81 7.22 5.48 9.40
CA ASN A 81 8.24 4.94 10.29
C ASN A 81 9.08 3.91 9.56
N HIS A 82 10.22 3.59 10.12
CA HIS A 82 11.09 2.60 9.52
C HIS A 82 10.83 1.22 10.10
N SER A 83 10.22 1.19 11.26
CA SER A 83 9.93 -0.05 11.94
C SER A 83 9.02 -0.94 11.10
N SER A 84 7.95 -0.35 10.56
CA SER A 84 7.03 -1.10 9.74
C SER A 84 7.49 -1.16 8.29
N TYR A 85 8.41 -0.27 7.94
CA TYR A 85 8.95 -0.18 6.58
C TYR A 85 9.62 -1.50 6.17
N LEU A 86 10.54 -1.98 7.01
CA LEU A 86 11.24 -3.24 6.75
C LEU A 86 10.32 -4.45 6.93
N ARG A 87 9.48 -4.39 7.96
CA ARG A 87 8.57 -5.49 8.31
C ARG A 87 7.54 -5.77 7.20
N ALA A 88 7.05 -4.73 6.57
CA ALA A 88 6.03 -4.86 5.53
C ALA A 88 6.58 -5.57 4.27
N LEU A 89 7.89 -5.57 4.13
CA LEU A 89 8.56 -6.12 2.95
C LEU A 89 8.48 -7.65 2.87
N ARG A 90 7.92 -8.28 3.89
CA ARG A 90 7.81 -9.75 3.95
C ARG A 90 7.18 -10.34 2.68
N GLU A 91 7.87 -11.31 2.10
CA GLU A 91 7.39 -12.02 0.92
C GLU A 91 7.42 -13.52 1.21
N HIS A 92 8.18 -14.26 0.41
CA HIS A 92 8.37 -15.71 0.58
C HIS A 92 7.04 -16.48 0.62
N GLY A 93 6.57 -16.75 1.83
CA GLY A 93 5.35 -17.51 2.00
C GLY A 93 4.15 -16.64 2.26
N THR A 94 4.32 -15.34 2.15
CA THR A 94 3.23 -14.42 2.35
C THR A 94 2.30 -14.45 1.14
N ILE A 95 1.38 -15.39 1.18
CA ILE A 95 0.42 -15.58 0.11
C ILE A 95 -0.97 -15.26 0.62
N TYR A 96 -1.63 -14.36 -0.06
CA TYR A 96 -2.96 -13.94 0.30
C TYR A 96 -3.86 -14.08 -0.90
N CYS A 97 -5.05 -14.64 -0.69
CA CYS A 97 -6.03 -14.81 -1.76
C CYS A 97 -5.49 -15.74 -2.87
N GLY A 98 -4.48 -16.54 -2.52
CA GLY A 98 -3.89 -17.45 -3.48
C GLY A 98 -2.78 -16.82 -4.31
N ALA A 99 -2.30 -15.66 -3.87
CA ALA A 99 -1.20 -14.99 -4.56
C ALA A 99 -0.24 -14.37 -3.57
N ALA A 100 1.03 -14.34 -3.92
CA ALA A 100 2.03 -13.74 -3.05
C ALA A 100 1.87 -12.23 -3.04
N ILE A 101 2.01 -11.64 -1.87
CA ILE A 101 1.90 -10.21 -1.73
C ILE A 101 3.24 -9.56 -2.07
N GLY A 102 3.21 -8.60 -2.96
CA GLY A 102 4.43 -7.96 -3.34
C GLY A 102 4.62 -6.63 -2.64
N CYS A 103 5.42 -6.64 -1.62
CA CYS A 103 5.74 -5.42 -0.88
C CYS A 103 7.17 -5.04 -1.11
N VAL A 104 7.39 -3.96 -1.83
CA VAL A 104 8.72 -3.47 -2.12
C VAL A 104 8.77 -1.96 -1.96
N PRO A 105 9.97 -1.38 -1.76
CA PRO A 105 10.14 0.06 -1.66
C PRO A 105 9.75 0.76 -2.97
N TYR A 106 9.32 2.01 -2.89
CA TYR A 106 8.87 2.75 -4.06
C TYR A 106 9.96 2.81 -5.14
N LYS A 107 9.57 2.41 -6.35
CA LYS A 107 10.46 2.40 -7.50
C LYS A 107 9.74 3.03 -8.68
N HIS A 108 10.43 3.87 -9.44
CA HIS A 108 9.81 4.53 -10.59
C HIS A 108 9.47 3.52 -11.69
N GLU A 109 10.38 2.57 -11.92
CA GLU A 109 10.19 1.56 -12.96
C GLU A 109 9.04 0.64 -12.60
N LEU A 110 8.89 0.36 -11.31
CA LEU A 110 7.85 -0.54 -10.83
C LEU A 110 6.48 -0.04 -11.20
N ILE A 111 6.27 1.27 -11.06
CA ILE A 111 4.98 1.87 -11.36
C ILE A 111 4.64 1.67 -12.83
N SER A 112 5.60 1.95 -13.71
CA SER A 112 5.38 1.83 -15.14
C SER A 112 5.12 0.40 -15.59
N GLU A 113 5.84 -0.56 -15.01
CA GLU A 113 5.70 -1.97 -15.39
C GLU A 113 4.29 -2.48 -15.10
N LEU A 114 3.81 -2.24 -13.88
CA LEU A 114 2.48 -2.66 -13.47
C LEU A 114 1.38 -1.94 -14.25
N SER A 115 1.60 -0.67 -14.54
CA SER A 115 0.61 0.14 -15.25
C SER A 115 0.36 -0.38 -16.68
N ARG A 116 1.24 -1.23 -17.17
CA ARG A 116 1.09 -1.78 -18.52
C ARG A 116 0.31 -3.10 -18.47
N GLU A 117 -0.07 -3.50 -17.25
CA GLU A 117 -0.82 -4.75 -17.01
C GLU A 117 0.00 -5.98 -17.40
N GLY A 118 1.29 -5.80 -17.46
CA GLY A 118 2.16 -6.88 -17.84
C GLY A 118 3.11 -6.46 -18.93
N HIS A 119 4.37 -6.39 -18.60
CA HIS A 119 5.38 -6.00 -19.56
C HIS A 119 5.88 -7.21 -20.35
N HIS A 120 5.15 -7.54 -21.41
CA HIS A 120 5.47 -8.66 -22.30
C HIS A 120 5.73 -9.95 -21.50
N HIS A 121 6.82 -10.65 -21.80
CA HIS A 121 7.17 -11.89 -21.12
C HIS A 121 8.68 -12.01 -21.04
N HIS A 122 9.16 -12.89 -20.18
CA HIS A 122 10.58 -13.11 -20.07
C HIS A 122 11.04 -14.18 -21.06
N HIS A 123 11.36 -13.76 -22.26
CA HIS A 123 11.88 -14.68 -23.26
C HIS A 123 13.38 -14.59 -23.28
N HIS A 124 14.01 -15.23 -22.32
CA HIS A 124 15.46 -15.21 -22.19
C HIS A 124 15.90 -16.29 -21.22
N MET A 1 26.80 22.39 0.62
CA MET A 1 27.38 21.11 1.10
C MET A 1 26.45 19.96 0.84
N SER A 2 25.34 19.91 1.56
CA SER A 2 24.39 18.82 1.40
C SER A 2 22.97 19.27 1.77
N LEU A 3 22.01 18.90 0.94
CA LEU A 3 20.60 19.20 1.19
C LEU A 3 19.83 17.89 1.37
N GLY A 4 18.85 17.89 2.24
CA GLY A 4 18.07 16.69 2.47
C GLY A 4 16.70 16.75 1.84
N SER A 5 16.32 15.69 1.14
CA SER A 5 15.00 15.60 0.53
C SER A 5 13.96 15.24 1.58
N GLU A 6 12.75 15.78 1.43
CA GLU A 6 11.66 15.50 2.35
C GLU A 6 11.00 14.18 2.01
N SER A 7 11.34 13.69 0.85
CA SER A 7 10.79 12.47 0.34
C SER A 7 11.90 11.64 -0.24
N GLU A 8 12.44 10.78 0.57
CA GLU A 8 13.56 9.92 0.18
C GLU A 8 13.08 8.83 -0.77
N THR A 9 11.76 8.76 -0.92
CA THR A 9 11.08 7.78 -1.78
C THR A 9 11.10 6.37 -1.18
N GLY A 10 12.22 6.00 -0.57
CA GLY A 10 12.34 4.70 0.04
C GLY A 10 11.62 4.62 1.37
N ASN A 11 10.71 5.55 1.60
CA ASN A 11 9.93 5.60 2.83
C ASN A 11 8.58 4.94 2.58
N ALA A 12 8.42 4.39 1.39
CA ALA A 12 7.19 3.76 1.00
C ALA A 12 7.45 2.49 0.22
N VAL A 13 6.60 1.51 0.40
CA VAL A 13 6.69 0.27 -0.33
C VAL A 13 5.44 0.06 -1.16
N VAL A 14 5.56 -0.69 -2.20
CA VAL A 14 4.43 -0.95 -3.07
C VAL A 14 4.09 -2.42 -3.00
N VAL A 15 2.84 -2.71 -2.72
CA VAL A 15 2.39 -4.07 -2.63
C VAL A 15 1.39 -4.35 -3.73
N PHE A 16 1.57 -5.44 -4.43
CA PHE A 16 0.71 -5.79 -5.54
C PHE A 16 0.44 -7.28 -5.57
N GLY A 17 -0.57 -7.68 -6.33
CA GLY A 17 -0.93 -9.08 -6.43
C GLY A 17 -2.37 -9.32 -6.02
N TYR A 18 -2.99 -8.30 -5.46
CA TYR A 18 -4.37 -8.39 -5.03
C TYR A 18 -5.23 -7.34 -5.73
N ARG A 19 -6.49 -7.23 -5.31
CA ARG A 19 -7.42 -6.29 -5.94
C ARG A 19 -8.26 -5.57 -4.88
N GLU A 20 -8.98 -4.53 -5.28
CA GLU A 20 -9.79 -3.70 -4.36
C GLU A 20 -10.85 -4.52 -3.60
N ALA A 21 -11.31 -5.60 -4.21
CA ALA A 21 -12.36 -6.43 -3.62
C ALA A 21 -11.90 -7.15 -2.34
N ILE A 22 -10.60 -7.19 -2.09
CA ILE A 22 -10.08 -7.90 -0.91
C ILE A 22 -9.60 -6.96 0.18
N THR A 23 -9.95 -5.67 0.08
CA THR A 23 -9.47 -4.66 1.04
C THR A 23 -9.70 -5.10 2.48
N LYS A 24 -10.90 -5.59 2.76
CA LYS A 24 -11.29 -5.99 4.10
C LYS A 24 -10.29 -6.99 4.72
N GLN A 25 -9.76 -7.88 3.88
CA GLN A 25 -8.84 -8.93 4.35
C GLN A 25 -7.47 -8.37 4.76
N ILE A 26 -6.80 -7.68 3.82
CA ILE A 26 -5.47 -7.10 4.08
C ILE A 26 -5.57 -5.94 5.09
N LEU A 27 -6.76 -5.38 5.18
CA LEU A 27 -7.07 -4.27 6.07
C LEU A 27 -6.82 -4.65 7.54
N ALA A 28 -7.21 -5.86 7.88
CA ALA A 28 -7.07 -6.35 9.25
C ALA A 28 -5.60 -6.50 9.67
N TYR A 29 -4.73 -6.86 8.74
CA TYR A 29 -3.33 -7.10 9.07
C TYR A 29 -2.46 -5.84 8.87
N PHE A 30 -2.23 -5.48 7.62
CA PHE A 30 -1.34 -4.36 7.29
C PHE A 30 -1.93 -3.01 7.67
N ALA A 31 -3.23 -2.85 7.51
CA ALA A 31 -3.88 -1.56 7.76
C ALA A 31 -4.12 -1.32 9.24
N GLN A 32 -3.80 -2.31 10.06
CA GLN A 32 -3.98 -2.21 11.49
C GLN A 32 -3.17 -1.03 12.04
N PHE A 33 -2.05 -0.75 11.39
CA PHE A 33 -1.18 0.35 11.80
C PHE A 33 -1.10 1.42 10.71
N GLY A 34 -1.92 1.29 9.67
CA GLY A 34 -1.83 2.24 8.57
C GLY A 34 -3.03 2.21 7.64
N GLU A 35 -2.78 2.30 6.36
CA GLU A 35 -3.83 2.34 5.34
C GLU A 35 -3.38 1.58 4.11
N ILE A 36 -4.30 0.86 3.46
CA ILE A 36 -3.92 0.07 2.29
C ILE A 36 -4.75 0.46 1.07
N LEU A 37 -5.96 -0.06 0.99
CA LEU A 37 -6.85 0.23 -0.13
C LEU A 37 -8.06 1.01 0.36
N GLU A 38 -8.98 1.25 -0.56
CA GLU A 38 -10.22 1.94 -0.24
C GLU A 38 -11.33 0.91 0.03
N ASP A 39 -12.56 1.40 0.28
CA ASP A 39 -13.70 0.54 0.67
C ASP A 39 -13.47 0.00 2.08
N LEU A 40 -13.83 0.82 3.06
CA LEU A 40 -13.52 0.55 4.45
C LEU A 40 -14.74 0.07 5.25
N GLU A 41 -15.77 0.91 5.32
CA GLU A 41 -16.92 0.68 6.19
C GLU A 41 -16.41 0.49 7.63
N SER A 42 -16.82 -0.57 8.30
CA SER A 42 -16.25 -0.87 9.61
C SER A 42 -14.88 -1.50 9.38
N GLU A 43 -13.89 -0.66 9.29
CA GLU A 43 -12.55 -1.07 8.92
C GLU A 43 -11.82 -1.91 9.98
N LEU A 44 -11.66 -1.37 11.17
CA LEU A 44 -10.97 -2.06 12.22
C LEU A 44 -11.77 -2.02 13.49
N GLY A 45 -12.18 -0.83 13.87
CA GLY A 45 -12.93 -0.66 15.09
C GLY A 45 -12.02 -0.28 16.24
N ASP A 46 -12.06 1.00 16.64
CA ASP A 46 -11.28 1.55 17.77
C ASP A 46 -9.81 1.77 17.42
N THR A 47 -9.23 0.83 16.69
CA THR A 47 -7.82 0.93 16.30
C THR A 47 -7.65 1.79 15.07
N GLU A 48 -8.75 2.39 14.68
CA GLU A 48 -8.82 3.32 13.59
C GLU A 48 -7.89 4.52 13.83
N THR A 49 -7.74 4.88 15.10
CA THR A 49 -6.93 6.01 15.49
C THR A 49 -5.45 5.63 15.60
N MET A 50 -5.11 4.45 15.13
CA MET A 50 -3.74 3.95 15.15
C MET A 50 -3.13 3.99 13.77
N ARG A 51 -3.85 4.56 12.82
CA ARG A 51 -3.40 4.58 11.43
C ARG A 51 -2.41 5.71 11.16
N THR A 52 -1.14 5.34 10.98
CA THR A 52 -0.04 6.28 10.68
C THR A 52 -0.03 7.54 11.56
N PRO A 53 0.66 7.46 12.72
CA PRO A 53 0.75 8.60 13.64
C PRO A 53 1.43 9.81 12.98
N GLY A 54 0.69 10.91 12.89
CA GLY A 54 1.20 12.11 12.27
C GLY A 54 0.32 12.57 11.13
N TYR A 55 -0.22 11.61 10.40
CA TYR A 55 -1.10 11.92 9.28
C TYR A 55 -2.36 11.09 9.34
N PHE A 56 -3.39 11.64 9.94
CA PHE A 56 -4.67 10.96 10.06
C PHE A 56 -5.68 11.60 9.13
N PHE A 57 -6.72 10.86 8.85
CA PHE A 57 -7.77 11.29 7.96
C PHE A 57 -9.11 11.26 8.69
N GLN A 58 -10.11 11.83 8.10
CA GLN A 58 -11.43 11.89 8.70
C GLN A 58 -12.48 11.53 7.67
N GLN A 59 -13.72 11.40 8.11
CA GLN A 59 -14.80 11.07 7.20
C GLN A 59 -15.36 12.40 6.65
N ALA A 60 -16.70 12.50 6.53
CA ALA A 60 -17.36 13.70 6.01
C ALA A 60 -17.13 13.84 4.49
N PRO A 61 -17.92 14.68 3.80
CA PRO A 61 -17.74 14.89 2.35
C PRO A 61 -16.37 15.46 2.03
N ASN A 62 -15.87 15.15 0.83
CA ASN A 62 -14.56 15.60 0.35
C ASN A 62 -13.43 15.01 1.19
N ARG A 63 -13.68 13.87 1.82
CA ARG A 63 -12.65 13.21 2.62
C ARG A 63 -11.68 12.49 1.76
N ARG A 64 -12.15 12.16 0.56
CA ARG A 64 -11.44 11.35 -0.37
C ARG A 64 -11.15 9.99 0.26
N ARG A 65 -10.57 9.12 -0.47
CA ARG A 65 -10.18 7.88 0.09
C ARG A 65 -8.69 7.73 -0.11
N ILE A 66 -8.02 7.08 0.86
CA ILE A 66 -6.55 6.91 0.89
C ILE A 66 -5.79 8.24 0.76
N SER A 67 -4.97 8.51 1.74
CA SER A 67 -4.25 9.77 1.83
C SER A 67 -3.06 9.83 0.87
N ARG A 68 -2.83 8.77 0.16
CA ARG A 68 -1.72 8.68 -0.77
C ARG A 68 -2.22 8.29 -2.14
N GLU A 69 -1.47 8.63 -3.17
CA GLU A 69 -1.84 8.27 -4.53
C GLU A 69 -1.61 6.78 -4.77
N HIS A 70 -2.65 6.09 -5.20
CA HIS A 70 -2.58 4.65 -5.42
C HIS A 70 -2.95 4.30 -6.85
N GLY A 71 -2.67 3.06 -7.23
CA GLY A 71 -3.02 2.61 -8.54
C GLY A 71 -4.28 1.78 -8.51
N ARG A 72 -4.40 0.85 -9.43
CA ARG A 72 -5.58 -0.01 -9.49
C ARG A 72 -5.41 -1.25 -8.65
N THR A 73 -4.38 -1.99 -8.91
CA THR A 73 -4.14 -3.22 -8.21
C THR A 73 -2.90 -3.12 -7.32
N TRP A 74 -2.41 -1.90 -7.14
CA TRP A 74 -1.26 -1.66 -6.31
C TRP A 74 -1.44 -0.41 -5.49
N THR A 75 -0.88 -0.40 -4.32
CA THR A 75 -0.93 0.77 -3.47
C THR A 75 0.39 0.92 -2.73
N LYS A 76 0.79 2.14 -2.45
CA LYS A 76 2.02 2.36 -1.73
C LYS A 76 1.72 2.55 -0.25
N LEU A 77 2.48 1.88 0.56
CA LEU A 77 2.29 1.93 1.98
C LEU A 77 3.37 2.79 2.61
N THR A 78 2.96 3.88 3.21
CA THR A 78 3.86 4.75 3.90
C THR A 78 3.56 4.65 5.38
N TYR A 79 4.48 4.08 6.14
CA TYR A 79 4.28 3.89 7.56
C TYR A 79 4.99 4.93 8.40
N ALA A 80 5.74 5.82 7.72
CA ALA A 80 6.50 6.91 8.37
C ALA A 80 7.67 6.37 9.21
N ASN A 81 7.37 5.49 10.14
CA ASN A 81 8.39 4.90 11.01
C ASN A 81 9.05 3.73 10.31
N HIS A 82 10.34 3.60 10.52
CA HIS A 82 11.11 2.52 9.91
C HIS A 82 10.69 1.17 10.47
N SER A 83 10.33 1.15 11.75
CA SER A 83 9.92 -0.08 12.42
C SER A 83 8.68 -0.70 11.77
N SER A 84 7.69 0.12 11.50
CA SER A 84 6.49 -0.32 10.84
C SER A 84 6.75 -0.54 9.34
N TYR A 85 7.66 0.26 8.78
CA TYR A 85 8.06 0.15 7.38
C TYR A 85 8.64 -1.22 7.07
N LEU A 86 9.55 -1.68 7.90
CA LEU A 86 10.21 -2.93 7.68
C LEU A 86 9.23 -4.10 7.71
N ARG A 87 8.27 -4.05 8.61
CA ARG A 87 7.28 -5.10 8.73
C ARG A 87 6.34 -5.14 7.52
N ALA A 88 6.30 -4.05 6.77
CA ALA A 88 5.48 -3.96 5.56
C ALA A 88 6.13 -4.72 4.40
N LEU A 89 7.40 -5.09 4.57
CA LEU A 89 8.19 -5.80 3.56
C LEU A 89 7.74 -7.24 3.34
N ARG A 90 6.75 -7.69 4.15
CA ARG A 90 6.19 -9.07 4.09
C ARG A 90 6.21 -9.67 2.69
N GLU A 91 7.20 -10.52 2.45
CA GLU A 91 7.33 -11.25 1.21
C GLU A 91 8.32 -12.36 1.39
N HIS A 92 7.86 -13.42 2.02
CA HIS A 92 8.67 -14.59 2.27
C HIS A 92 7.89 -15.79 1.77
N GLY A 93 7.19 -15.59 0.66
CA GLY A 93 6.33 -16.62 0.14
C GLY A 93 4.98 -16.57 0.82
N THR A 94 4.66 -15.39 1.34
CA THR A 94 3.42 -15.14 2.01
C THR A 94 2.24 -15.28 1.05
N ILE A 95 1.51 -16.37 1.18
CA ILE A 95 0.39 -16.63 0.30
C ILE A 95 -0.89 -16.11 0.93
N TYR A 96 -1.54 -15.22 0.22
CA TYR A 96 -2.77 -14.64 0.70
C TYR A 96 -3.70 -14.44 -0.49
N CYS A 97 -4.96 -14.80 -0.32
CA CYS A 97 -5.97 -14.69 -1.39
C CYS A 97 -5.71 -15.68 -2.52
N GLY A 98 -4.88 -16.68 -2.24
CA GLY A 98 -4.61 -17.73 -3.23
C GLY A 98 -3.26 -17.59 -3.91
N ALA A 99 -2.58 -16.47 -3.68
CA ALA A 99 -1.28 -16.24 -4.29
C ALA A 99 -0.37 -15.47 -3.35
N ALA A 100 0.91 -15.52 -3.60
CA ALA A 100 1.85 -14.77 -2.79
C ALA A 100 1.78 -13.29 -3.14
N ILE A 101 1.70 -12.44 -2.13
CA ILE A 101 1.65 -11.02 -2.36
C ILE A 101 3.06 -10.44 -2.45
N GLY A 102 3.30 -9.64 -3.46
CA GLY A 102 4.62 -9.10 -3.68
C GLY A 102 4.76 -7.69 -3.17
N CYS A 103 5.73 -7.49 -2.31
CA CYS A 103 6.00 -6.17 -1.75
C CYS A 103 7.45 -5.77 -1.98
N VAL A 104 7.65 -4.61 -2.57
CA VAL A 104 8.98 -4.06 -2.82
C VAL A 104 8.95 -2.55 -2.59
N PRO A 105 10.12 -1.93 -2.32
CA PRO A 105 10.21 -0.48 -2.12
C PRO A 105 9.75 0.30 -3.36
N TYR A 106 9.25 1.52 -3.16
CA TYR A 106 8.74 2.33 -4.25
C TYR A 106 9.82 2.59 -5.30
N LYS A 107 9.57 2.11 -6.51
CA LYS A 107 10.46 2.31 -7.62
C LYS A 107 9.70 2.81 -8.83
N HIS A 108 10.28 3.76 -9.53
CA HIS A 108 9.64 4.38 -10.69
C HIS A 108 9.32 3.36 -11.78
N GLU A 109 10.25 2.44 -12.02
CA GLU A 109 10.06 1.43 -13.03
C GLU A 109 8.89 0.52 -12.70
N LEU A 110 8.79 0.14 -11.43
CA LEU A 110 7.72 -0.73 -10.97
C LEU A 110 6.37 -0.07 -11.20
N ILE A 111 6.31 1.20 -10.85
CA ILE A 111 5.09 1.97 -10.99
C ILE A 111 4.68 2.06 -12.45
N SER A 112 5.65 2.33 -13.31
CA SER A 112 5.38 2.48 -14.72
C SER A 112 4.79 1.20 -15.33
N GLU A 113 5.38 0.05 -15.02
CA GLU A 113 4.89 -1.21 -15.58
C GLU A 113 3.49 -1.54 -15.04
N LEU A 114 3.32 -1.41 -13.74
CA LEU A 114 2.03 -1.66 -13.11
C LEU A 114 0.95 -0.68 -13.55
N SER A 115 1.28 0.61 -13.67
CA SER A 115 0.31 1.61 -14.09
C SER A 115 -0.18 1.34 -15.52
N ARG A 116 0.75 0.98 -16.39
CA ARG A 116 0.41 0.67 -17.78
C ARG A 116 -0.33 -0.66 -17.88
N GLU A 117 -0.15 -1.50 -16.87
CA GLU A 117 -0.77 -2.83 -16.80
C GLU A 117 -0.27 -3.68 -17.95
N GLY A 118 1.00 -4.04 -17.89
CA GLY A 118 1.58 -4.86 -18.91
C GLY A 118 1.27 -6.31 -18.69
N HIS A 119 0.03 -6.69 -18.95
CA HIS A 119 -0.42 -8.07 -18.76
C HIS A 119 0.31 -8.99 -19.73
N HIS A 120 0.43 -8.53 -20.98
CA HIS A 120 1.18 -9.28 -21.99
C HIS A 120 2.68 -9.17 -21.73
N HIS A 121 3.08 -8.04 -21.16
CA HIS A 121 4.48 -7.79 -20.81
C HIS A 121 4.95 -8.84 -19.80
N HIS A 122 4.20 -9.01 -18.72
CA HIS A 122 4.47 -10.03 -17.70
C HIS A 122 3.49 -9.93 -16.55
N HIS A 123 2.62 -10.92 -16.45
CA HIS A 123 1.68 -10.99 -15.35
C HIS A 123 1.99 -12.19 -14.46
N HIS A 124 2.41 -13.29 -15.09
CA HIS A 124 2.74 -14.50 -14.38
C HIS A 124 3.85 -15.22 -15.11
N MET A 1 13.28 23.99 -6.57
CA MET A 1 12.74 22.66 -6.95
C MET A 1 11.35 22.52 -6.38
N SER A 2 10.79 21.33 -6.46
CA SER A 2 9.45 21.09 -5.95
C SER A 2 9.40 21.29 -4.43
N LEU A 3 8.19 21.54 -3.92
CA LEU A 3 8.02 21.79 -2.49
C LEU A 3 8.36 20.55 -1.68
N GLY A 4 9.17 20.74 -0.65
CA GLY A 4 9.60 19.64 0.16
C GLY A 4 10.87 19.03 -0.38
N SER A 5 10.72 17.92 -1.07
CA SER A 5 11.86 17.24 -1.66
C SER A 5 11.56 16.88 -3.09
N GLU A 6 12.58 16.83 -3.91
CA GLU A 6 12.41 16.48 -5.30
C GLU A 6 12.48 14.97 -5.45
N SER A 7 11.45 14.30 -4.95
CA SER A 7 11.32 12.84 -4.97
C SER A 7 12.31 12.22 -3.98
N GLU A 8 11.88 12.12 -2.72
CA GLU A 8 12.71 11.59 -1.66
C GLU A 8 12.92 10.11 -1.81
N THR A 9 11.83 9.39 -1.89
CA THR A 9 11.84 7.93 -1.98
C THR A 9 12.50 7.32 -0.73
N GLY A 10 11.73 7.16 0.34
CA GLY A 10 12.28 6.64 1.57
C GLY A 10 11.53 5.44 2.11
N ASN A 11 10.54 5.69 2.95
CA ASN A 11 9.78 4.61 3.61
C ASN A 11 8.58 4.17 2.79
N ALA A 12 8.42 4.76 1.64
CA ALA A 12 7.31 4.42 0.77
C ALA A 12 7.58 3.10 0.04
N VAL A 13 6.62 2.21 0.10
CA VAL A 13 6.74 0.92 -0.57
C VAL A 13 5.56 0.68 -1.49
N VAL A 14 5.74 -0.20 -2.42
CA VAL A 14 4.69 -0.57 -3.34
C VAL A 14 4.26 -1.99 -3.07
N VAL A 15 3.02 -2.17 -2.70
CA VAL A 15 2.52 -3.49 -2.45
C VAL A 15 1.45 -3.83 -3.49
N PHE A 16 1.63 -4.94 -4.15
CA PHE A 16 0.73 -5.34 -5.21
C PHE A 16 0.52 -6.85 -5.17
N GLY A 17 -0.44 -7.32 -5.93
CA GLY A 17 -0.71 -8.74 -5.97
C GLY A 17 -2.14 -9.06 -5.54
N TYR A 18 -2.81 -8.07 -4.98
CA TYR A 18 -4.18 -8.25 -4.54
C TYR A 18 -5.13 -7.40 -5.37
N ARG A 19 -6.39 -7.34 -4.96
CA ARG A 19 -7.40 -6.62 -5.72
C ARG A 19 -8.29 -5.79 -4.79
N GLU A 20 -9.16 -4.99 -5.38
CA GLU A 20 -10.06 -4.12 -4.63
C GLU A 20 -11.11 -4.94 -3.86
N ALA A 21 -11.58 -6.02 -4.48
CA ALA A 21 -12.66 -6.84 -3.91
C ALA A 21 -12.29 -7.54 -2.59
N ILE A 22 -11.02 -7.56 -2.25
CA ILE A 22 -10.58 -8.22 -1.02
C ILE A 22 -10.41 -7.22 0.13
N THR A 23 -11.17 -6.12 0.06
CA THR A 23 -11.08 -5.02 1.04
C THR A 23 -11.01 -5.52 2.48
N LYS A 24 -12.11 -6.03 3.01
CA LYS A 24 -12.21 -6.48 4.39
C LYS A 24 -11.21 -7.59 4.76
N GLN A 25 -10.85 -8.41 3.78
CA GLN A 25 -9.94 -9.54 4.02
C GLN A 25 -8.56 -9.06 4.53
N ILE A 26 -7.78 -8.46 3.65
CA ILE A 26 -6.43 -7.98 4.01
C ILE A 26 -6.49 -6.80 4.99
N LEU A 27 -7.63 -6.09 4.98
CA LEU A 27 -7.81 -4.91 5.82
C LEU A 27 -7.65 -5.28 7.30
N ALA A 28 -8.28 -6.36 7.70
CA ALA A 28 -8.23 -6.81 9.09
C ALA A 28 -6.85 -7.30 9.51
N TYR A 29 -6.09 -7.85 8.57
CA TYR A 29 -4.77 -8.41 8.89
C TYR A 29 -3.66 -7.36 8.87
N PHE A 30 -3.60 -6.56 7.81
CA PHE A 30 -2.56 -5.55 7.66
C PHE A 30 -2.89 -4.24 8.36
N ALA A 31 -4.10 -4.17 8.92
CA ALA A 31 -4.60 -3.02 9.70
C ALA A 31 -3.54 -2.34 10.58
N GLN A 32 -2.56 -3.10 11.05
CA GLN A 32 -1.49 -2.56 11.88
C GLN A 32 -0.77 -1.41 11.18
N PHE A 33 -0.73 -1.48 9.86
CA PHE A 33 -0.11 -0.45 9.07
C PHE A 33 -1.13 0.64 8.74
N GLY A 34 -2.32 0.21 8.36
CA GLY A 34 -3.40 1.15 8.11
C GLY A 34 -3.85 1.21 6.67
N GLU A 35 -3.31 2.16 5.92
CA GLU A 35 -3.70 2.37 4.53
C GLU A 35 -3.43 1.12 3.67
N ILE A 36 -4.50 0.51 3.17
CA ILE A 36 -4.38 -0.70 2.32
C ILE A 36 -5.27 -0.58 1.09
N LEU A 37 -6.58 -0.51 1.32
CA LEU A 37 -7.57 -0.44 0.24
C LEU A 37 -8.59 0.67 0.50
N GLU A 38 -9.69 0.65 -0.26
CA GLU A 38 -10.75 1.67 -0.15
C GLU A 38 -11.36 1.70 1.25
N ASP A 39 -11.60 0.51 1.80
CA ASP A 39 -12.20 0.34 3.14
C ASP A 39 -13.68 0.73 3.15
N LEU A 40 -14.33 0.46 4.26
CA LEU A 40 -15.73 0.75 4.42
C LEU A 40 -15.94 1.81 5.51
N GLU A 41 -15.89 1.39 6.77
CA GLU A 41 -16.03 2.30 7.90
C GLU A 41 -15.27 1.81 9.11
N SER A 42 -15.32 0.52 9.34
CA SER A 42 -14.68 -0.07 10.47
C SER A 42 -13.67 -1.10 10.00
N GLU A 43 -12.70 -1.31 10.81
CA GLU A 43 -11.62 -2.22 10.53
C GLU A 43 -11.38 -3.14 11.71
N LEU A 44 -11.08 -2.54 12.85
CA LEU A 44 -10.77 -3.28 14.04
C LEU A 44 -11.93 -3.25 15.03
N GLY A 45 -12.77 -2.24 14.88
CA GLY A 45 -13.90 -2.09 15.77
C GLY A 45 -13.59 -1.10 16.88
N ASP A 46 -12.34 -1.09 17.30
CA ASP A 46 -11.85 -0.18 18.33
C ASP A 46 -10.45 0.26 17.99
N THR A 47 -10.03 1.41 18.56
CA THR A 47 -8.69 2.00 18.36
C THR A 47 -8.33 2.12 16.85
N GLU A 48 -9.36 2.15 16.02
CA GLU A 48 -9.17 2.21 14.58
C GLU A 48 -9.10 3.66 14.09
N THR A 49 -8.93 4.58 15.01
CA THR A 49 -8.76 5.98 14.65
C THR A 49 -7.42 6.21 13.96
N MET A 50 -6.42 5.44 14.37
CA MET A 50 -5.08 5.53 13.80
C MET A 50 -4.88 4.45 12.74
N ARG A 51 -5.07 4.82 11.48
CA ARG A 51 -4.93 3.88 10.37
C ARG A 51 -4.09 4.50 9.27
N THR A 52 -3.43 5.59 9.60
CA THR A 52 -2.60 6.32 8.67
C THR A 52 -1.54 7.11 9.44
N PRO A 53 -0.47 7.58 8.76
CA PRO A 53 0.59 8.36 9.40
C PRO A 53 0.11 9.73 9.86
N GLY A 54 -1.02 10.12 9.34
CA GLY A 54 -1.59 11.40 9.62
C GLY A 54 -2.88 11.55 8.88
N TYR A 55 -3.85 12.13 9.56
CA TYR A 55 -5.18 12.38 9.02
C TYR A 55 -6.01 11.12 8.99
N PHE A 56 -7.27 11.28 8.77
CA PHE A 56 -8.19 10.16 8.67
C PHE A 56 -8.45 9.81 7.22
N PHE A 57 -9.28 8.82 6.99
CA PHE A 57 -9.62 8.40 5.65
C PHE A 57 -10.90 9.06 5.19
N GLN A 58 -10.95 9.46 3.95
CA GLN A 58 -12.13 10.09 3.40
C GLN A 58 -12.78 9.18 2.39
N GLN A 59 -14.00 8.76 2.69
CA GLN A 59 -14.75 7.83 1.86
C GLN A 59 -15.04 8.41 0.49
N ALA A 60 -15.39 9.68 0.49
CA ALA A 60 -15.74 10.44 -0.73
C ALA A 60 -17.05 9.89 -1.35
N PRO A 61 -17.71 10.68 -2.23
CA PRO A 61 -18.93 10.23 -2.90
C PRO A 61 -18.66 9.14 -3.95
N ASN A 62 -18.73 7.89 -3.51
CA ASN A 62 -18.54 6.71 -4.38
C ASN A 62 -17.18 6.75 -5.08
N ARG A 63 -16.12 6.87 -4.30
CA ARG A 63 -14.77 6.88 -4.83
C ARG A 63 -13.86 5.95 -4.06
N ARG A 64 -12.88 5.41 -4.76
CA ARG A 64 -11.93 4.47 -4.20
C ARG A 64 -10.67 5.17 -3.71
N ARG A 65 -10.78 6.46 -3.51
CA ARG A 65 -9.67 7.26 -3.05
C ARG A 65 -9.79 7.54 -1.56
N ILE A 66 -9.02 6.82 -0.76
CA ILE A 66 -9.02 7.00 0.68
C ILE A 66 -8.48 8.38 1.07
N SER A 67 -7.37 8.76 0.43
CA SER A 67 -6.68 10.03 0.63
C SER A 67 -5.24 9.83 0.23
N ARG A 68 -4.76 8.64 0.52
CA ARG A 68 -3.42 8.24 0.23
C ARG A 68 -3.27 7.83 -1.23
N GLU A 69 -2.07 7.98 -1.75
CA GLU A 69 -1.77 7.71 -3.14
C GLU A 69 -1.72 6.21 -3.42
N HIS A 70 -2.48 5.77 -4.41
CA HIS A 70 -2.51 4.38 -4.83
C HIS A 70 -2.91 4.28 -6.29
N GLY A 71 -2.74 3.10 -6.88
CA GLY A 71 -3.08 2.93 -8.27
C GLY A 71 -4.43 2.28 -8.44
N ARG A 72 -4.47 0.96 -8.27
CA ARG A 72 -5.70 0.19 -8.40
C ARG A 72 -5.48 -1.21 -7.92
N THR A 73 -4.51 -1.83 -8.51
CA THR A 73 -4.17 -3.18 -8.17
C THR A 73 -2.90 -3.20 -7.31
N TRP A 74 -2.43 -2.00 -7.02
CA TRP A 74 -1.26 -1.79 -6.20
C TRP A 74 -1.48 -0.58 -5.32
N THR A 75 -0.98 -0.63 -4.11
CA THR A 75 -1.14 0.47 -3.20
C THR A 75 0.22 0.91 -2.67
N LYS A 76 0.50 2.20 -2.79
CA LYS A 76 1.73 2.77 -2.29
C LYS A 76 1.56 3.10 -0.82
N LEU A 77 2.21 2.34 0.03
CA LEU A 77 2.02 2.47 1.45
C LEU A 77 3.06 3.40 2.03
N THR A 78 2.58 4.49 2.58
CA THR A 78 3.42 5.47 3.21
C THR A 78 3.13 5.50 4.71
N TYR A 79 4.10 5.09 5.52
CA TYR A 79 3.88 5.02 6.96
C TYR A 79 4.57 6.18 7.66
N ALA A 80 5.49 6.84 6.96
CA ALA A 80 6.31 7.92 7.51
C ALA A 80 7.31 7.38 8.54
N ASN A 81 7.36 6.07 8.66
CA ASN A 81 8.27 5.40 9.59
C ASN A 81 9.07 4.35 8.85
N HIS A 82 10.32 4.20 9.22
CA HIS A 82 11.20 3.24 8.56
C HIS A 82 11.09 1.85 9.22
N SER A 83 10.68 1.82 10.47
CA SER A 83 10.56 0.57 11.18
C SER A 83 9.51 -0.34 10.54
N SER A 84 8.40 0.25 10.14
CA SER A 84 7.31 -0.46 9.50
C SER A 84 7.71 -0.98 8.12
N TYR A 85 8.76 -0.39 7.55
CA TYR A 85 9.26 -0.77 6.24
C TYR A 85 9.70 -2.24 6.25
N LEU A 86 10.51 -2.60 7.24
CA LEU A 86 11.02 -3.97 7.37
C LEU A 86 9.90 -4.96 7.68
N ARG A 87 9.00 -4.57 8.56
CA ARG A 87 7.91 -5.44 8.98
C ARG A 87 6.98 -5.80 7.82
N ALA A 88 6.64 -4.80 7.00
CA ALA A 88 5.74 -5.00 5.87
C ALA A 88 6.47 -5.58 4.66
N LEU A 89 7.79 -5.56 4.72
CA LEU A 89 8.64 -5.98 3.61
C LEU A 89 8.53 -7.50 3.34
N ARG A 90 7.84 -8.22 4.21
CA ARG A 90 7.73 -9.68 4.08
C ARG A 90 6.82 -10.12 2.91
N GLU A 91 7.39 -10.26 1.73
CA GLU A 91 6.65 -10.76 0.58
C GLU A 91 6.64 -12.30 0.59
N HIS A 92 7.75 -12.87 1.04
CA HIS A 92 7.90 -14.32 1.10
C HIS A 92 7.27 -14.86 2.37
N GLY A 93 6.40 -15.83 2.20
CA GLY A 93 5.74 -16.43 3.34
C GLY A 93 4.37 -15.82 3.58
N THR A 94 4.07 -14.79 2.81
CA THR A 94 2.80 -14.11 2.95
C THR A 94 1.91 -14.39 1.75
N ILE A 95 1.15 -15.48 1.85
CA ILE A 95 0.22 -15.85 0.80
C ILE A 95 -1.19 -15.71 1.31
N TYR A 96 -1.95 -14.85 0.66
CA TYR A 96 -3.31 -14.59 1.06
C TYR A 96 -4.22 -14.79 -0.15
N CYS A 97 -5.33 -15.49 0.05
CA CYS A 97 -6.31 -15.73 -1.01
C CYS A 97 -5.68 -16.53 -2.17
N GLY A 98 -4.65 -17.30 -1.85
CA GLY A 98 -4.01 -18.12 -2.87
C GLY A 98 -3.01 -17.33 -3.72
N ALA A 99 -2.57 -16.19 -3.22
CA ALA A 99 -1.60 -15.39 -3.93
C ALA A 99 -0.62 -14.74 -2.98
N ALA A 100 0.60 -14.53 -3.43
CA ALA A 100 1.61 -13.89 -2.63
C ALA A 100 1.67 -12.41 -2.94
N ILE A 101 1.56 -11.59 -1.93
CA ILE A 101 1.60 -10.16 -2.14
C ILE A 101 3.05 -9.67 -2.14
N GLY A 102 3.36 -8.83 -3.10
CA GLY A 102 4.71 -8.34 -3.23
C GLY A 102 4.88 -6.99 -2.63
N CYS A 103 5.62 -6.93 -1.54
CA CYS A 103 5.93 -5.68 -0.88
C CYS A 103 7.36 -5.30 -1.17
N VAL A 104 7.54 -4.38 -2.08
CA VAL A 104 8.88 -3.97 -2.47
C VAL A 104 9.05 -2.46 -2.32
N PRO A 105 10.30 -1.98 -2.21
CA PRO A 105 10.59 -0.55 -2.11
C PRO A 105 10.13 0.19 -3.36
N TYR A 106 9.82 1.47 -3.20
CA TYR A 106 9.34 2.28 -4.30
C TYR A 106 10.37 2.38 -5.42
N LYS A 107 10.20 1.56 -6.44
CA LYS A 107 11.06 1.58 -7.60
C LYS A 107 10.41 2.39 -8.70
N HIS A 108 11.17 3.32 -9.25
CA HIS A 108 10.66 4.20 -10.29
C HIS A 108 10.35 3.42 -11.56
N GLU A 109 11.24 2.49 -11.91
CA GLU A 109 11.07 1.68 -13.10
C GLU A 109 9.90 0.71 -12.91
N LEU A 110 9.73 0.22 -11.70
CA LEU A 110 8.65 -0.69 -11.37
C LEU A 110 7.31 -0.02 -11.60
N ILE A 111 7.25 1.26 -11.24
CA ILE A 111 6.04 2.03 -11.40
C ILE A 111 5.68 2.12 -12.88
N SER A 112 6.67 2.36 -13.73
CA SER A 112 6.45 2.44 -15.16
C SER A 112 5.88 1.10 -15.68
N GLU A 113 6.42 0.01 -15.17
CA GLU A 113 6.00 -1.34 -15.54
C GLU A 113 4.54 -1.61 -15.17
N LEU A 114 4.14 -1.24 -13.97
CA LEU A 114 2.79 -1.53 -13.52
C LEU A 114 1.79 -0.44 -13.89
N SER A 115 2.28 0.71 -14.29
CA SER A 115 1.40 1.80 -14.67
C SER A 115 0.89 1.68 -16.10
N ARG A 116 1.43 0.73 -16.87
CA ARG A 116 0.95 0.54 -18.25
C ARG A 116 -0.38 -0.21 -18.29
N GLU A 117 -0.98 -0.44 -17.12
CA GLU A 117 -2.28 -1.07 -17.04
C GLU A 117 -3.35 -0.05 -17.31
N GLY A 118 -3.59 0.17 -18.57
CA GLY A 118 -4.61 1.09 -18.98
C GLY A 118 -4.62 1.25 -20.48
N HIS A 119 -4.75 2.48 -20.92
CA HIS A 119 -4.80 2.79 -22.34
C HIS A 119 -3.90 3.97 -22.67
N HIS A 120 -3.24 3.88 -23.80
CA HIS A 120 -2.38 4.96 -24.25
C HIS A 120 -2.88 5.50 -25.58
N HIS A 121 -3.73 6.51 -25.49
CA HIS A 121 -4.34 7.11 -26.68
C HIS A 121 -4.31 8.64 -26.60
N HIS A 122 -3.62 9.17 -25.61
CA HIS A 122 -3.55 10.62 -25.43
C HIS A 122 -2.42 11.21 -26.23
N HIS A 123 -2.73 12.24 -26.98
CA HIS A 123 -1.74 12.96 -27.76
C HIS A 123 -1.68 14.39 -27.27
N HIS A 124 -0.53 15.03 -27.44
CA HIS A 124 -0.32 16.41 -26.98
C HIS A 124 -0.34 16.48 -25.45
N MET A 1 27.62 1.33 -13.44
CA MET A 1 26.39 1.99 -13.90
C MET A 1 25.30 1.89 -12.85
N SER A 2 24.41 2.88 -12.82
CA SER A 2 23.28 2.91 -11.90
C SER A 2 23.71 2.69 -10.45
N LEU A 3 24.42 3.66 -9.90
CA LEU A 3 24.87 3.60 -8.52
C LEU A 3 23.67 3.67 -7.56
N GLY A 4 22.72 4.52 -7.90
CA GLY A 4 21.54 4.69 -7.07
C GLY A 4 21.11 6.13 -7.02
N SER A 5 19.90 6.38 -6.55
CA SER A 5 19.39 7.73 -6.46
C SER A 5 18.49 7.86 -5.25
N GLU A 6 18.42 9.05 -4.71
CA GLU A 6 17.55 9.32 -3.61
C GLU A 6 16.18 9.75 -4.10
N SER A 7 15.96 9.58 -5.41
CA SER A 7 14.65 9.87 -6.01
C SER A 7 13.69 8.71 -5.68
N GLU A 8 14.26 7.74 -5.02
CA GLU A 8 13.58 6.57 -4.56
C GLU A 8 13.37 6.76 -3.08
N THR A 9 12.17 7.13 -2.71
CA THR A 9 11.81 7.37 -1.31
C THR A 9 12.19 6.19 -0.42
N GLY A 10 11.87 5.00 -0.87
CA GLY A 10 12.23 3.80 -0.13
C GLY A 10 11.32 3.53 1.06
N ASN A 11 10.97 4.59 1.80
CA ASN A 11 10.10 4.48 2.98
C ASN A 11 8.71 3.99 2.58
N ALA A 12 8.23 4.47 1.45
CA ALA A 12 6.95 4.04 0.93
C ALA A 12 7.13 2.73 0.18
N VAL A 13 6.15 1.86 0.28
CA VAL A 13 6.21 0.58 -0.41
C VAL A 13 5.05 0.43 -1.37
N VAL A 14 5.23 -0.41 -2.35
CA VAL A 14 4.22 -0.69 -3.32
C VAL A 14 3.72 -2.10 -3.12
N VAL A 15 2.45 -2.22 -2.80
CA VAL A 15 1.84 -3.51 -2.57
C VAL A 15 0.87 -3.82 -3.69
N PHE A 16 1.04 -4.99 -4.27
CA PHE A 16 0.21 -5.40 -5.39
C PHE A 16 -0.08 -6.90 -5.31
N GLY A 17 -1.00 -7.35 -6.14
CA GLY A 17 -1.34 -8.76 -6.16
C GLY A 17 -2.58 -9.09 -5.37
N TYR A 18 -3.25 -8.06 -4.87
CA TYR A 18 -4.46 -8.24 -4.10
C TYR A 18 -5.68 -7.85 -4.93
N ARG A 19 -6.81 -8.39 -4.56
CA ARG A 19 -8.06 -8.12 -5.25
C ARG A 19 -8.95 -7.25 -4.37
N GLU A 20 -9.77 -6.40 -5.00
CA GLU A 20 -10.68 -5.54 -4.23
C GLU A 20 -11.85 -6.36 -3.69
N ALA A 21 -11.54 -7.25 -2.77
CA ALA A 21 -12.52 -8.10 -2.12
C ALA A 21 -12.06 -8.46 -0.72
N ILE A 22 -10.75 -8.65 -0.57
CA ILE A 22 -10.13 -8.99 0.72
C ILE A 22 -9.90 -7.74 1.56
N THR A 23 -10.76 -6.74 1.38
CA THR A 23 -10.62 -5.44 2.02
C THR A 23 -10.32 -5.54 3.51
N LYS A 24 -11.32 -5.84 4.32
CA LYS A 24 -11.13 -5.87 5.77
C LYS A 24 -10.32 -7.08 6.19
N GLN A 25 -10.25 -8.06 5.30
CA GLN A 25 -9.52 -9.29 5.56
C GLN A 25 -8.02 -9.01 5.74
N ILE A 26 -7.44 -8.26 4.81
CA ILE A 26 -6.03 -7.93 4.89
C ILE A 26 -5.81 -6.55 5.55
N LEU A 27 -6.89 -5.79 5.64
CA LEU A 27 -6.86 -4.43 6.21
C LEU A 27 -6.40 -4.47 7.67
N ALA A 28 -6.90 -5.44 8.41
CA ALA A 28 -6.58 -5.54 9.83
C ALA A 28 -5.11 -5.89 10.08
N TYR A 29 -4.40 -6.29 9.02
CA TYR A 29 -3.00 -6.66 9.18
C TYR A 29 -2.06 -5.49 8.87
N PHE A 30 -2.08 -5.01 7.63
CA PHE A 30 -1.17 -3.95 7.17
C PHE A 30 -1.71 -2.54 7.38
N ALA A 31 -3.02 -2.38 7.21
CA ALA A 31 -3.65 -1.05 7.22
C ALA A 31 -3.56 -0.34 8.55
N GLN A 32 -3.12 -1.04 9.56
CA GLN A 32 -2.99 -0.45 10.89
C GLN A 32 -2.01 0.73 10.88
N PHE A 33 -1.09 0.70 9.93
CA PHE A 33 -0.12 1.78 9.79
C PHE A 33 -0.07 2.30 8.33
N GLY A 34 -1.10 1.97 7.55
CA GLY A 34 -1.14 2.42 6.17
C GLY A 34 -2.27 1.77 5.37
N GLU A 35 -3.12 2.60 4.75
CA GLU A 35 -4.27 2.10 3.98
C GLU A 35 -3.84 1.18 2.83
N ILE A 36 -4.63 0.13 2.60
CA ILE A 36 -4.35 -0.81 1.52
C ILE A 36 -5.42 -0.67 0.41
N LEU A 37 -6.68 -0.91 0.78
CA LEU A 37 -7.77 -0.85 -0.19
C LEU A 37 -8.60 0.42 -0.02
N GLU A 38 -9.47 0.66 -0.99
CA GLU A 38 -10.32 1.84 -1.01
C GLU A 38 -11.58 1.66 -0.15
N ASP A 39 -11.96 0.42 0.09
CA ASP A 39 -13.12 0.13 0.93
C ASP A 39 -12.75 0.18 2.41
N LEU A 40 -13.67 0.62 3.25
CA LEU A 40 -13.42 0.74 4.67
C LEU A 40 -14.73 1.10 5.38
N GLU A 41 -15.27 0.17 6.13
CA GLU A 41 -16.49 0.41 6.88
C GLU A 41 -16.31 0.01 8.34
N SER A 42 -16.28 -1.29 8.60
CA SER A 42 -16.12 -1.80 9.95
C SER A 42 -14.91 -2.71 10.03
N GLU A 43 -13.87 -2.23 10.69
CA GLU A 43 -12.64 -2.99 10.83
C GLU A 43 -12.21 -3.10 12.30
N LEU A 44 -11.85 -1.98 12.89
CA LEU A 44 -11.40 -1.95 14.26
C LEU A 44 -12.52 -1.51 15.18
N GLY A 45 -13.12 -0.37 14.83
CA GLY A 45 -14.14 0.22 15.67
C GLY A 45 -13.59 1.41 16.44
N ASP A 46 -12.26 1.48 16.52
CA ASP A 46 -11.55 2.57 17.20
C ASP A 46 -10.09 2.60 16.74
N THR A 47 -9.33 3.55 17.28
CA THR A 47 -7.92 3.71 16.95
C THR A 47 -7.72 4.24 15.51
N GLU A 48 -8.71 4.95 15.03
CA GLU A 48 -8.65 5.57 13.72
C GLU A 48 -7.60 6.70 13.74
N THR A 49 -7.39 7.27 14.93
CA THR A 49 -6.43 8.34 15.12
C THR A 49 -4.99 7.85 14.86
N MET A 50 -4.75 6.58 15.12
CA MET A 50 -3.46 5.98 14.84
C MET A 50 -3.59 5.04 13.66
N ARG A 51 -3.45 5.61 12.47
CA ARG A 51 -3.58 4.87 11.24
C ARG A 51 -2.57 5.34 10.21
N THR A 52 -2.92 6.38 9.53
CA THR A 52 -2.05 6.97 8.53
C THR A 52 -1.71 8.41 8.91
N PRO A 53 -0.45 8.84 8.67
CA PRO A 53 -0.03 10.22 8.96
C PRO A 53 -0.85 11.22 8.14
N GLY A 54 -1.56 12.10 8.83
CA GLY A 54 -2.40 13.06 8.15
C GLY A 54 -3.58 12.39 7.48
N TYR A 55 -4.41 11.73 8.26
CA TYR A 55 -5.54 11.03 7.75
C TYR A 55 -6.66 11.99 7.40
N PHE A 56 -7.20 11.81 6.23
CA PHE A 56 -8.29 12.61 5.73
C PHE A 56 -8.88 11.96 4.48
N PHE A 57 -8.09 12.01 3.36
CA PHE A 57 -8.43 11.35 2.05
C PHE A 57 -9.89 11.53 1.63
N GLN A 58 -10.50 12.62 2.08
CA GLN A 58 -11.89 12.97 1.76
C GLN A 58 -12.89 12.03 2.45
N GLN A 59 -12.61 10.72 2.40
CA GLN A 59 -13.46 9.69 2.98
C GLN A 59 -14.83 9.71 2.28
N ALA A 60 -14.81 10.07 1.01
CA ALA A 60 -16.00 10.14 0.19
C ALA A 60 -16.55 8.74 -0.06
N PRO A 61 -17.88 8.62 -0.23
CA PRO A 61 -18.52 7.32 -0.50
C PRO A 61 -17.97 6.66 -1.76
N ASN A 62 -17.51 7.49 -2.69
CA ASN A 62 -16.96 7.00 -3.95
C ASN A 62 -15.49 7.38 -4.11
N ARG A 63 -14.73 7.37 -3.01
CA ARG A 63 -13.30 7.69 -3.08
C ARG A 63 -12.56 6.69 -3.93
N ARG A 64 -11.67 7.19 -4.74
CA ARG A 64 -10.87 6.37 -5.59
C ARG A 64 -9.42 6.48 -5.17
N ARG A 65 -9.20 7.12 -4.05
CA ARG A 65 -7.88 7.30 -3.54
C ARG A 65 -7.80 7.21 -2.02
N ILE A 66 -6.67 6.71 -1.54
CA ILE A 66 -6.42 6.61 -0.11
C ILE A 66 -5.54 7.78 0.30
N SER A 67 -4.83 7.66 1.41
CA SER A 67 -3.91 8.70 1.84
C SER A 67 -2.83 9.00 0.77
N ARG A 68 -2.65 8.05 -0.13
CA ARG A 68 -1.70 8.18 -1.21
C ARG A 68 -2.35 7.67 -2.50
N GLU A 69 -1.86 8.12 -3.64
CA GLU A 69 -2.42 7.72 -4.93
C GLU A 69 -2.03 6.28 -5.27
N HIS A 70 -2.86 5.62 -6.07
CA HIS A 70 -2.61 4.23 -6.44
C HIS A 70 -3.32 3.88 -7.74
N GLY A 71 -3.20 2.62 -8.15
CA GLY A 71 -3.83 2.15 -9.36
C GLY A 71 -4.60 0.87 -9.12
N ARG A 72 -4.87 0.14 -10.18
CA ARG A 72 -5.60 -1.12 -10.07
C ARG A 72 -4.73 -2.22 -9.49
N THR A 73 -5.23 -2.89 -8.46
CA THR A 73 -4.57 -4.01 -7.78
C THR A 73 -3.18 -3.67 -7.22
N TRP A 74 -2.81 -2.39 -7.20
CA TRP A 74 -1.54 -1.97 -6.61
C TRP A 74 -1.69 -0.63 -5.91
N THR A 75 -1.04 -0.48 -4.78
CA THR A 75 -1.08 0.75 -4.04
C THR A 75 0.26 1.05 -3.39
N LYS A 76 0.57 2.32 -3.29
CA LYS A 76 1.78 2.77 -2.63
C LYS A 76 1.41 3.43 -1.32
N LEU A 77 1.89 2.88 -0.23
CA LEU A 77 1.56 3.39 1.07
C LEU A 77 2.79 3.69 1.90
N THR A 78 2.67 4.68 2.74
CA THR A 78 3.74 5.11 3.59
C THR A 78 3.41 4.80 5.06
N TYR A 79 4.23 3.95 5.68
CA TYR A 79 4.04 3.59 7.09
C TYR A 79 4.73 4.60 7.98
N ALA A 80 5.64 5.38 7.39
CA ALA A 80 6.45 6.39 8.10
C ALA A 80 7.50 5.73 8.99
N ASN A 81 7.05 4.98 10.00
CA ASN A 81 7.96 4.31 10.90
C ASN A 81 8.61 3.12 10.24
N HIS A 82 9.90 2.99 10.46
CA HIS A 82 10.68 1.93 9.86
C HIS A 82 10.30 0.56 10.45
N SER A 83 9.82 0.57 11.69
CA SER A 83 9.43 -0.65 12.38
C SER A 83 8.30 -1.36 11.63
N SER A 84 7.28 -0.60 11.24
CA SER A 84 6.17 -1.13 10.49
C SER A 84 6.59 -1.42 9.05
N TYR A 85 7.47 -0.58 8.56
CA TYR A 85 8.00 -0.68 7.20
C TYR A 85 8.72 -2.01 6.95
N LEU A 86 9.67 -2.32 7.82
CA LEU A 86 10.47 -3.50 7.67
C LEU A 86 9.63 -4.76 7.76
N ARG A 87 8.64 -4.72 8.63
CA ARG A 87 7.73 -5.83 8.84
C ARG A 87 6.94 -6.15 7.55
N ALA A 88 6.79 -5.14 6.69
CA ALA A 88 6.07 -5.28 5.43
C ALA A 88 6.92 -5.92 4.33
N LEU A 89 8.22 -6.04 4.58
CA LEU A 89 9.16 -6.60 3.60
C LEU A 89 9.06 -8.11 3.47
N ARG A 90 8.27 -8.74 4.34
CA ARG A 90 8.10 -10.19 4.29
C ARG A 90 7.33 -10.61 3.02
N GLU A 91 7.98 -11.41 2.19
CA GLU A 91 7.37 -11.87 0.95
C GLU A 91 7.73 -13.32 0.65
N HIS A 92 8.45 -13.95 1.57
CA HIS A 92 8.94 -15.31 1.37
C HIS A 92 7.81 -16.32 1.24
N GLY A 93 6.84 -16.23 2.14
CA GLY A 93 5.74 -17.17 2.12
C GLY A 93 4.42 -16.55 2.50
N THR A 94 4.28 -15.26 2.27
CA THR A 94 3.06 -14.59 2.61
C THR A 94 2.08 -14.62 1.42
N ILE A 95 1.16 -15.58 1.47
CA ILE A 95 0.16 -15.74 0.44
C ILE A 95 -1.22 -15.45 0.99
N TYR A 96 -1.95 -14.58 0.33
CA TYR A 96 -3.27 -14.21 0.78
C TYR A 96 -4.20 -14.07 -0.42
N CYS A 97 -5.43 -14.55 -0.26
CA CYS A 97 -6.46 -14.48 -1.31
C CYS A 97 -6.15 -15.49 -2.42
N GLY A 98 -5.30 -16.46 -2.11
CA GLY A 98 -4.96 -17.49 -3.07
C GLY A 98 -3.72 -17.20 -3.87
N ALA A 99 -3.10 -16.06 -3.61
CA ALA A 99 -1.88 -15.68 -4.33
C ALA A 99 -0.92 -14.92 -3.43
N ALA A 100 0.36 -14.99 -3.74
CA ALA A 100 1.35 -14.28 -3.00
C ALA A 100 1.23 -12.80 -3.27
N ILE A 101 1.36 -12.00 -2.23
CA ILE A 101 1.27 -10.57 -2.37
C ILE A 101 2.65 -10.00 -2.63
N GLY A 102 2.72 -9.06 -3.54
CA GLY A 102 3.97 -8.46 -3.87
C GLY A 102 4.16 -7.15 -3.17
N CYS A 103 5.19 -7.08 -2.35
CA CYS A 103 5.49 -5.89 -1.61
C CYS A 103 6.96 -5.54 -1.77
N VAL A 104 7.22 -4.38 -2.35
CA VAL A 104 8.58 -3.90 -2.56
C VAL A 104 8.64 -2.41 -2.30
N PRO A 105 9.85 -1.87 -2.01
CA PRO A 105 10.02 -0.43 -1.79
C PRO A 105 9.68 0.36 -3.05
N TYR A 106 9.20 1.58 -2.86
CA TYR A 106 8.82 2.45 -3.97
C TYR A 106 9.95 2.60 -4.97
N LYS A 107 9.63 2.34 -6.22
CA LYS A 107 10.57 2.49 -7.32
C LYS A 107 9.91 3.29 -8.42
N HIS A 108 10.57 4.35 -8.86
CA HIS A 108 10.04 5.21 -9.91
C HIS A 108 9.85 4.41 -11.20
N GLU A 109 10.82 3.57 -11.49
CA GLU A 109 10.79 2.72 -12.68
C GLU A 109 9.64 1.72 -12.61
N LEU A 110 9.43 1.14 -11.43
CA LEU A 110 8.38 0.15 -11.23
C LEU A 110 7.01 0.77 -11.48
N ILE A 111 6.82 1.99 -10.98
CA ILE A 111 5.58 2.71 -11.17
C ILE A 111 5.34 2.95 -12.65
N SER A 112 6.40 3.30 -13.36
CA SER A 112 6.31 3.53 -14.79
C SER A 112 5.81 2.25 -15.50
N GLU A 113 6.36 1.11 -15.10
CA GLU A 113 5.91 -0.16 -15.67
C GLU A 113 4.46 -0.46 -15.29
N LEU A 114 4.12 -0.22 -14.03
CA LEU A 114 2.77 -0.48 -13.53
C LEU A 114 1.72 0.40 -14.21
N SER A 115 2.04 1.67 -14.40
CA SER A 115 1.11 2.58 -15.02
C SER A 115 0.90 2.25 -16.49
N ARG A 116 1.98 1.90 -17.18
CA ARG A 116 1.92 1.58 -18.60
C ARG A 116 1.39 0.16 -18.84
N GLU A 117 1.54 -0.70 -17.83
CA GLU A 117 1.06 -2.11 -17.88
C GLU A 117 1.90 -2.95 -18.86
N GLY A 118 2.97 -2.36 -19.35
CA GLY A 118 3.81 -3.05 -20.31
C GLY A 118 3.15 -3.14 -21.67
N HIS A 119 2.70 -1.99 -22.18
CA HIS A 119 2.04 -1.93 -23.49
C HIS A 119 2.96 -2.44 -24.59
N HIS A 120 4.22 -2.05 -24.53
CA HIS A 120 5.18 -2.51 -25.52
C HIS A 120 5.75 -3.86 -25.09
N HIS A 121 5.34 -4.90 -25.80
CA HIS A 121 5.76 -6.25 -25.49
C HIS A 121 5.81 -7.06 -26.78
N HIS A 122 6.75 -7.99 -26.85
CA HIS A 122 6.90 -8.82 -28.04
C HIS A 122 5.76 -9.83 -28.14
N HIS A 123 4.78 -9.50 -28.95
CA HIS A 123 3.62 -10.35 -29.19
C HIS A 123 2.81 -9.78 -30.34
N HIS A 124 2.65 -10.56 -31.39
CA HIS A 124 1.88 -10.13 -32.53
C HIS A 124 1.24 -11.34 -33.21
N MET A 1 24.52 14.83 -0.23
CA MET A 1 23.41 14.74 -1.21
C MET A 1 23.89 14.09 -2.51
N SER A 2 25.02 14.56 -3.02
CA SER A 2 25.57 14.06 -4.29
C SER A 2 26.12 12.63 -4.14
N LEU A 3 26.54 12.27 -2.93
CA LEU A 3 27.08 10.94 -2.69
C LEU A 3 26.00 9.89 -2.95
N GLY A 4 24.80 10.15 -2.49
CA GLY A 4 23.72 9.23 -2.69
C GLY A 4 22.38 9.85 -2.48
N SER A 5 21.82 10.43 -3.54
CA SER A 5 20.49 10.99 -3.45
C SER A 5 19.48 9.87 -3.37
N GLU A 6 18.51 10.00 -2.48
CA GLU A 6 17.53 8.98 -2.33
C GLU A 6 16.23 9.40 -3.01
N SER A 7 16.25 9.39 -4.32
CA SER A 7 15.10 9.75 -5.12
C SER A 7 14.16 8.55 -5.30
N GLU A 8 14.47 7.47 -4.59
CA GLU A 8 13.68 6.25 -4.64
C GLU A 8 12.62 6.25 -3.54
N THR A 9 12.52 7.38 -2.85
CA THR A 9 11.59 7.58 -1.74
C THR A 9 12.02 6.80 -0.49
N GLY A 10 12.13 5.48 -0.64
CA GLY A 10 12.60 4.64 0.45
C GLY A 10 11.52 4.25 1.46
N ASN A 11 10.86 5.25 2.05
CA ASN A 11 9.87 5.00 3.12
C ASN A 11 8.47 4.74 2.57
N ALA A 12 8.37 4.60 1.27
CA ALA A 12 7.11 4.29 0.63
C ALA A 12 7.23 2.99 -0.13
N VAL A 13 6.21 2.17 -0.04
CA VAL A 13 6.21 0.88 -0.70
C VAL A 13 5.02 0.74 -1.62
N VAL A 14 5.17 -0.13 -2.59
CA VAL A 14 4.10 -0.44 -3.51
C VAL A 14 3.64 -1.86 -3.27
N VAL A 15 2.43 -2.01 -2.76
CA VAL A 15 1.90 -3.32 -2.50
C VAL A 15 0.95 -3.71 -3.62
N PHE A 16 1.18 -4.88 -4.19
CA PHE A 16 0.37 -5.35 -5.30
C PHE A 16 0.17 -6.85 -5.22
N GLY A 17 -0.79 -7.36 -5.98
CA GLY A 17 -1.07 -8.79 -5.99
C GLY A 17 -2.48 -9.10 -5.57
N TYR A 18 -3.17 -8.11 -5.04
CA TYR A 18 -4.54 -8.28 -4.59
C TYR A 18 -5.52 -7.60 -5.53
N ARG A 19 -6.79 -7.97 -5.43
CA ARG A 19 -7.81 -7.46 -6.36
C ARG A 19 -8.39 -6.11 -5.93
N GLU A 20 -9.43 -6.15 -5.09
CA GLU A 20 -10.15 -4.94 -4.70
C GLU A 20 -11.02 -5.19 -3.47
N ALA A 21 -12.03 -6.05 -3.64
CA ALA A 21 -12.98 -6.34 -2.56
C ALA A 21 -12.36 -7.25 -1.49
N ILE A 22 -11.07 -7.47 -1.60
CA ILE A 22 -10.35 -8.31 -0.66
C ILE A 22 -9.92 -7.52 0.58
N THR A 23 -10.28 -6.24 0.62
CA THR A 23 -9.85 -5.37 1.70
C THR A 23 -10.29 -5.87 3.07
N LYS A 24 -11.56 -6.28 3.19
CA LYS A 24 -12.09 -6.77 4.46
C LYS A 24 -11.19 -7.88 5.03
N GLN A 25 -10.63 -8.67 4.15
CA GLN A 25 -9.78 -9.77 4.52
C GLN A 25 -8.37 -9.30 4.91
N ILE A 26 -7.67 -8.68 3.97
CA ILE A 26 -6.28 -8.28 4.16
C ILE A 26 -6.13 -7.16 5.20
N LEU A 27 -7.17 -6.35 5.36
CA LEU A 27 -7.16 -5.23 6.30
C LEU A 27 -6.97 -5.72 7.73
N ALA A 28 -7.50 -6.90 8.03
CA ALA A 28 -7.44 -7.44 9.39
C ALA A 28 -6.01 -7.47 9.94
N TYR A 29 -5.05 -7.76 9.09
CA TYR A 29 -3.65 -7.82 9.53
C TYR A 29 -2.95 -6.46 9.40
N PHE A 30 -3.13 -5.80 8.28
CA PHE A 30 -2.40 -4.57 8.00
C PHE A 30 -3.05 -3.33 8.61
N ALA A 31 -4.24 -3.48 9.18
CA ALA A 31 -4.95 -2.36 9.82
C ALA A 31 -4.12 -1.73 10.92
N GLN A 32 -3.22 -2.50 11.50
CA GLN A 32 -2.34 -2.00 12.53
C GLN A 32 -1.44 -0.89 11.99
N PHE A 33 -1.09 -1.01 10.72
CA PHE A 33 -0.26 -0.02 10.06
C PHE A 33 -1.08 1.22 9.71
N GLY A 34 -2.24 1.02 9.09
CA GLY A 34 -3.07 2.15 8.73
C GLY A 34 -4.04 1.86 7.59
N GLU A 35 -4.18 2.85 6.71
CA GLU A 35 -5.12 2.80 5.58
C GLU A 35 -4.50 2.14 4.34
N ILE A 36 -5.32 1.47 3.53
CA ILE A 36 -4.83 0.85 2.29
C ILE A 36 -5.79 1.07 1.11
N LEU A 37 -6.90 0.35 1.09
CA LEU A 37 -7.85 0.46 -0.01
C LEU A 37 -9.02 1.37 0.33
N GLU A 38 -9.81 1.68 -0.70
CA GLU A 38 -10.97 2.56 -0.60
C GLU A 38 -12.11 1.90 0.18
N ASP A 39 -12.26 0.60 0.00
CA ASP A 39 -13.32 -0.15 0.65
C ASP A 39 -12.94 -0.49 2.08
N LEU A 40 -13.61 0.13 3.02
CA LEU A 40 -13.34 -0.08 4.42
C LEU A 40 -14.60 -0.46 5.16
N GLU A 41 -15.50 0.52 5.31
CA GLU A 41 -16.76 0.36 6.05
C GLU A 41 -16.51 0.09 7.54
N SER A 42 -16.00 -1.08 7.83
CA SER A 42 -15.68 -1.47 9.19
C SER A 42 -14.22 -1.86 9.24
N GLU A 43 -13.43 -1.09 9.94
CA GLU A 43 -12.00 -1.31 10.00
C GLU A 43 -11.62 -2.22 11.17
N LEU A 44 -11.66 -1.69 12.38
CA LEU A 44 -11.29 -2.45 13.54
C LEU A 44 -12.37 -2.43 14.61
N GLY A 45 -12.82 -1.24 14.97
CA GLY A 45 -13.83 -1.11 15.99
C GLY A 45 -13.23 -0.99 17.38
N ASP A 46 -12.32 -1.90 17.71
CA ASP A 46 -11.68 -1.90 19.03
C ASP A 46 -10.58 -0.84 19.14
N THR A 47 -9.48 -1.03 18.44
CA THR A 47 -8.38 -0.10 18.49
C THR A 47 -8.66 1.12 17.60
N GLU A 48 -8.22 1.05 16.32
CA GLU A 48 -8.41 2.12 15.32
C GLU A 48 -7.64 3.42 15.66
N THR A 49 -7.58 3.75 16.95
CA THR A 49 -6.96 4.97 17.43
C THR A 49 -5.44 4.87 17.46
N MET A 50 -4.91 3.73 17.10
CA MET A 50 -3.47 3.55 17.02
C MET A 50 -3.07 3.05 15.64
N ARG A 51 -3.08 3.96 14.68
CA ARG A 51 -2.75 3.63 13.29
C ARG A 51 -2.12 4.84 12.62
N THR A 52 -1.53 4.63 11.42
CA THR A 52 -0.96 5.70 10.57
C THR A 52 0.17 6.51 11.26
N PRO A 53 1.02 7.20 10.46
CA PRO A 53 2.10 7.99 11.00
C PRO A 53 1.66 9.38 11.48
N GLY A 54 1.34 9.48 12.77
CA GLY A 54 0.99 10.76 13.36
C GLY A 54 -0.45 11.18 13.14
N TYR A 55 -0.89 11.21 11.89
CA TYR A 55 -2.21 11.65 11.55
C TYR A 55 -2.97 10.62 10.78
N PHE A 56 -4.23 10.52 11.12
CA PHE A 56 -5.16 9.59 10.50
C PHE A 56 -5.80 10.24 9.27
N PHE A 57 -6.61 9.47 8.59
CA PHE A 57 -7.32 9.95 7.42
C PHE A 57 -8.77 10.28 7.81
N GLN A 58 -9.31 11.31 7.20
CA GLN A 58 -10.67 11.74 7.49
C GLN A 58 -11.67 10.96 6.67
N GLN A 59 -12.83 10.69 7.26
CA GLN A 59 -13.91 9.98 6.59
C GLN A 59 -14.44 10.79 5.43
N ALA A 60 -14.34 12.11 5.59
CA ALA A 60 -14.76 13.10 4.60
C ALA A 60 -16.28 13.21 4.50
N PRO A 61 -16.80 14.44 4.29
CA PRO A 61 -18.23 14.69 4.14
C PRO A 61 -18.75 14.19 2.80
N ASN A 62 -17.83 13.87 1.90
CA ASN A 62 -18.19 13.38 0.59
C ASN A 62 -17.89 11.89 0.49
N ARG A 63 -16.62 11.57 0.24
CA ARG A 63 -16.19 10.18 0.14
C ARG A 63 -14.86 9.95 0.80
N ARG A 64 -14.68 8.74 1.25
CA ARG A 64 -13.48 8.34 1.93
C ARG A 64 -12.34 8.31 0.91
N ARG A 65 -11.18 8.76 1.33
CA ARG A 65 -10.04 8.77 0.44
C ARG A 65 -8.79 8.40 1.20
N ILE A 66 -7.85 7.84 0.50
CA ILE A 66 -6.58 7.47 1.07
C ILE A 66 -5.59 8.63 0.96
N SER A 67 -4.85 8.86 2.03
CA SER A 67 -3.90 9.94 2.13
C SER A 67 -2.81 9.85 1.04
N ARG A 68 -2.38 8.64 0.76
CA ARG A 68 -1.34 8.40 -0.23
C ARG A 68 -1.93 7.99 -1.59
N GLU A 69 -1.14 8.15 -2.64
CA GLU A 69 -1.58 7.87 -4.00
C GLU A 69 -1.70 6.36 -4.21
N HIS A 70 -2.85 5.93 -4.75
CA HIS A 70 -3.12 4.51 -4.95
C HIS A 70 -3.45 4.21 -6.42
N GLY A 71 -3.02 3.04 -6.87
CA GLY A 71 -3.28 2.62 -8.22
C GLY A 71 -4.48 1.69 -8.29
N ARG A 72 -4.62 0.98 -9.40
CA ARG A 72 -5.74 0.06 -9.58
C ARG A 72 -5.54 -1.23 -8.84
N THR A 73 -4.44 -1.87 -9.08
CA THR A 73 -4.16 -3.15 -8.46
C THR A 73 -2.97 -3.05 -7.51
N TRP A 74 -2.52 -1.84 -7.28
CA TRP A 74 -1.42 -1.59 -6.38
C TRP A 74 -1.70 -0.40 -5.51
N THR A 75 -1.22 -0.44 -4.31
CA THR A 75 -1.40 0.63 -3.37
C THR A 75 -0.06 1.07 -2.80
N LYS A 76 0.23 2.37 -2.88
CA LYS A 76 1.46 2.90 -2.35
C LYS A 76 1.25 3.32 -0.91
N LEU A 77 1.96 2.68 -0.01
CA LEU A 77 1.83 2.95 1.39
C LEU A 77 3.08 3.59 1.96
N THR A 78 2.92 4.69 2.64
CA THR A 78 4.02 5.37 3.27
C THR A 78 3.90 5.23 4.78
N TYR A 79 4.78 4.46 5.37
CA TYR A 79 4.76 4.24 6.81
C TYR A 79 5.54 5.30 7.54
N ALA A 80 6.49 5.92 6.81
CA ALA A 80 7.40 6.95 7.34
C ALA A 80 8.40 6.36 8.33
N ASN A 81 7.89 5.80 9.41
CA ASN A 81 8.74 5.17 10.42
C ASN A 81 9.24 3.83 9.93
N HIS A 82 10.53 3.63 10.05
CA HIS A 82 11.17 2.41 9.59
C HIS A 82 10.93 1.26 10.55
N SER A 83 10.46 1.59 11.74
CA SER A 83 10.16 0.59 12.75
C SER A 83 9.11 -0.42 12.26
N SER A 84 8.05 0.08 11.63
CA SER A 84 6.99 -0.77 11.12
C SER A 84 7.22 -1.14 9.66
N TYR A 85 8.14 -0.42 9.03
CA TYR A 85 8.46 -0.60 7.61
C TYR A 85 8.96 -2.01 7.32
N LEU A 86 9.90 -2.48 8.13
CA LEU A 86 10.50 -3.79 7.93
C LEU A 86 9.49 -4.92 8.07
N ARG A 87 8.58 -4.79 9.02
CA ARG A 87 7.55 -5.81 9.23
C ARG A 87 6.68 -6.00 7.98
N ALA A 88 6.30 -4.90 7.36
CA ALA A 88 5.44 -4.94 6.17
C ALA A 88 6.25 -5.21 4.90
N LEU A 89 7.56 -5.11 5.01
CA LEU A 89 8.48 -5.29 3.87
C LEU A 89 8.50 -6.74 3.34
N ARG A 90 7.82 -7.64 4.05
CA ARG A 90 7.78 -9.05 3.64
C ARG A 90 7.04 -9.25 2.30
N GLU A 91 7.81 -9.51 1.26
CA GLU A 91 7.27 -9.77 -0.07
C GLU A 91 7.53 -11.22 -0.48
N HIS A 92 8.04 -12.00 0.45
CA HIS A 92 8.35 -13.37 0.20
C HIS A 92 7.62 -14.25 1.20
N GLY A 93 7.16 -15.41 0.74
CA GLY A 93 6.48 -16.34 1.61
C GLY A 93 5.18 -15.78 2.14
N THR A 94 4.53 -14.95 1.35
CA THR A 94 3.29 -14.34 1.76
C THR A 94 2.26 -14.37 0.64
N ILE A 95 1.45 -15.42 0.65
CA ILE A 95 0.40 -15.58 -0.34
C ILE A 95 -0.95 -15.48 0.32
N TYR A 96 -1.79 -14.60 -0.19
CA TYR A 96 -3.11 -14.41 0.37
C TYR A 96 -4.14 -14.30 -0.74
N CYS A 97 -5.31 -14.89 -0.51
CA CYS A 97 -6.44 -14.85 -1.46
C CYS A 97 -6.18 -15.69 -2.73
N GLY A 98 -4.93 -16.05 -2.95
CA GLY A 98 -4.60 -16.84 -4.11
C GLY A 98 -3.32 -16.41 -4.77
N ALA A 99 -2.87 -15.19 -4.49
CA ALA A 99 -1.66 -14.68 -5.08
C ALA A 99 -0.75 -14.10 -4.02
N ALA A 100 0.54 -14.05 -4.31
CA ALA A 100 1.50 -13.47 -3.40
C ALA A 100 1.37 -11.97 -3.39
N ILE A 101 1.38 -11.38 -2.22
CA ILE A 101 1.31 -9.96 -2.12
C ILE A 101 2.73 -9.40 -2.07
N GLY A 102 3.04 -8.55 -3.02
CA GLY A 102 4.35 -8.01 -3.12
C GLY A 102 4.43 -6.64 -2.54
N CYS A 103 5.14 -6.52 -1.43
CA CYS A 103 5.35 -5.24 -0.79
C CYS A 103 6.82 -4.88 -0.89
N VAL A 104 7.14 -3.98 -1.79
CA VAL A 104 8.52 -3.56 -2.03
C VAL A 104 8.60 -2.04 -2.09
N PRO A 105 9.82 -1.47 -1.92
CA PRO A 105 10.01 -0.03 -1.98
C PRO A 105 9.57 0.54 -3.33
N TYR A 106 9.15 1.82 -3.31
CA TYR A 106 8.57 2.51 -4.47
C TYR A 106 9.19 2.11 -5.83
N LYS A 107 10.48 2.43 -6.05
CA LYS A 107 11.18 2.09 -7.32
C LYS A 107 10.55 2.79 -8.54
N HIS A 108 11.36 3.53 -9.28
CA HIS A 108 10.89 4.24 -10.46
C HIS A 108 10.47 3.28 -11.57
N GLU A 109 11.28 2.27 -11.82
CA GLU A 109 11.01 1.31 -12.89
C GLU A 109 9.79 0.43 -12.55
N LEU A 110 9.63 0.14 -11.27
CA LEU A 110 8.56 -0.73 -10.81
C LEU A 110 7.19 -0.14 -11.15
N ILE A 111 7.07 1.17 -10.96
CA ILE A 111 5.82 1.85 -11.26
C ILE A 111 5.49 1.71 -12.74
N SER A 112 6.50 1.88 -13.58
CA SER A 112 6.32 1.74 -15.02
C SER A 112 5.87 0.33 -15.38
N GLU A 113 6.45 -0.67 -14.72
CA GLU A 113 6.09 -2.08 -14.99
C GLU A 113 4.64 -2.36 -14.63
N LEU A 114 4.19 -1.85 -13.50
CA LEU A 114 2.81 -2.03 -13.06
C LEU A 114 1.84 -1.15 -13.85
N SER A 115 2.38 -0.25 -14.65
CA SER A 115 1.57 0.62 -15.49
C SER A 115 1.25 -0.07 -16.82
N ARG A 116 1.71 -1.32 -16.97
CA ARG A 116 1.50 -2.09 -18.20
C ARG A 116 0.02 -2.35 -18.46
N GLU A 117 -0.83 -2.11 -17.46
CA GLU A 117 -2.26 -2.29 -17.62
C GLU A 117 -2.87 -1.12 -18.38
N GLY A 118 -2.05 -0.14 -18.65
CA GLY A 118 -2.46 1.03 -19.39
C GLY A 118 -1.42 1.38 -20.43
N HIS A 119 -1.52 0.76 -21.59
CA HIS A 119 -0.54 0.98 -22.67
C HIS A 119 -0.76 2.33 -23.35
N HIS A 120 0.31 2.86 -23.93
CA HIS A 120 0.27 4.13 -24.64
C HIS A 120 -0.51 4.03 -25.94
N HIS A 121 -0.80 5.17 -26.56
CA HIS A 121 -1.58 5.21 -27.78
C HIS A 121 -0.74 4.86 -29.00
N HIS A 122 0.35 5.58 -29.20
CA HIS A 122 1.19 5.37 -30.36
C HIS A 122 2.62 5.82 -30.06
N HIS A 123 3.57 5.23 -30.77
CA HIS A 123 4.99 5.59 -30.61
C HIS A 123 5.23 7.04 -31.00
N HIS A 124 4.48 7.52 -31.96
CA HIS A 124 4.59 8.89 -32.42
C HIS A 124 3.20 9.51 -32.52
N MET A 1 31.75 9.49 -5.26
CA MET A 1 30.50 9.90 -5.90
C MET A 1 29.47 8.78 -5.83
N SER A 2 28.19 9.16 -5.84
CA SER A 2 27.08 8.21 -5.75
C SER A 2 27.05 7.51 -4.40
N LEU A 3 26.29 8.06 -3.47
CA LEU A 3 26.15 7.48 -2.15
C LEU A 3 25.03 6.45 -2.15
N GLY A 4 24.19 6.52 -3.18
CA GLY A 4 23.12 5.55 -3.36
C GLY A 4 21.93 5.78 -2.46
N SER A 5 22.15 5.68 -1.14
CA SER A 5 21.09 5.80 -0.13
C SER A 5 20.16 4.58 -0.18
N GLU A 6 19.40 4.38 0.88
CA GLU A 6 18.52 3.22 0.94
C GLU A 6 17.16 3.50 0.33
N SER A 7 16.66 4.68 0.57
CA SER A 7 15.32 5.06 0.11
C SER A 7 15.12 6.57 0.27
N GLU A 8 15.28 7.30 -0.80
CA GLU A 8 15.08 8.74 -0.77
C GLU A 8 13.60 9.08 -0.86
N THR A 9 12.81 8.06 -1.03
CA THR A 9 11.36 8.17 -1.12
C THR A 9 10.76 8.31 0.28
N GLY A 10 11.53 7.92 1.26
CA GLY A 10 11.06 7.96 2.62
C GLY A 10 10.73 6.59 3.13
N ASN A 11 9.50 6.41 3.57
CA ASN A 11 9.07 5.13 4.10
C ASN A 11 7.91 4.57 3.30
N ALA A 12 7.80 5.02 2.07
CA ALA A 12 6.73 4.59 1.19
C ALA A 12 7.10 3.30 0.47
N VAL A 13 6.20 2.34 0.49
CA VAL A 13 6.39 1.06 -0.18
C VAL A 13 5.19 0.74 -1.04
N VAL A 14 5.34 -0.18 -1.97
CA VAL A 14 4.24 -0.54 -2.84
C VAL A 14 3.87 -2.00 -2.61
N VAL A 15 2.62 -2.22 -2.20
CA VAL A 15 2.12 -3.57 -2.00
C VAL A 15 1.20 -3.93 -3.15
N PHE A 16 1.44 -5.06 -3.78
CA PHE A 16 0.65 -5.51 -4.92
C PHE A 16 0.33 -7.00 -4.81
N GLY A 17 -0.62 -7.44 -5.62
CA GLY A 17 -1.01 -8.85 -5.63
C GLY A 17 -2.47 -9.05 -5.24
N TYR A 18 -3.11 -7.97 -4.85
CA TYR A 18 -4.51 -8.02 -4.44
C TYR A 18 -5.40 -7.23 -5.39
N ARG A 19 -6.69 -7.29 -5.14
CA ARG A 19 -7.67 -6.64 -5.99
C ARG A 19 -8.54 -5.68 -5.18
N GLU A 20 -9.04 -4.64 -5.85
CA GLU A 20 -9.94 -3.67 -5.25
C GLU A 20 -11.29 -4.33 -4.94
N ALA A 21 -11.31 -5.10 -3.85
CA ALA A 21 -12.52 -5.80 -3.40
C ALA A 21 -12.28 -6.50 -2.06
N ILE A 22 -11.05 -6.91 -1.84
CA ILE A 22 -10.66 -7.62 -0.62
C ILE A 22 -10.29 -6.65 0.51
N THR A 23 -10.97 -5.52 0.57
CA THR A 23 -10.60 -4.48 1.50
C THR A 23 -10.67 -4.95 2.95
N LYS A 24 -11.80 -5.51 3.34
CA LYS A 24 -12.00 -5.98 4.70
C LYS A 24 -11.06 -7.13 5.03
N GLN A 25 -10.79 -7.96 4.04
CA GLN A 25 -9.95 -9.13 4.23
C GLN A 25 -8.52 -8.77 4.62
N ILE A 26 -7.80 -8.17 3.70
CA ILE A 26 -6.40 -7.89 3.90
C ILE A 26 -6.18 -6.77 4.94
N LEU A 27 -7.14 -5.85 5.04
CA LEU A 27 -7.02 -4.74 5.96
C LEU A 27 -7.00 -5.21 7.40
N ALA A 28 -7.70 -6.30 7.70
CA ALA A 28 -7.72 -6.85 9.06
C ALA A 28 -6.30 -7.10 9.59
N TYR A 29 -5.36 -7.37 8.68
CA TYR A 29 -3.98 -7.60 9.05
C TYR A 29 -3.14 -6.31 8.98
N PHE A 30 -3.31 -5.55 7.89
CA PHE A 30 -2.48 -4.37 7.63
C PHE A 30 -3.02 -3.07 8.25
N ALA A 31 -4.22 -3.10 8.79
CA ALA A 31 -4.84 -1.90 9.38
C ALA A 31 -4.01 -1.33 10.52
N GLN A 32 -3.21 -2.18 11.15
CA GLN A 32 -2.33 -1.74 12.23
C GLN A 32 -1.18 -0.92 11.67
N PHE A 33 -0.96 -1.05 10.36
CA PHE A 33 0.11 -0.37 9.69
C PHE A 33 -0.42 0.84 8.91
N GLY A 34 -1.55 0.66 8.23
CA GLY A 34 -2.12 1.75 7.46
C GLY A 34 -3.46 1.40 6.83
N GLU A 35 -4.04 2.36 6.13
CA GLU A 35 -5.34 2.20 5.47
C GLU A 35 -5.15 1.74 4.02
N ILE A 36 -5.92 0.75 3.58
CA ILE A 36 -5.82 0.27 2.21
C ILE A 36 -7.19 0.31 1.53
N LEU A 37 -7.24 0.89 0.33
CA LEU A 37 -8.48 1.01 -0.47
C LEU A 37 -9.44 2.09 0.07
N GLU A 38 -10.44 2.43 -0.74
CA GLU A 38 -11.35 3.56 -0.47
C GLU A 38 -12.58 3.21 0.37
N ASP A 39 -12.73 1.96 0.79
CA ASP A 39 -13.90 1.58 1.57
C ASP A 39 -13.94 2.27 2.92
N LEU A 40 -13.16 1.76 3.88
CA LEU A 40 -13.05 2.33 5.24
C LEU A 40 -14.39 2.75 5.82
N GLU A 41 -15.06 1.84 6.45
CA GLU A 41 -16.33 2.17 7.02
C GLU A 41 -16.31 1.98 8.52
N SER A 42 -15.98 0.79 8.93
CA SER A 42 -15.85 0.41 10.33
C SER A 42 -14.95 -0.82 10.39
N GLU A 43 -13.65 -0.59 10.40
CA GLU A 43 -12.69 -1.66 10.34
C GLU A 43 -12.31 -2.12 11.74
N LEU A 44 -11.41 -1.38 12.36
CA LEU A 44 -11.02 -1.64 13.73
C LEU A 44 -12.00 -0.92 14.63
N GLY A 45 -12.73 -0.04 14.00
CA GLY A 45 -13.70 0.79 14.64
C GLY A 45 -14.10 1.87 13.66
N ASP A 46 -14.89 2.81 14.10
CA ASP A 46 -15.34 3.89 13.22
C ASP A 46 -14.34 5.04 13.22
N THR A 47 -13.27 4.91 13.99
CA THR A 47 -12.27 5.96 14.09
C THR A 47 -10.84 5.42 14.07
N GLU A 48 -10.67 4.15 14.39
CA GLU A 48 -9.34 3.57 14.54
C GLU A 48 -8.67 3.21 13.23
N THR A 49 -8.88 4.03 12.23
CA THR A 49 -8.19 3.88 10.96
C THR A 49 -7.01 4.84 10.90
N MET A 50 -6.99 5.78 11.86
CA MET A 50 -5.91 6.78 11.97
C MET A 50 -4.67 6.18 12.61
N ARG A 51 -4.38 4.93 12.27
CA ARG A 51 -3.24 4.23 12.81
C ARG A 51 -1.94 4.81 12.21
N THR A 52 -1.52 5.93 12.78
CA THR A 52 -0.37 6.67 12.33
C THR A 52 0.43 7.16 13.55
N PRO A 53 1.63 7.77 13.35
CA PRO A 53 2.43 8.30 14.47
C PRO A 53 1.83 9.59 15.08
N GLY A 54 0.64 9.95 14.64
CA GLY A 54 -0.01 11.13 15.18
C GLY A 54 -0.70 11.98 14.12
N TYR A 55 -1.54 11.35 13.31
CA TYR A 55 -2.29 12.05 12.27
C TYR A 55 -3.71 11.52 12.21
N PHE A 56 -4.64 12.41 12.00
CA PHE A 56 -6.03 12.02 11.91
C PHE A 56 -6.55 12.18 10.48
N PHE A 57 -7.37 11.23 10.07
CA PHE A 57 -7.89 11.15 8.69
C PHE A 57 -9.06 12.11 8.46
N GLN A 58 -9.77 12.48 9.54
CA GLN A 58 -11.00 13.28 9.46
C GLN A 58 -12.14 12.46 8.89
N GLN A 59 -13.17 12.26 9.70
CA GLN A 59 -14.30 11.46 9.29
C GLN A 59 -15.18 12.24 8.32
N ALA A 60 -14.90 12.08 7.06
CA ALA A 60 -15.69 12.68 6.01
C ALA A 60 -16.42 11.56 5.26
N PRO A 61 -17.67 11.83 4.80
CA PRO A 61 -18.50 10.83 4.11
C PRO A 61 -17.78 10.09 2.98
N ASN A 62 -17.41 10.82 1.94
CA ASN A 62 -16.73 10.23 0.79
C ASN A 62 -15.48 11.00 0.44
N ARG A 63 -14.43 10.77 1.21
CA ARG A 63 -13.17 11.41 0.99
C ARG A 63 -12.05 10.39 1.01
N ARG A 64 -11.05 10.58 0.16
CA ARG A 64 -9.89 9.71 0.12
C ARG A 64 -9.08 9.89 1.38
N ARG A 65 -9.44 9.15 2.41
CA ARG A 65 -8.81 9.22 3.72
C ARG A 65 -7.36 8.74 3.65
N ILE A 66 -7.13 7.72 2.82
CA ILE A 66 -5.81 7.14 2.63
C ILE A 66 -4.77 8.19 2.25
N SER A 67 -5.17 9.14 1.41
CA SER A 67 -4.34 10.23 0.98
C SER A 67 -3.02 9.77 0.34
N ARG A 68 -3.06 8.63 -0.28
CA ARG A 68 -1.89 8.05 -0.92
C ARG A 68 -2.24 7.65 -2.35
N GLU A 69 -1.26 7.65 -3.22
CA GLU A 69 -1.47 7.27 -4.61
C GLU A 69 -1.44 5.75 -4.76
N HIS A 70 -2.38 5.21 -5.53
CA HIS A 70 -2.47 3.78 -5.72
C HIS A 70 -3.24 3.46 -6.99
N GLY A 71 -3.14 2.21 -7.41
CA GLY A 71 -3.86 1.75 -8.56
C GLY A 71 -5.07 0.94 -8.15
N ARG A 72 -5.39 -0.10 -8.89
CA ARG A 72 -6.54 -0.92 -8.54
C ARG A 72 -6.08 -2.26 -8.02
N THR A 73 -4.83 -2.56 -8.26
CA THR A 73 -4.27 -3.82 -7.82
C THR A 73 -2.99 -3.62 -6.99
N TRP A 74 -2.60 -2.36 -6.83
CA TRP A 74 -1.41 -2.00 -6.08
C TRP A 74 -1.64 -0.73 -5.27
N THR A 75 -1.04 -0.65 -4.09
CA THR A 75 -1.21 0.50 -3.22
C THR A 75 0.11 0.91 -2.59
N LYS A 76 0.41 2.20 -2.60
CA LYS A 76 1.59 2.72 -1.94
C LYS A 76 1.24 3.03 -0.49
N LEU A 77 1.86 2.35 0.43
CA LEU A 77 1.59 2.58 1.83
C LEU A 77 2.74 3.31 2.49
N THR A 78 2.43 4.44 3.08
CA THR A 78 3.41 5.20 3.80
C THR A 78 3.10 5.12 5.28
N TYR A 79 3.98 4.49 6.04
CA TYR A 79 3.77 4.33 7.46
C TYR A 79 4.51 5.41 8.23
N ALA A 80 5.35 6.16 7.50
CA ALA A 80 6.18 7.24 8.09
C ALA A 80 7.19 6.67 9.10
N ASN A 81 7.26 5.35 9.17
CA ASN A 81 8.16 4.67 10.08
C ASN A 81 8.96 3.61 9.36
N HIS A 82 10.21 3.51 9.72
CA HIS A 82 11.11 2.55 9.09
C HIS A 82 11.05 1.20 9.78
N SER A 83 10.57 1.18 11.01
CA SER A 83 10.48 -0.07 11.76
C SER A 83 9.54 -1.08 11.08
N SER A 84 8.39 -0.58 10.63
CA SER A 84 7.42 -1.42 9.95
C SER A 84 7.74 -1.56 8.47
N TYR A 85 8.63 -0.69 7.98
CA TYR A 85 9.04 -0.67 6.58
C TYR A 85 9.67 -2.01 6.17
N LEU A 86 10.65 -2.47 6.97
CA LEU A 86 11.35 -3.71 6.67
C LEU A 86 10.42 -4.92 6.72
N ARG A 87 9.57 -4.95 7.72
CA ARG A 87 8.64 -6.07 7.93
C ARG A 87 7.64 -6.17 6.78
N ALA A 88 7.18 -5.02 6.30
CA ALA A 88 6.20 -4.96 5.23
C ALA A 88 6.78 -5.41 3.88
N LEU A 89 8.10 -5.53 3.81
CA LEU A 89 8.78 -5.89 2.57
C LEU A 89 8.64 -7.36 2.22
N ARG A 90 8.03 -8.15 3.12
CA ARG A 90 7.83 -9.58 2.88
C ARG A 90 7.11 -9.82 1.53
N GLU A 91 7.69 -10.69 0.71
CA GLU A 91 7.10 -11.02 -0.58
C GLU A 91 7.37 -12.48 -0.95
N HIS A 92 7.82 -13.26 0.02
CA HIS A 92 8.15 -14.66 -0.25
C HIS A 92 7.16 -15.61 0.44
N GLY A 93 7.24 -15.68 1.75
CA GLY A 93 6.40 -16.59 2.48
C GLY A 93 5.16 -15.95 3.05
N THR A 94 4.37 -15.36 2.19
CA THR A 94 3.11 -14.76 2.60
C THR A 94 2.11 -14.83 1.47
N ILE A 95 1.17 -15.74 1.59
CA ILE A 95 0.13 -15.92 0.60
C ILE A 95 -1.23 -15.59 1.20
N TYR A 96 -1.93 -14.67 0.57
CA TYR A 96 -3.23 -14.27 1.03
C TYR A 96 -4.24 -14.51 -0.08
N CYS A 97 -5.33 -15.21 0.25
CA CYS A 97 -6.40 -15.51 -0.71
C CYS A 97 -5.89 -16.37 -1.88
N GLY A 98 -4.80 -17.08 -1.66
CA GLY A 98 -4.23 -17.92 -2.71
C GLY A 98 -3.28 -17.16 -3.60
N ALA A 99 -2.91 -15.96 -3.20
CA ALA A 99 -1.97 -15.15 -3.96
C ALA A 99 -0.88 -14.63 -3.05
N ALA A 100 0.35 -14.65 -3.51
CA ALA A 100 1.45 -14.15 -2.72
C ALA A 100 1.41 -12.63 -2.67
N ILE A 101 1.66 -12.07 -1.49
CA ILE A 101 1.67 -10.64 -1.33
C ILE A 101 3.06 -10.11 -1.65
N GLY A 102 3.12 -9.17 -2.55
CA GLY A 102 4.40 -8.63 -2.94
C GLY A 102 4.53 -7.18 -2.56
N CYS A 103 5.52 -6.87 -1.75
CA CYS A 103 5.77 -5.51 -1.35
C CYS A 103 7.23 -5.16 -1.50
N VAL A 104 7.49 -4.05 -2.16
CA VAL A 104 8.84 -3.59 -2.40
C VAL A 104 8.91 -2.08 -2.17
N PRO A 105 10.12 -1.52 -2.06
CA PRO A 105 10.30 -0.08 -1.90
C PRO A 105 9.75 0.66 -3.11
N TYR A 106 9.26 1.87 -2.89
CA TYR A 106 8.69 2.67 -3.97
C TYR A 106 9.76 3.01 -5.00
N LYS A 107 9.81 2.23 -6.06
CA LYS A 107 10.72 2.48 -7.14
C LYS A 107 10.01 3.20 -8.24
N HIS A 108 10.67 4.18 -8.82
CA HIS A 108 10.07 4.99 -9.87
C HIS A 108 9.82 4.17 -11.14
N GLU A 109 10.75 3.29 -11.46
CA GLU A 109 10.63 2.43 -12.64
C GLU A 109 9.49 1.42 -12.45
N LEU A 110 9.23 1.07 -11.19
CA LEU A 110 8.15 0.15 -10.86
C LEU A 110 6.82 0.73 -11.30
N ILE A 111 6.68 2.03 -11.17
CA ILE A 111 5.49 2.74 -11.58
C ILE A 111 5.29 2.56 -13.08
N SER A 112 6.37 2.66 -13.83
CA SER A 112 6.32 2.47 -15.27
C SER A 112 5.84 1.04 -15.60
N GLU A 113 6.33 0.07 -14.83
CA GLU A 113 5.94 -1.32 -15.00
C GLU A 113 4.44 -1.49 -14.76
N LEU A 114 4.00 -0.97 -13.63
CA LEU A 114 2.61 -1.07 -13.21
C LEU A 114 1.66 -0.34 -14.16
N SER A 115 2.07 0.85 -14.61
CA SER A 115 1.25 1.64 -15.50
C SER A 115 1.09 0.99 -16.87
N ARG A 116 2.15 0.33 -17.34
CA ARG A 116 2.12 -0.36 -18.58
C ARG A 116 1.17 -1.54 -18.47
N GLU A 117 1.20 -2.20 -17.30
CA GLU A 117 0.33 -3.32 -16.96
C GLU A 117 0.66 -4.57 -17.77
N GLY A 118 1.44 -5.45 -17.18
CA GLY A 118 1.79 -6.68 -17.83
C GLY A 118 3.25 -6.97 -17.77
N HIS A 119 3.91 -6.87 -18.90
CA HIS A 119 5.32 -7.17 -19.00
C HIS A 119 6.13 -5.89 -19.12
N HIS A 120 7.44 -6.02 -19.01
CA HIS A 120 8.34 -4.89 -19.11
C HIS A 120 8.46 -4.43 -20.56
N HIS A 121 8.44 -5.39 -21.46
CA HIS A 121 8.54 -5.13 -22.88
C HIS A 121 7.57 -6.06 -23.60
N HIS A 122 7.77 -6.25 -24.89
CA HIS A 122 6.90 -7.12 -25.66
C HIS A 122 7.71 -8.02 -26.59
N HIS A 123 7.70 -9.33 -26.28
CA HIS A 123 8.40 -10.35 -27.07
C HIS A 123 9.92 -10.17 -27.03
N HIS A 124 10.43 -9.26 -27.85
CA HIS A 124 11.85 -8.98 -27.95
C HIS A 124 12.10 -7.52 -27.74
N MET A 1 31.90 -1.24 -2.03
CA MET A 1 32.14 -1.33 -3.49
C MET A 1 31.61 -2.63 -4.06
N SER A 2 31.21 -3.56 -3.20
CA SER A 2 30.68 -4.83 -3.64
C SER A 2 29.18 -4.73 -3.87
N LEU A 3 28.48 -4.14 -2.91
CA LEU A 3 27.03 -4.04 -2.98
C LEU A 3 26.60 -2.58 -3.00
N GLY A 4 25.75 -2.24 -3.95
CA GLY A 4 25.25 -0.88 -4.05
C GLY A 4 24.16 -0.63 -3.03
N SER A 5 24.24 0.50 -2.35
CA SER A 5 23.26 0.85 -1.33
C SER A 5 21.87 1.02 -1.96
N GLU A 6 21.83 1.72 -3.10
CA GLU A 6 20.63 2.00 -3.85
C GLU A 6 19.47 2.43 -2.93
N SER A 7 19.65 3.58 -2.30
CA SER A 7 18.69 4.09 -1.38
C SER A 7 17.69 4.98 -2.12
N GLU A 8 17.39 6.13 -1.53
CA GLU A 8 16.46 7.10 -2.04
C GLU A 8 15.02 6.55 -2.12
N THR A 9 14.84 5.34 -1.63
CA THR A 9 13.55 4.68 -1.63
C THR A 9 12.54 5.41 -0.73
N GLY A 10 12.98 5.77 0.46
CA GLY A 10 12.10 6.44 1.39
C GLY A 10 11.39 5.46 2.31
N ASN A 11 10.22 5.88 2.77
CA ASN A 11 9.42 5.08 3.70
C ASN A 11 8.19 4.50 3.01
N ALA A 12 8.25 4.42 1.70
CA ALA A 12 7.14 3.91 0.93
C ALA A 12 7.46 2.56 0.30
N VAL A 13 6.52 1.65 0.43
CA VAL A 13 6.63 0.33 -0.19
C VAL A 13 5.55 0.14 -1.22
N VAL A 14 5.79 -0.73 -2.17
CA VAL A 14 4.84 -1.02 -3.20
C VAL A 14 4.34 -2.44 -3.02
N VAL A 15 3.08 -2.58 -2.67
CA VAL A 15 2.50 -3.89 -2.46
C VAL A 15 1.43 -4.15 -3.52
N PHE A 16 1.49 -5.31 -4.12
CA PHE A 16 0.56 -5.68 -5.17
C PHE A 16 0.21 -7.16 -5.07
N GLY A 17 -0.86 -7.56 -5.76
CA GLY A 17 -1.28 -8.95 -5.72
C GLY A 17 -2.69 -9.12 -5.16
N TYR A 18 -3.38 -8.01 -5.01
CA TYR A 18 -4.74 -8.02 -4.49
C TYR A 18 -5.60 -7.03 -5.25
N ARG A 19 -6.91 -7.13 -5.04
CA ARG A 19 -7.86 -6.27 -5.73
C ARG A 19 -8.73 -5.56 -4.69
N GLU A 20 -9.32 -4.45 -5.10
CA GLU A 20 -10.19 -3.69 -4.24
C GLU A 20 -11.54 -4.42 -4.10
N ALA A 21 -11.59 -5.33 -3.13
CA ALA A 21 -12.76 -6.15 -2.89
C ALA A 21 -12.53 -7.02 -1.66
N ILE A 22 -11.26 -7.35 -1.44
CA ILE A 22 -10.85 -8.16 -0.29
C ILE A 22 -10.35 -7.27 0.85
N THR A 23 -10.93 -6.08 0.92
CA THR A 23 -10.51 -5.06 1.86
C THR A 23 -10.58 -5.54 3.30
N LYS A 24 -11.70 -6.12 3.66
CA LYS A 24 -11.97 -6.51 5.04
C LYS A 24 -10.96 -7.53 5.52
N GLN A 25 -10.61 -8.44 4.65
CA GLN A 25 -9.68 -9.50 4.95
C GLN A 25 -8.28 -8.97 5.23
N ILE A 26 -7.67 -8.37 4.22
CA ILE A 26 -6.31 -7.90 4.32
C ILE A 26 -6.16 -6.72 5.30
N LEU A 27 -7.21 -5.92 5.43
CA LEU A 27 -7.20 -4.76 6.33
C LEU A 27 -7.06 -5.20 7.78
N ALA A 28 -7.77 -6.26 8.15
CA ALA A 28 -7.72 -6.77 9.52
C ALA A 28 -6.30 -7.17 9.95
N TYR A 29 -5.49 -7.57 8.98
CA TYR A 29 -4.12 -7.99 9.26
C TYR A 29 -3.16 -6.80 9.30
N PHE A 30 -3.24 -5.94 8.30
CA PHE A 30 -2.32 -4.81 8.18
C PHE A 30 -2.74 -3.60 8.99
N ALA A 31 -3.94 -3.66 9.57
CA ALA A 31 -4.46 -2.55 10.39
C ALA A 31 -3.52 -2.23 11.54
N GLN A 32 -2.72 -3.23 11.94
CA GLN A 32 -1.71 -3.04 12.99
C GLN A 32 -0.74 -1.93 12.57
N PHE A 33 -0.62 -1.73 11.27
CA PHE A 33 0.26 -0.73 10.71
C PHE A 33 -0.54 0.44 10.15
N GLY A 34 -1.56 0.14 9.34
CA GLY A 34 -2.37 1.18 8.74
C GLY A 34 -3.51 0.63 7.89
N GLU A 35 -4.12 1.50 7.10
CA GLU A 35 -5.25 1.14 6.26
C GLU A 35 -4.76 0.77 4.86
N ILE A 36 -5.55 0.01 4.12
CA ILE A 36 -5.11 -0.46 2.82
C ILE A 36 -5.82 0.24 1.66
N LEU A 37 -7.05 -0.14 1.38
CA LEU A 37 -7.77 0.43 0.25
C LEU A 37 -9.24 0.74 0.59
N GLU A 38 -10.00 1.16 -0.43
CA GLU A 38 -11.39 1.63 -0.27
C GLU A 38 -12.36 0.50 0.15
N ASP A 39 -13.59 0.91 0.51
CA ASP A 39 -14.69 0.02 0.91
C ASP A 39 -14.32 -0.97 2.00
N LEU A 40 -14.25 -0.48 3.23
CA LEU A 40 -13.86 -1.32 4.36
C LEU A 40 -15.04 -1.96 5.04
N GLU A 41 -16.19 -1.28 5.03
CA GLU A 41 -17.42 -1.73 5.73
C GLU A 41 -17.09 -2.24 7.15
N SER A 42 -16.90 -3.54 7.27
CA SER A 42 -16.50 -4.15 8.51
C SER A 42 -14.98 -4.13 8.56
N GLU A 43 -14.43 -3.09 9.15
CA GLU A 43 -13.00 -2.88 9.21
C GLU A 43 -12.29 -3.98 10.01
N LEU A 44 -12.36 -3.89 11.33
CA LEU A 44 -11.72 -4.87 12.19
C LEU A 44 -12.31 -4.84 13.61
N GLY A 45 -12.31 -3.66 14.24
CA GLY A 45 -12.82 -3.54 15.59
C GLY A 45 -11.84 -4.02 16.64
N ASP A 46 -10.68 -4.49 16.20
CA ASP A 46 -9.66 -5.03 17.10
C ASP A 46 -8.66 -3.95 17.53
N THR A 47 -7.64 -3.72 16.71
CA THR A 47 -6.63 -2.72 17.01
C THR A 47 -7.04 -1.37 16.41
N GLU A 48 -8.33 -1.11 16.47
CA GLU A 48 -8.92 0.10 15.90
C GLU A 48 -8.31 1.37 16.53
N THR A 49 -7.80 1.22 17.73
CA THR A 49 -7.16 2.31 18.45
C THR A 49 -5.85 2.75 17.76
N MET A 50 -5.17 1.80 17.13
CA MET A 50 -3.92 2.08 16.44
C MET A 50 -4.08 2.02 14.92
N ARG A 51 -4.02 3.17 14.28
CA ARG A 51 -4.11 3.28 12.83
C ARG A 51 -3.04 4.21 12.30
N THR A 52 -1.84 3.67 12.09
CA THR A 52 -0.71 4.45 11.62
C THR A 52 -0.27 5.51 12.66
N PRO A 53 1.00 5.46 13.07
CA PRO A 53 1.56 6.36 14.08
C PRO A 53 1.86 7.76 13.53
N GLY A 54 0.91 8.34 12.80
CA GLY A 54 1.14 9.64 12.22
C GLY A 54 -0.14 10.44 11.97
N TYR A 55 -1.06 9.87 11.20
CA TYR A 55 -2.28 10.56 10.84
C TYR A 55 -3.48 9.64 11.04
N PHE A 56 -4.64 10.24 11.05
CA PHE A 56 -5.89 9.51 11.23
C PHE A 56 -6.41 9.01 9.89
N PHE A 57 -7.32 8.05 9.95
CA PHE A 57 -7.88 7.43 8.76
C PHE A 57 -9.25 8.01 8.46
N GLN A 58 -9.56 9.13 9.06
CA GLN A 58 -10.86 9.78 8.89
C GLN A 58 -11.14 10.06 7.42
N GLN A 59 -11.93 9.18 6.82
CA GLN A 59 -12.26 9.26 5.43
C GLN A 59 -13.36 10.30 5.20
N ALA A 60 -12.94 11.52 4.96
CA ALA A 60 -13.87 12.61 4.71
C ALA A 60 -14.22 12.67 3.23
N PRO A 61 -15.52 12.53 2.88
CA PRO A 61 -15.99 12.53 1.48
C PRO A 61 -15.59 13.80 0.70
N ASN A 62 -15.51 14.92 1.39
CA ASN A 62 -15.17 16.19 0.75
C ASN A 62 -13.66 16.41 0.74
N ARG A 63 -12.93 15.39 1.16
CA ARG A 63 -11.47 15.42 1.21
C ARG A 63 -10.89 14.08 0.81
N ARG A 64 -9.61 13.94 1.04
CA ARG A 64 -8.89 12.71 0.83
C ARG A 64 -9.32 11.66 1.85
N ARG A 65 -9.71 10.49 1.36
CA ARG A 65 -10.12 9.40 2.23
C ARG A 65 -8.88 8.75 2.80
N ILE A 66 -8.07 8.25 1.92
CA ILE A 66 -6.82 7.63 2.28
C ILE A 66 -5.68 8.60 1.97
N SER A 67 -4.60 8.50 2.73
CA SER A 67 -3.46 9.38 2.61
C SER A 67 -2.84 9.33 1.19
N ARG A 68 -2.79 8.14 0.59
CA ARG A 68 -2.20 7.99 -0.73
C ARG A 68 -3.21 7.42 -1.71
N GLU A 69 -3.07 7.82 -2.98
CA GLU A 69 -4.01 7.39 -4.03
C GLU A 69 -3.80 5.94 -4.46
N HIS A 70 -4.81 5.39 -5.13
CA HIS A 70 -4.78 3.99 -5.54
C HIS A 70 -4.53 3.90 -7.04
N GLY A 71 -3.84 2.85 -7.45
CA GLY A 71 -3.59 2.64 -8.85
C GLY A 71 -4.55 1.63 -9.43
N ARG A 72 -4.14 0.38 -9.43
CA ARG A 72 -4.98 -0.71 -9.94
C ARG A 72 -5.07 -1.82 -8.92
N THR A 73 -4.11 -2.70 -8.94
CA THR A 73 -4.07 -3.81 -8.02
C THR A 73 -2.86 -3.69 -7.10
N TRP A 74 -2.37 -2.46 -6.99
CA TRP A 74 -1.21 -2.15 -6.19
C TRP A 74 -1.47 -0.90 -5.35
N THR A 75 -0.87 -0.86 -4.18
CA THR A 75 -1.01 0.27 -3.29
C THR A 75 0.36 0.67 -2.74
N LYS A 76 0.70 1.95 -2.82
CA LYS A 76 1.94 2.43 -2.25
C LYS A 76 1.70 2.82 -0.80
N LEU A 77 2.22 2.01 0.10
CA LEU A 77 1.99 2.21 1.51
C LEU A 77 3.08 3.04 2.15
N THR A 78 2.69 4.18 2.67
CA THR A 78 3.58 5.07 3.35
C THR A 78 3.24 5.12 4.85
N TYR A 79 4.14 4.64 5.68
CA TYR A 79 3.90 4.60 7.12
C TYR A 79 4.76 5.63 7.86
N ALA A 80 5.46 6.48 7.10
CA ALA A 80 6.34 7.53 7.64
C ALA A 80 7.61 6.97 8.29
N ASN A 81 7.43 6.05 9.23
CA ASN A 81 8.54 5.44 9.94
C ASN A 81 9.14 4.33 9.12
N HIS A 82 10.46 4.19 9.22
CA HIS A 82 11.16 3.15 8.48
C HIS A 82 10.91 1.80 9.12
N SER A 83 10.55 1.82 10.39
CA SER A 83 10.26 0.60 11.13
C SER A 83 9.07 -0.13 10.51
N SER A 84 7.98 0.60 10.31
CA SER A 84 6.78 0.05 9.70
C SER A 84 7.07 -0.35 8.24
N TYR A 85 7.94 0.43 7.60
CA TYR A 85 8.37 0.18 6.23
C TYR A 85 8.97 -1.21 6.09
N LEU A 86 9.90 -1.53 6.97
CA LEU A 86 10.55 -2.81 6.97
C LEU A 86 9.57 -3.93 7.34
N ARG A 87 8.68 -3.63 8.27
CA ARG A 87 7.70 -4.61 8.75
C ARG A 87 6.76 -5.06 7.63
N ALA A 88 6.38 -4.12 6.76
CA ALA A 88 5.48 -4.40 5.64
C ALA A 88 6.19 -5.14 4.50
N LEU A 89 7.53 -5.17 4.56
CA LEU A 89 8.37 -5.78 3.52
C LEU A 89 8.20 -7.31 3.46
N ARG A 90 7.46 -7.86 4.43
CA ARG A 90 7.22 -9.31 4.53
C ARG A 90 6.56 -9.93 3.27
N GLU A 91 7.39 -10.30 2.30
CA GLU A 91 6.94 -10.95 1.06
C GLU A 91 7.27 -12.43 1.08
N HIS A 92 8.05 -12.85 2.08
CA HIS A 92 8.53 -14.22 2.20
C HIS A 92 7.38 -15.25 2.33
N GLY A 93 6.95 -15.77 1.19
CA GLY A 93 5.91 -16.78 1.16
C GLY A 93 4.58 -16.26 1.71
N THR A 94 4.31 -14.99 1.49
CA THR A 94 3.09 -14.39 1.97
C THR A 94 1.96 -14.58 0.97
N ILE A 95 1.22 -15.66 1.11
CA ILE A 95 0.11 -15.96 0.22
C ILE A 95 -1.20 -15.64 0.90
N TYR A 96 -1.99 -14.85 0.24
CA TYR A 96 -3.26 -14.43 0.77
C TYR A 96 -4.32 -14.57 -0.31
N CYS A 97 -5.47 -15.14 0.04
CA CYS A 97 -6.59 -15.35 -0.90
C CYS A 97 -6.28 -16.50 -1.89
N GLY A 98 -5.03 -16.61 -2.31
CA GLY A 98 -4.64 -17.65 -3.23
C GLY A 98 -3.31 -17.37 -3.87
N ALA A 99 -3.02 -16.10 -4.06
CA ALA A 99 -1.78 -15.69 -4.66
C ALA A 99 -0.90 -14.99 -3.64
N ALA A 100 0.39 -14.91 -3.92
CA ALA A 100 1.31 -14.23 -3.03
C ALA A 100 1.32 -12.75 -3.31
N ILE A 101 1.31 -11.95 -2.25
CA ILE A 101 1.38 -10.53 -2.40
C ILE A 101 2.82 -10.07 -2.47
N GLY A 102 3.10 -9.17 -3.39
CA GLY A 102 4.45 -8.73 -3.57
C GLY A 102 4.71 -7.41 -2.88
N CYS A 103 5.60 -7.45 -1.91
CA CYS A 103 5.97 -6.27 -1.17
C CYS A 103 7.39 -5.88 -1.53
N VAL A 104 7.54 -4.89 -2.37
CA VAL A 104 8.85 -4.45 -2.81
C VAL A 104 9.09 -2.98 -2.51
N PRO A 105 10.36 -2.56 -2.43
CA PRO A 105 10.73 -1.16 -2.21
C PRO A 105 10.32 -0.30 -3.40
N TYR A 106 10.06 0.96 -3.13
CA TYR A 106 9.65 1.91 -4.16
C TYR A 106 10.68 1.99 -5.28
N LYS A 107 10.37 1.34 -6.39
CA LYS A 107 11.23 1.35 -7.56
C LYS A 107 10.69 2.31 -8.60
N HIS A 108 11.57 3.12 -9.15
CA HIS A 108 11.19 4.11 -10.15
C HIS A 108 10.64 3.45 -11.43
N GLU A 109 11.35 2.44 -11.94
CA GLU A 109 10.92 1.76 -13.16
C GLU A 109 9.64 0.96 -12.93
N LEU A 110 9.50 0.42 -11.72
CA LEU A 110 8.33 -0.39 -11.37
C LEU A 110 7.05 0.41 -11.53
N ILE A 111 7.10 1.67 -11.10
CA ILE A 111 5.95 2.53 -11.22
C ILE A 111 5.58 2.69 -12.69
N SER A 112 6.60 2.91 -13.52
CA SER A 112 6.40 3.02 -14.96
C SER A 112 5.81 1.71 -15.51
N GLU A 113 6.34 0.58 -15.05
CA GLU A 113 5.85 -0.73 -15.50
C GLU A 113 4.36 -0.87 -15.18
N LEU A 114 4.01 -0.57 -13.94
CA LEU A 114 2.64 -0.68 -13.46
C LEU A 114 1.68 0.29 -14.18
N SER A 115 2.13 1.52 -14.38
CA SER A 115 1.30 2.52 -15.03
C SER A 115 1.17 2.29 -16.54
N ARG A 116 2.27 1.93 -17.19
CA ARG A 116 2.27 1.72 -18.63
C ARG A 116 1.53 0.47 -19.02
N GLU A 117 1.79 -0.64 -18.30
CA GLU A 117 1.13 -1.92 -18.57
C GLU A 117 1.26 -2.32 -20.06
N GLY A 118 2.39 -2.88 -20.42
CA GLY A 118 2.61 -3.28 -21.80
C GLY A 118 3.15 -4.69 -21.91
N HIS A 119 3.05 -5.44 -20.81
CA HIS A 119 3.55 -6.84 -20.68
C HIS A 119 5.05 -7.00 -21.04
N HIS A 120 5.42 -6.75 -22.27
CA HIS A 120 6.80 -6.87 -22.71
C HIS A 120 7.10 -5.73 -23.68
N HIS A 121 7.95 -4.82 -23.27
CA HIS A 121 8.26 -3.68 -24.12
C HIS A 121 9.51 -3.96 -24.96
N HIS A 122 10.67 -3.78 -24.37
CA HIS A 122 11.94 -4.05 -25.03
C HIS A 122 12.89 -4.65 -24.04
N HIS A 123 13.40 -5.84 -24.36
CA HIS A 123 14.29 -6.61 -23.47
C HIS A 123 13.49 -7.16 -22.27
N HIS A 124 12.67 -6.32 -21.65
CA HIS A 124 11.82 -6.75 -20.56
C HIS A 124 10.37 -6.37 -20.86
N MET A 1 19.78 -3.97 -3.05
CA MET A 1 18.84 -3.41 -2.06
C MET A 1 19.58 -2.64 -0.97
N SER A 2 20.90 -2.78 -0.93
CA SER A 2 21.72 -2.13 0.08
C SER A 2 22.08 -0.70 -0.33
N LEU A 3 21.91 -0.36 -1.61
CA LEU A 3 22.22 0.97 -2.10
C LEU A 3 21.30 2.02 -1.45
N GLY A 4 20.02 1.71 -1.39
CA GLY A 4 19.06 2.62 -0.82
C GLY A 4 18.22 3.34 -1.87
N SER A 5 17.19 4.03 -1.42
CA SER A 5 16.31 4.76 -2.32
C SER A 5 16.80 6.20 -2.49
N GLU A 6 17.17 6.58 -3.71
CA GLU A 6 17.70 7.91 -3.98
C GLU A 6 16.62 8.98 -3.93
N SER A 7 15.39 8.57 -3.86
CA SER A 7 14.27 9.49 -3.83
C SER A 7 13.81 9.71 -2.40
N GLU A 8 14.51 9.04 -1.47
CA GLU A 8 14.21 9.14 -0.05
C GLU A 8 12.82 8.63 0.28
N THR A 9 12.31 7.76 -0.57
CA THR A 9 10.97 7.22 -0.42
C THR A 9 11.02 5.88 0.34
N GLY A 10 12.01 5.75 1.22
CA GLY A 10 12.19 4.52 1.99
C GLY A 10 11.10 4.30 3.02
N ASN A 11 10.21 5.27 3.17
CA ASN A 11 9.12 5.17 4.13
C ASN A 11 7.85 4.71 3.43
N ALA A 12 7.97 4.37 2.15
CA ALA A 12 6.83 3.94 1.37
C ALA A 12 7.17 2.72 0.53
N VAL A 13 6.20 1.84 0.40
CA VAL A 13 6.36 0.63 -0.39
C VAL A 13 5.18 0.45 -1.33
N VAL A 14 5.39 -0.35 -2.35
CA VAL A 14 4.36 -0.67 -3.29
C VAL A 14 3.92 -2.11 -3.08
N VAL A 15 2.69 -2.28 -2.66
CA VAL A 15 2.16 -3.62 -2.41
C VAL A 15 1.14 -3.95 -3.48
N PHE A 16 1.32 -5.10 -4.12
CA PHE A 16 0.44 -5.48 -5.21
C PHE A 16 0.16 -6.98 -5.20
N GLY A 17 -0.75 -7.41 -6.08
CA GLY A 17 -1.09 -8.81 -6.17
C GLY A 17 -2.53 -9.09 -5.78
N TYR A 18 -3.23 -8.05 -5.37
CA TYR A 18 -4.62 -8.20 -4.93
C TYR A 18 -5.54 -7.26 -5.69
N ARG A 19 -6.83 -7.37 -5.43
CA ARG A 19 -7.83 -6.55 -6.09
C ARG A 19 -8.74 -5.88 -5.07
N GLU A 20 -9.52 -4.91 -5.50
CA GLU A 20 -10.45 -4.24 -4.61
C GLU A 20 -11.67 -5.13 -4.41
N ALA A 21 -11.56 -6.02 -3.44
CA ALA A 21 -12.62 -6.95 -3.11
C ALA A 21 -12.31 -7.62 -1.79
N ILE A 22 -11.03 -7.93 -1.62
CA ILE A 22 -10.54 -8.59 -0.41
C ILE A 22 -10.16 -7.59 0.66
N THR A 23 -10.71 -6.37 0.55
CA THR A 23 -10.41 -5.30 1.49
C THR A 23 -10.79 -5.65 2.91
N LYS A 24 -12.01 -6.15 3.11
CA LYS A 24 -12.49 -6.49 4.44
C LYS A 24 -11.53 -7.48 5.09
N GLN A 25 -11.01 -8.38 4.27
CA GLN A 25 -10.10 -9.42 4.71
C GLN A 25 -8.71 -8.88 5.05
N ILE A 26 -8.00 -8.40 4.05
CA ILE A 26 -6.61 -7.98 4.20
C ILE A 26 -6.45 -6.76 5.11
N LEU A 27 -7.43 -5.86 5.07
CA LEU A 27 -7.39 -4.65 5.88
C LEU A 27 -7.40 -5.00 7.36
N ALA A 28 -8.19 -6.00 7.74
CA ALA A 28 -8.28 -6.41 9.13
C ALA A 28 -6.92 -6.88 9.69
N TYR A 29 -6.12 -7.50 8.84
CA TYR A 29 -4.82 -8.01 9.24
C TYR A 29 -3.73 -6.91 9.20
N PHE A 30 -3.70 -6.15 8.12
CA PHE A 30 -2.68 -5.11 7.92
C PHE A 30 -3.05 -3.80 8.59
N ALA A 31 -4.26 -3.73 9.16
CA ALA A 31 -4.73 -2.51 9.86
C ALA A 31 -3.78 -2.09 10.97
N GLN A 32 -2.88 -3.00 11.34
CA GLN A 32 -1.86 -2.70 12.33
C GLN A 32 -0.98 -1.55 11.84
N PHE A 33 -0.89 -1.42 10.51
CA PHE A 33 -0.11 -0.38 9.88
C PHE A 33 -1.01 0.81 9.53
N GLY A 34 -1.92 0.61 8.56
CA GLY A 34 -2.80 1.67 8.11
C GLY A 34 -3.79 1.20 7.05
N GLU A 35 -4.38 2.13 6.30
CA GLU A 35 -5.34 1.80 5.24
C GLU A 35 -4.65 1.07 4.11
N ILE A 36 -5.30 0.07 3.56
CA ILE A 36 -4.74 -0.67 2.44
C ILE A 36 -5.41 -0.27 1.14
N LEU A 37 -6.73 -0.37 1.10
CA LEU A 37 -7.49 0.02 -0.09
C LEU A 37 -8.43 1.17 0.22
N GLU A 38 -9.17 1.62 -0.78
CA GLU A 38 -10.14 2.71 -0.61
C GLU A 38 -11.28 2.32 0.32
N ASP A 39 -11.72 1.08 0.23
CA ASP A 39 -12.75 0.57 1.11
C ASP A 39 -12.21 0.39 2.51
N LEU A 40 -13.04 0.70 3.49
CA LEU A 40 -12.68 0.55 4.88
C LEU A 40 -13.89 0.83 5.74
N GLU A 41 -14.50 -0.22 6.22
CA GLU A 41 -15.67 -0.08 7.05
C GLU A 41 -15.29 -0.29 8.52
N SER A 42 -14.47 -1.28 8.76
CA SER A 42 -14.00 -1.57 10.09
C SER A 42 -12.58 -2.10 10.00
N GLU A 43 -11.67 -1.43 10.68
CA GLU A 43 -10.27 -1.83 10.69
C GLU A 43 -9.99 -2.79 11.83
N LEU A 44 -9.85 -2.26 13.02
CA LEU A 44 -9.63 -3.05 14.18
C LEU A 44 -10.69 -2.76 15.23
N GLY A 45 -10.92 -1.47 15.49
CA GLY A 45 -11.92 -1.07 16.47
C GLY A 45 -11.34 -0.85 17.86
N ASP A 46 -11.63 0.33 18.44
CA ASP A 46 -11.17 0.68 19.80
C ASP A 46 -9.66 0.73 19.90
N THR A 47 -9.00 1.01 18.79
CA THR A 47 -7.54 1.04 18.78
C THR A 47 -7.02 1.74 17.51
N GLU A 48 -7.78 2.73 17.05
CA GLU A 48 -7.44 3.48 15.84
C GLU A 48 -6.06 4.17 15.95
N THR A 49 -5.73 4.65 17.14
CA THR A 49 -4.49 5.37 17.34
C THR A 49 -3.25 4.47 17.44
N MET A 50 -3.45 3.17 17.69
CA MET A 50 -2.32 2.24 17.75
C MET A 50 -1.65 2.17 16.40
N ARG A 51 -2.47 2.15 15.36
CA ARG A 51 -1.98 2.12 14.00
C ARG A 51 -1.72 3.53 13.51
N THR A 52 -0.79 3.66 12.54
CA THR A 52 -0.39 4.95 11.96
C THR A 52 0.16 5.96 12.98
N PRO A 53 0.95 6.96 12.52
CA PRO A 53 1.48 8.04 13.37
C PRO A 53 0.36 8.99 13.83
N GLY A 54 0.73 10.22 14.18
CA GLY A 54 -0.24 11.20 14.63
C GLY A 54 -1.09 11.79 13.51
N TYR A 55 -1.36 10.99 12.50
CA TYR A 55 -2.16 11.41 11.37
C TYR A 55 -3.32 10.46 11.21
N PHE A 56 -4.52 10.94 11.43
CA PHE A 56 -5.69 10.10 11.33
C PHE A 56 -6.44 10.40 10.04
N PHE A 57 -6.78 9.34 9.33
CA PHE A 57 -7.49 9.45 8.08
C PHE A 57 -8.93 9.93 8.27
N GLN A 58 -9.56 9.45 9.35
CA GLN A 58 -10.97 9.75 9.65
C GLN A 58 -11.89 9.09 8.61
N GLN A 59 -12.78 8.23 9.06
CA GLN A 59 -13.67 7.52 8.17
C GLN A 59 -14.71 8.46 7.56
N ALA A 60 -14.34 9.04 6.44
CA ALA A 60 -15.22 9.93 5.71
C ALA A 60 -15.60 9.31 4.38
N PRO A 61 -16.82 8.76 4.28
CA PRO A 61 -17.30 8.09 3.06
C PRO A 61 -17.57 9.06 1.92
N ASN A 62 -17.63 10.33 2.23
CA ASN A 62 -17.90 11.38 1.24
C ASN A 62 -16.62 11.77 0.48
N ARG A 63 -15.48 11.29 0.98
CA ARG A 63 -14.20 11.56 0.35
C ARG A 63 -13.38 10.30 0.26
N ARG A 64 -12.09 10.45 0.00
CA ARG A 64 -11.17 9.34 -0.04
C ARG A 64 -10.74 8.97 1.37
N ARG A 65 -10.85 7.71 1.71
CA ARG A 65 -10.47 7.26 3.03
C ARG A 65 -8.95 7.26 3.18
N ILE A 66 -8.26 6.76 2.16
CA ILE A 66 -6.81 6.69 2.17
C ILE A 66 -6.21 7.98 1.60
N SER A 67 -5.25 8.53 2.31
CA SER A 67 -4.65 9.81 1.93
C SER A 67 -3.35 9.61 1.13
N ARG A 68 -3.25 8.50 0.43
CA ARG A 68 -2.07 8.21 -0.38
C ARG A 68 -2.49 7.72 -1.76
N GLU A 69 -1.68 8.02 -2.78
CA GLU A 69 -2.01 7.62 -4.14
C GLU A 69 -1.78 6.13 -4.37
N HIS A 70 -2.58 5.53 -5.23
CA HIS A 70 -2.51 4.11 -5.49
C HIS A 70 -3.04 3.77 -6.88
N GLY A 71 -2.83 2.53 -7.30
CA GLY A 71 -3.32 2.08 -8.58
C GLY A 71 -4.52 1.16 -8.39
N ARG A 72 -4.87 0.41 -9.42
CA ARG A 72 -6.01 -0.50 -9.32
C ARG A 72 -5.58 -1.90 -8.94
N THR A 73 -4.32 -2.18 -9.15
CA THR A 73 -3.78 -3.48 -8.84
C THR A 73 -2.60 -3.39 -7.88
N TRP A 74 -2.23 -2.17 -7.53
CA TRP A 74 -1.10 -1.93 -6.65
C TRP A 74 -1.38 -0.74 -5.74
N THR A 75 -0.83 -0.79 -4.55
CA THR A 75 -1.06 0.25 -3.57
C THR A 75 0.25 0.79 -3.01
N LYS A 76 0.37 2.10 -2.97
CA LYS A 76 1.52 2.76 -2.39
C LYS A 76 1.23 3.04 -0.91
N LEU A 77 1.97 2.39 -0.04
CA LEU A 77 1.75 2.58 1.38
C LEU A 77 2.93 3.26 2.04
N THR A 78 2.65 4.35 2.71
CA THR A 78 3.67 5.10 3.42
C THR A 78 3.42 4.96 4.91
N TYR A 79 4.43 4.49 5.63
CA TYR A 79 4.27 4.26 7.06
C TYR A 79 4.93 5.35 7.87
N ALA A 80 5.61 6.27 7.18
CA ALA A 80 6.35 7.40 7.80
C ALA A 80 7.61 6.90 8.52
N ASN A 81 7.52 5.74 9.14
CA ASN A 81 8.65 5.14 9.84
C ASN A 81 9.30 4.09 8.97
N HIS A 82 10.61 4.05 8.99
CA HIS A 82 11.36 3.09 8.18
C HIS A 82 11.38 1.73 8.86
N SER A 83 11.05 1.73 10.15
CA SER A 83 11.00 0.51 10.93
C SER A 83 9.95 -0.46 10.36
N SER A 84 8.81 0.10 9.95
CA SER A 84 7.72 -0.70 9.41
C SER A 84 8.05 -1.23 8.02
N TYR A 85 9.04 -0.61 7.37
CA TYR A 85 9.47 -1.00 6.03
C TYR A 85 9.95 -2.45 6.01
N LEU A 86 10.82 -2.79 6.96
CA LEU A 86 11.38 -4.14 7.04
C LEU A 86 10.29 -5.16 7.34
N ARG A 87 9.42 -4.81 8.26
CA ARG A 87 8.34 -5.69 8.69
C ARG A 87 7.32 -5.93 7.57
N ALA A 88 6.96 -4.86 6.86
CA ALA A 88 5.97 -4.94 5.78
C ALA A 88 6.57 -5.57 4.52
N LEU A 89 7.89 -5.68 4.49
CA LEU A 89 8.60 -6.26 3.36
C LEU A 89 8.54 -7.78 3.40
N ARG A 90 7.99 -8.32 4.49
CA ARG A 90 7.89 -9.77 4.71
C ARG A 90 7.31 -10.52 3.50
N GLU A 91 8.17 -11.26 2.83
CA GLU A 91 7.75 -12.11 1.73
C GLU A 91 7.82 -13.57 2.16
N HIS A 92 8.15 -13.77 3.42
CA HIS A 92 8.33 -15.12 3.97
C HIS A 92 6.98 -15.79 4.21
N GLY A 93 6.53 -16.54 3.22
CA GLY A 93 5.30 -17.29 3.35
C GLY A 93 4.08 -16.40 3.51
N THR A 94 4.14 -15.20 2.95
CA THR A 94 3.03 -14.29 3.05
C THR A 94 1.98 -14.61 1.98
N ILE A 95 1.13 -15.59 2.29
CA ILE A 95 0.07 -16.02 1.39
C ILE A 95 -1.28 -15.65 1.95
N TYR A 96 -2.05 -14.95 1.15
CA TYR A 96 -3.37 -14.53 1.54
C TYR A 96 -4.35 -14.76 0.39
N CYS A 97 -5.49 -15.37 0.69
CA CYS A 97 -6.52 -15.66 -0.31
C CYS A 97 -6.02 -16.76 -1.28
N GLY A 98 -4.97 -17.45 -0.87
CA GLY A 98 -4.43 -18.52 -1.67
C GLY A 98 -3.21 -18.10 -2.47
N ALA A 99 -2.94 -16.81 -2.52
CA ALA A 99 -1.81 -16.31 -3.28
C ALA A 99 -0.91 -15.40 -2.45
N ALA A 100 0.37 -15.45 -2.72
CA ALA A 100 1.33 -14.60 -2.03
C ALA A 100 1.27 -13.19 -2.61
N ILE A 101 1.41 -12.21 -1.75
CA ILE A 101 1.39 -10.81 -2.18
C ILE A 101 2.82 -10.30 -2.34
N GLY A 102 2.99 -9.30 -3.19
CA GLY A 102 4.30 -8.77 -3.43
C GLY A 102 4.44 -7.34 -2.98
N CYS A 103 5.48 -7.05 -2.25
CA CYS A 103 5.75 -5.72 -1.77
C CYS A 103 7.20 -5.32 -2.06
N VAL A 104 7.37 -4.15 -2.64
CA VAL A 104 8.70 -3.62 -2.96
C VAL A 104 8.79 -2.18 -2.51
N PRO A 105 10.01 -1.65 -2.36
CA PRO A 105 10.19 -0.23 -2.05
C PRO A 105 9.70 0.62 -3.22
N TYR A 106 9.43 1.89 -2.98
CA TYR A 106 8.95 2.76 -4.05
C TYR A 106 9.98 2.83 -5.18
N LYS A 107 9.75 2.03 -6.19
CA LYS A 107 10.63 1.96 -7.34
C LYS A 107 10.07 2.86 -8.44
N HIS A 108 10.83 3.89 -8.78
CA HIS A 108 10.40 4.90 -9.76
C HIS A 108 10.11 4.27 -11.12
N GLU A 109 11.01 3.42 -11.58
CA GLU A 109 10.86 2.79 -12.89
C GLU A 109 9.65 1.84 -12.91
N LEU A 110 9.35 1.26 -11.74
CA LEU A 110 8.23 0.33 -11.63
C LEU A 110 6.92 1.02 -11.94
N ILE A 111 6.79 2.25 -11.48
CA ILE A 111 5.58 3.02 -11.73
C ILE A 111 5.42 3.25 -13.23
N SER A 112 6.52 3.58 -13.89
CA SER A 112 6.53 3.77 -15.33
C SER A 112 6.14 2.47 -16.04
N GLU A 113 6.65 1.34 -15.56
CA GLU A 113 6.34 0.04 -16.14
C GLU A 113 4.86 -0.32 -15.92
N LEU A 114 4.37 -0.04 -14.74
CA LEU A 114 2.98 -0.31 -14.40
C LEU A 114 2.02 0.54 -15.23
N SER A 115 2.40 1.80 -15.45
CA SER A 115 1.55 2.74 -16.18
C SER A 115 1.61 2.54 -17.70
N ARG A 116 2.38 1.55 -18.16
CA ARG A 116 2.48 1.26 -19.59
C ARG A 116 1.15 0.76 -20.13
N GLU A 117 0.29 0.29 -19.22
CA GLU A 117 -1.02 -0.19 -19.55
C GLU A 117 -1.93 0.97 -19.87
N GLY A 118 -1.90 1.36 -21.11
CA GLY A 118 -2.72 2.46 -21.57
C GLY A 118 -1.88 3.62 -22.03
N HIS A 119 -0.59 3.58 -21.66
CA HIS A 119 0.38 4.61 -22.07
C HIS A 119 -0.01 5.99 -21.54
N HIS A 120 -0.78 6.02 -20.46
CA HIS A 120 -1.22 7.28 -19.89
C HIS A 120 -0.05 8.04 -19.28
N HIS A 121 0.25 9.21 -19.86
CA HIS A 121 1.36 10.08 -19.42
C HIS A 121 2.72 9.42 -19.74
N HIS A 122 2.69 8.39 -20.56
CA HIS A 122 3.90 7.66 -20.95
C HIS A 122 4.62 8.38 -22.11
N HIS A 123 4.03 9.43 -22.61
CA HIS A 123 4.63 10.22 -23.69
C HIS A 123 5.33 11.45 -23.12
N HIS A 124 6.63 11.52 -23.34
CA HIS A 124 7.43 12.64 -22.86
C HIS A 124 7.91 13.50 -24.03
N MET A 1 32.80 6.15 -0.10
CA MET A 1 32.32 7.56 -0.11
C MET A 1 30.96 7.69 -0.82
N SER A 2 30.75 6.91 -1.86
CA SER A 2 29.49 6.96 -2.61
C SER A 2 28.45 6.06 -1.95
N LEU A 3 27.58 6.66 -1.15
CA LEU A 3 26.55 5.92 -0.45
C LEU A 3 25.17 6.46 -0.79
N GLY A 4 24.41 5.67 -1.53
CA GLY A 4 23.06 6.06 -1.87
C GLY A 4 22.12 5.86 -0.70
N SER A 5 22.43 4.86 0.12
CA SER A 5 21.63 4.49 1.30
C SER A 5 20.29 3.88 0.88
N GLU A 6 19.65 3.20 1.81
CA GLU A 6 18.35 2.60 1.53
C GLU A 6 17.23 3.61 1.74
N SER A 7 17.30 4.67 0.97
CA SER A 7 16.32 5.70 1.00
C SER A 7 15.61 5.77 -0.34
N GLU A 8 15.80 6.85 -1.06
CA GLU A 8 15.24 7.04 -2.40
C GLU A 8 13.71 6.88 -2.39
N THR A 9 13.08 7.32 -1.29
CA THR A 9 11.62 7.25 -1.14
C THR A 9 11.16 5.78 -0.88
N GLY A 10 12.13 4.91 -0.64
CA GLY A 10 11.85 3.49 -0.41
C GLY A 10 11.14 3.22 0.91
N ASN A 11 10.94 4.25 1.72
CA ASN A 11 10.21 4.11 2.99
C ASN A 11 8.78 3.69 2.66
N ALA A 12 8.28 4.25 1.59
CA ALA A 12 6.97 3.90 1.10
C ALA A 12 7.12 2.79 0.07
N VAL A 13 6.36 1.73 0.22
CA VAL A 13 6.49 0.61 -0.69
C VAL A 13 5.25 0.47 -1.54
N VAL A 14 5.40 -0.15 -2.67
CA VAL A 14 4.30 -0.36 -3.57
C VAL A 14 3.79 -1.78 -3.39
N VAL A 15 2.56 -1.90 -2.95
CA VAL A 15 1.96 -3.20 -2.74
C VAL A 15 1.03 -3.52 -3.88
N PHE A 16 1.29 -4.62 -4.55
CA PHE A 16 0.48 -5.05 -5.66
C PHE A 16 0.16 -6.53 -5.55
N GLY A 17 -0.90 -6.95 -6.21
CA GLY A 17 -1.30 -8.33 -6.17
C GLY A 17 -2.65 -8.52 -5.50
N TYR A 18 -3.24 -7.41 -5.07
CA TYR A 18 -4.54 -7.45 -4.42
C TYR A 18 -5.61 -6.93 -5.37
N ARG A 19 -6.85 -7.07 -4.97
CA ARG A 19 -7.96 -6.60 -5.76
C ARG A 19 -9.01 -6.00 -4.86
N GLU A 20 -9.89 -5.19 -5.42
CA GLU A 20 -10.92 -4.51 -4.65
C GLU A 20 -12.05 -5.48 -4.28
N ALA A 21 -11.69 -6.53 -3.54
CA ALA A 21 -12.63 -7.54 -3.10
C ALA A 21 -12.13 -8.30 -1.87
N ILE A 22 -11.04 -7.82 -1.27
CA ILE A 22 -10.47 -8.48 -0.09
C ILE A 22 -10.19 -7.47 1.03
N THR A 23 -10.85 -6.33 0.97
CA THR A 23 -10.60 -5.27 1.94
C THR A 23 -10.93 -5.72 3.36
N LYS A 24 -12.06 -6.39 3.52
CA LYS A 24 -12.50 -6.85 4.83
C LYS A 24 -11.45 -7.80 5.42
N GLN A 25 -10.74 -8.50 4.56
CA GLN A 25 -9.75 -9.49 4.99
C GLN A 25 -8.36 -8.89 5.20
N ILE A 26 -7.71 -8.47 4.11
CA ILE A 26 -6.33 -8.02 4.16
C ILE A 26 -6.15 -6.73 5.00
N LEU A 27 -7.09 -5.80 4.86
CA LEU A 27 -6.99 -4.53 5.55
C LEU A 27 -7.12 -4.72 7.06
N ALA A 28 -7.94 -5.68 7.47
CA ALA A 28 -8.14 -5.96 8.89
C ALA A 28 -6.80 -6.27 9.60
N TYR A 29 -5.90 -6.89 8.86
CA TYR A 29 -4.60 -7.25 9.40
C TYR A 29 -3.55 -6.14 9.17
N PHE A 30 -3.58 -5.54 7.98
CA PHE A 30 -2.56 -4.54 7.61
C PHE A 30 -2.90 -3.13 8.08
N ALA A 31 -4.10 -2.91 8.62
CA ALA A 31 -4.52 -1.60 9.13
C ALA A 31 -3.55 -1.11 10.20
N GLN A 32 -2.88 -2.05 10.84
CA GLN A 32 -1.87 -1.76 11.85
C GLN A 32 -0.77 -0.90 11.22
N PHE A 33 -0.47 -1.20 9.96
CA PHE A 33 0.57 -0.51 9.22
C PHE A 33 -0.02 0.64 8.37
N GLY A 34 -1.06 0.31 7.60
CA GLY A 34 -1.69 1.30 6.75
C GLY A 34 -2.80 0.70 5.88
N GLU A 35 -3.81 1.49 5.55
CA GLU A 35 -4.95 1.04 4.74
C GLU A 35 -4.55 0.81 3.30
N ILE A 36 -5.03 -0.28 2.73
CA ILE A 36 -4.70 -0.64 1.36
C ILE A 36 -5.76 -0.13 0.36
N LEU A 37 -7.03 -0.21 0.73
CA LEU A 37 -8.11 0.16 -0.20
C LEU A 37 -9.00 1.26 0.35
N GLU A 38 -9.83 1.82 -0.54
CA GLU A 38 -10.78 2.87 -0.18
C GLU A 38 -11.90 2.31 0.72
N ASP A 39 -12.24 1.04 0.52
CA ASP A 39 -13.29 0.38 1.28
C ASP A 39 -12.90 0.24 2.76
N LEU A 40 -13.89 0.31 3.65
CA LEU A 40 -13.64 0.22 5.07
C LEU A 40 -14.92 -0.23 5.78
N GLU A 41 -14.87 -1.41 6.36
CA GLU A 41 -16.02 -1.93 7.09
C GLU A 41 -15.90 -1.70 8.61
N SER A 42 -15.14 -2.56 9.30
CA SER A 42 -14.99 -2.42 10.73
C SER A 42 -13.63 -1.82 11.09
N GLU A 43 -12.57 -2.53 10.72
CA GLU A 43 -11.19 -2.11 10.96
C GLU A 43 -10.84 -2.04 12.44
N LEU A 44 -10.15 -3.08 12.91
CA LEU A 44 -9.65 -3.16 14.26
C LEU A 44 -10.74 -2.86 15.27
N GLY A 45 -10.40 -2.09 16.29
CA GLY A 45 -11.38 -1.72 17.28
C GLY A 45 -11.41 -0.22 17.48
N ASP A 46 -10.43 0.30 18.24
CA ASP A 46 -10.32 1.75 18.47
C ASP A 46 -9.96 2.46 17.17
N THR A 47 -9.04 1.85 16.43
CA THR A 47 -8.49 2.36 15.18
C THR A 47 -8.14 3.87 15.25
N GLU A 48 -7.75 4.32 16.41
CA GLU A 48 -7.32 5.68 16.58
C GLU A 48 -5.85 5.72 16.96
N THR A 49 -5.39 4.65 17.60
CA THR A 49 -4.02 4.59 18.07
C THR A 49 -3.35 3.26 17.70
N MET A 50 -4.15 2.21 17.61
CA MET A 50 -3.62 0.89 17.27
C MET A 50 -3.52 0.71 15.73
N ARG A 51 -3.34 1.81 15.04
CA ARG A 51 -3.25 1.79 13.60
C ARG A 51 -2.39 2.95 13.09
N THR A 52 -1.55 2.66 12.09
CA THR A 52 -0.67 3.65 11.43
C THR A 52 0.25 4.39 12.43
N PRO A 53 1.18 5.24 11.93
CA PRO A 53 2.05 6.06 12.79
C PRO A 53 1.26 7.11 13.57
N GLY A 54 0.08 7.39 13.10
CA GLY A 54 -0.78 8.38 13.73
C GLY A 54 -1.70 9.08 12.77
N TYR A 55 -2.50 8.31 12.04
CA TYR A 55 -3.43 8.86 11.09
C TYR A 55 -4.82 8.30 11.36
N PHE A 56 -5.79 9.17 11.37
CA PHE A 56 -7.18 8.77 11.57
C PHE A 56 -7.76 8.20 10.28
N PHE A 57 -8.61 7.19 10.42
CA PHE A 57 -9.17 6.47 9.28
C PHE A 57 -10.01 7.36 8.35
N GLN A 58 -10.98 8.09 8.93
CA GLN A 58 -11.89 8.95 8.16
C GLN A 58 -12.70 8.11 7.12
N GLN A 59 -13.66 8.72 6.45
CA GLN A 59 -14.42 8.03 5.44
C GLN A 59 -14.51 8.86 4.18
N ALA A 60 -15.35 9.88 4.24
CA ALA A 60 -15.58 10.82 3.13
C ALA A 60 -15.72 10.10 1.76
N PRO A 61 -16.93 9.62 1.44
CA PRO A 61 -17.20 8.89 0.19
C PRO A 61 -16.83 9.70 -1.07
N ASN A 62 -16.92 11.01 -0.95
CA ASN A 62 -16.63 11.90 -2.06
C ASN A 62 -15.12 12.11 -2.25
N ARG A 63 -14.34 11.61 -1.30
CA ARG A 63 -12.90 11.75 -1.37
C ARG A 63 -12.21 10.46 -1.06
N ARG A 64 -10.89 10.47 -1.12
CA ARG A 64 -10.13 9.30 -0.89
C ARG A 64 -9.74 9.21 0.57
N ARG A 65 -10.30 8.25 1.26
CA ARG A 65 -10.03 8.06 2.69
C ARG A 65 -8.57 7.68 2.95
N ILE A 66 -7.97 6.95 2.00
CA ILE A 66 -6.55 6.58 2.11
C ILE A 66 -5.65 7.80 2.00
N SER A 67 -6.02 8.71 1.12
CA SER A 67 -5.29 9.93 0.87
C SER A 67 -3.93 9.64 0.22
N ARG A 68 -3.87 8.56 -0.52
CA ARG A 68 -2.66 8.18 -1.20
C ARG A 68 -3.00 7.76 -2.63
N GLU A 69 -2.17 8.16 -3.59
CA GLU A 69 -2.42 7.84 -4.98
C GLU A 69 -2.10 6.36 -5.22
N HIS A 70 -2.96 5.69 -5.96
CA HIS A 70 -2.82 4.27 -6.22
C HIS A 70 -3.39 3.88 -7.57
N GLY A 71 -3.14 2.65 -7.99
CA GLY A 71 -3.63 2.16 -9.26
C GLY A 71 -4.76 1.18 -9.08
N ARG A 72 -4.99 0.35 -10.10
CA ARG A 72 -6.10 -0.60 -10.06
C ARG A 72 -5.85 -1.71 -9.05
N THR A 73 -4.65 -2.23 -9.04
CA THR A 73 -4.33 -3.35 -8.21
C THR A 73 -3.07 -3.12 -7.38
N TRP A 74 -2.64 -1.87 -7.30
CA TRP A 74 -1.44 -1.53 -6.56
C TRP A 74 -1.61 -0.23 -5.79
N THR A 75 -1.04 -0.17 -4.61
CA THR A 75 -1.09 1.04 -3.79
C THR A 75 0.25 1.23 -3.08
N LYS A 76 0.64 2.47 -2.87
CA LYS A 76 1.89 2.75 -2.19
C LYS A 76 1.61 3.10 -0.74
N LEU A 77 2.15 2.31 0.17
CA LEU A 77 1.92 2.52 1.58
C LEU A 77 3.12 3.17 2.24
N THR A 78 2.86 4.22 2.98
CA THR A 78 3.89 4.91 3.70
C THR A 78 3.80 4.54 5.17
N TYR A 79 4.80 3.82 5.66
CA TYR A 79 4.78 3.36 7.04
C TYR A 79 5.42 4.39 7.94
N ALA A 80 6.19 5.31 7.34
CA ALA A 80 6.87 6.39 8.05
C ALA A 80 7.98 5.89 8.97
N ASN A 81 7.63 5.04 9.92
CA ASN A 81 8.60 4.48 10.83
C ASN A 81 9.30 3.27 10.19
N HIS A 82 10.59 3.16 10.43
CA HIS A 82 11.39 2.09 9.86
C HIS A 82 11.20 0.79 10.64
N SER A 83 10.83 0.94 11.91
CA SER A 83 10.61 -0.22 12.78
C SER A 83 9.48 -1.11 12.23
N SER A 84 8.41 -0.48 11.75
CA SER A 84 7.28 -1.20 11.21
C SER A 84 7.52 -1.62 9.75
N TYR A 85 8.53 -1.02 9.14
CA TYR A 85 8.90 -1.29 7.76
C TYR A 85 9.33 -2.75 7.55
N LEU A 86 10.12 -3.28 8.48
CA LEU A 86 10.65 -4.65 8.35
C LEU A 86 9.54 -5.70 8.29
N ARG A 87 8.55 -5.55 9.14
CA ARG A 87 7.44 -6.50 9.20
C ARG A 87 6.59 -6.46 7.93
N ALA A 88 6.41 -5.26 7.40
CA ALA A 88 5.57 -5.06 6.21
C ALA A 88 6.33 -5.36 4.92
N LEU A 89 7.65 -5.48 5.00
CA LEU A 89 8.49 -5.71 3.83
C LEU A 89 8.51 -7.20 3.46
N ARG A 90 7.90 -8.02 4.31
CA ARG A 90 7.88 -9.47 4.14
C ARG A 90 7.36 -9.91 2.74
N GLU A 91 8.29 -10.29 1.86
CA GLU A 91 7.96 -10.78 0.53
C GLU A 91 8.51 -12.20 0.36
N HIS A 92 9.14 -12.71 1.40
CA HIS A 92 9.77 -14.03 1.36
C HIS A 92 8.74 -15.12 1.12
N GLY A 93 7.56 -14.97 1.70
CA GLY A 93 6.51 -15.94 1.52
C GLY A 93 5.21 -15.46 2.12
N THR A 94 4.63 -14.44 1.52
CA THR A 94 3.42 -13.86 2.04
C THR A 94 2.24 -14.13 1.10
N ILE A 95 1.53 -15.21 1.36
CA ILE A 95 0.38 -15.58 0.56
C ILE A 95 -0.90 -15.29 1.32
N TYR A 96 -1.76 -14.48 0.73
CA TYR A 96 -3.01 -14.13 1.35
C TYR A 96 -4.14 -14.31 0.34
N CYS A 97 -5.24 -14.91 0.78
CA CYS A 97 -6.41 -15.14 -0.08
C CYS A 97 -6.08 -16.14 -1.21
N GLY A 98 -4.94 -16.82 -1.08
CA GLY A 98 -4.55 -17.79 -2.09
C GLY A 98 -3.56 -17.24 -3.09
N ALA A 99 -3.07 -16.02 -2.85
CA ALA A 99 -2.08 -15.42 -3.75
C ALA A 99 -1.05 -14.62 -2.98
N ALA A 100 0.17 -14.63 -3.47
CA ALA A 100 1.23 -13.87 -2.84
C ALA A 100 1.15 -12.41 -3.24
N ILE A 101 1.27 -11.55 -2.26
CA ILE A 101 1.26 -10.12 -2.51
C ILE A 101 2.68 -9.60 -2.59
N GLY A 102 2.91 -8.69 -3.50
CA GLY A 102 4.24 -8.16 -3.66
C GLY A 102 4.35 -6.75 -3.17
N CYS A 103 5.15 -6.56 -2.14
CA CYS A 103 5.39 -5.24 -1.60
C CYS A 103 6.88 -4.91 -1.66
N VAL A 104 7.26 -4.12 -2.64
CA VAL A 104 8.66 -3.74 -2.81
C VAL A 104 8.82 -2.24 -2.62
N PRO A 105 10.04 -1.76 -2.32
CA PRO A 105 10.31 -0.33 -2.13
C PRO A 105 9.97 0.47 -3.38
N TYR A 106 9.61 1.73 -3.17
CA TYR A 106 9.18 2.60 -4.25
C TYR A 106 10.26 2.79 -5.31
N LYS A 107 9.93 2.41 -6.51
CA LYS A 107 10.77 2.62 -7.67
C LYS A 107 9.96 3.35 -8.71
N HIS A 108 10.52 4.41 -9.28
CA HIS A 108 9.80 5.20 -10.27
C HIS A 108 9.56 4.39 -11.54
N GLU A 109 10.51 3.54 -11.88
CA GLU A 109 10.41 2.68 -13.05
C GLU A 109 9.31 1.63 -12.83
N LEU A 110 9.19 1.17 -11.58
CA LEU A 110 8.17 0.17 -11.22
C LEU A 110 6.79 0.72 -11.48
N ILE A 111 6.58 1.96 -11.09
CA ILE A 111 5.30 2.63 -11.27
C ILE A 111 4.98 2.72 -12.76
N SER A 112 5.98 3.03 -13.55
CA SER A 112 5.81 3.12 -14.99
C SER A 112 5.39 1.75 -15.54
N GLU A 113 6.07 0.70 -15.09
CA GLU A 113 5.76 -0.66 -15.53
C GLU A 113 4.34 -1.07 -15.15
N LEU A 114 3.96 -0.82 -13.91
CA LEU A 114 2.62 -1.15 -13.45
C LEU A 114 1.55 -0.38 -14.21
N SER A 115 1.84 0.84 -14.60
CA SER A 115 0.89 1.63 -15.38
C SER A 115 0.81 1.11 -16.83
N ARG A 116 1.86 0.42 -17.25
CA ARG A 116 1.94 -0.17 -18.59
C ARG A 116 1.30 -1.55 -18.64
N GLU A 117 1.68 -2.40 -17.67
CA GLU A 117 1.22 -3.78 -17.59
C GLU A 117 1.73 -4.61 -18.77
N GLY A 118 2.98 -5.03 -18.68
CA GLY A 118 3.56 -5.84 -19.74
C GLY A 118 3.23 -7.30 -19.60
N HIS A 119 2.71 -7.68 -18.45
CA HIS A 119 2.31 -9.06 -18.21
C HIS A 119 0.95 -9.32 -18.81
N HIS A 120 0.90 -9.42 -20.12
CA HIS A 120 -0.35 -9.63 -20.81
C HIS A 120 -0.59 -11.12 -21.05
N HIS A 121 -1.62 -11.65 -20.43
CA HIS A 121 -2.00 -13.04 -20.58
C HIS A 121 -3.46 -13.23 -20.21
N HIS A 122 -4.05 -14.31 -20.69
CA HIS A 122 -5.44 -14.64 -20.40
C HIS A 122 -5.66 -16.15 -20.49
N HIS A 123 -5.37 -16.71 -21.64
CA HIS A 123 -5.52 -18.14 -21.85
C HIS A 123 -4.42 -18.66 -22.74
N HIS A 124 -3.67 -19.62 -22.24
CA HIS A 124 -2.57 -20.20 -22.99
C HIS A 124 -3.12 -21.15 -24.05
N MET A 1 32.25 12.16 1.46
CA MET A 1 32.21 11.72 0.06
C MET A 1 31.17 12.51 -0.71
N SER A 2 29.92 12.07 -0.67
CA SER A 2 28.86 12.75 -1.38
C SER A 2 28.21 13.83 -0.50
N LEU A 3 28.36 13.68 0.83
CA LEU A 3 27.83 14.62 1.82
C LEU A 3 26.28 14.60 1.83
N GLY A 4 25.69 13.66 1.11
CA GLY A 4 24.26 13.54 1.03
C GLY A 4 23.85 12.17 0.53
N SER A 5 22.58 11.85 0.68
CA SER A 5 22.08 10.56 0.24
C SER A 5 20.61 10.63 -0.11
N GLU A 6 20.19 9.80 -1.05
CA GLU A 6 18.82 9.78 -1.52
C GLU A 6 18.06 8.64 -0.85
N SER A 7 18.67 8.10 0.20
CA SER A 7 18.15 6.92 0.92
C SER A 7 16.82 7.20 1.63
N GLU A 8 16.51 8.46 1.77
CA GLU A 8 15.32 8.87 2.48
C GLU A 8 14.04 8.51 1.70
N THR A 9 14.22 8.12 0.47
CA THR A 9 13.12 7.69 -0.37
C THR A 9 12.52 6.37 0.16
N GLY A 10 13.40 5.55 0.75
CA GLY A 10 13.01 4.22 1.23
C GLY A 10 12.13 4.24 2.49
N ASN A 11 11.08 5.03 2.47
CA ASN A 11 10.13 5.07 3.56
C ASN A 11 8.73 4.69 3.07
N ALA A 12 8.67 4.22 1.82
CA ALA A 12 7.43 3.80 1.19
C ALA A 12 7.66 2.53 0.38
N VAL A 13 6.68 1.62 0.39
CA VAL A 13 6.80 0.36 -0.32
C VAL A 13 5.71 0.19 -1.36
N VAL A 14 5.95 -0.68 -2.31
CA VAL A 14 4.97 -1.01 -3.33
C VAL A 14 4.49 -2.42 -3.08
N VAL A 15 3.22 -2.57 -2.76
CA VAL A 15 2.68 -3.87 -2.47
C VAL A 15 1.68 -4.28 -3.54
N PHE A 16 1.84 -5.47 -4.07
CA PHE A 16 0.98 -5.97 -5.12
C PHE A 16 0.81 -7.49 -5.01
N GLY A 17 -0.12 -8.02 -5.79
CA GLY A 17 -0.33 -9.45 -5.81
C GLY A 17 -1.76 -9.84 -5.50
N TYR A 18 -2.42 -9.03 -4.69
CA TYR A 18 -3.79 -9.28 -4.28
C TYR A 18 -4.78 -8.46 -5.11
N ARG A 19 -6.03 -8.46 -4.69
CA ARG A 19 -7.10 -7.78 -5.40
C ARG A 19 -7.73 -6.72 -4.49
N GLU A 20 -8.30 -5.68 -5.07
CA GLU A 20 -8.90 -4.61 -4.27
C GLU A 20 -10.15 -5.09 -3.52
N ALA A 21 -10.85 -6.06 -4.09
CA ALA A 21 -12.07 -6.62 -3.48
C ALA A 21 -11.81 -7.25 -2.10
N ILE A 22 -10.59 -7.72 -1.85
CA ILE A 22 -10.28 -8.42 -0.60
C ILE A 22 -9.88 -7.46 0.53
N THR A 23 -10.28 -6.19 0.42
CA THR A 23 -9.90 -5.20 1.43
C THR A 23 -10.36 -5.62 2.82
N LYS A 24 -11.60 -6.07 2.93
CA LYS A 24 -12.19 -6.43 4.21
C LYS A 24 -11.38 -7.52 4.90
N GLN A 25 -10.94 -8.49 4.13
CA GLN A 25 -10.20 -9.62 4.65
C GLN A 25 -8.80 -9.24 5.12
N ILE A 26 -8.00 -8.75 4.19
CA ILE A 26 -6.61 -8.43 4.45
C ILE A 26 -6.45 -7.30 5.46
N LEU A 27 -7.45 -6.41 5.51
CA LEU A 27 -7.43 -5.28 6.43
C LEU A 27 -7.44 -5.78 7.86
N ALA A 28 -8.14 -6.87 8.11
CA ALA A 28 -8.24 -7.42 9.46
C ALA A 28 -6.86 -7.71 10.05
N TYR A 29 -5.94 -8.19 9.20
CA TYR A 29 -4.58 -8.51 9.64
C TYR A 29 -3.64 -7.31 9.48
N PHE A 30 -3.69 -6.65 8.32
CA PHE A 30 -2.78 -5.54 8.03
C PHE A 30 -3.15 -4.22 8.69
N ALA A 31 -4.29 -4.17 9.35
CA ALA A 31 -4.72 -2.97 10.06
C ALA A 31 -3.70 -2.55 11.11
N GLN A 32 -2.90 -3.51 11.58
CA GLN A 32 -1.84 -3.22 12.54
C GLN A 32 -0.77 -2.34 11.89
N PHE A 33 -0.71 -2.39 10.56
CA PHE A 33 0.21 -1.58 9.80
C PHE A 33 -0.41 -0.24 9.45
N GLY A 34 -1.58 -0.26 8.80
CA GLY A 34 -2.25 0.99 8.49
C GLY A 34 -3.22 0.92 7.31
N GLU A 35 -3.11 1.91 6.44
CA GLU A 35 -3.99 2.11 5.28
C GLU A 35 -3.77 0.99 4.24
N ILE A 36 -4.86 0.29 3.87
CA ILE A 36 -4.75 -0.82 2.91
C ILE A 36 -5.87 -0.77 1.84
N LEU A 37 -5.52 -1.19 0.62
CA LEU A 37 -6.46 -1.26 -0.53
C LEU A 37 -7.26 0.02 -0.78
N GLU A 38 -8.57 0.00 -0.48
CA GLU A 38 -9.42 1.13 -0.79
C GLU A 38 -10.80 1.01 -0.12
N ASP A 39 -11.47 -0.12 -0.34
CA ASP A 39 -12.82 -0.33 0.21
C ASP A 39 -12.78 -0.80 1.66
N LEU A 40 -12.47 0.14 2.54
CA LEU A 40 -12.36 -0.13 3.98
C LEU A 40 -13.74 -0.39 4.58
N GLU A 41 -14.52 0.69 4.76
CA GLU A 41 -15.86 0.65 5.36
C GLU A 41 -15.83 0.21 6.82
N SER A 42 -15.62 -1.07 7.05
CA SER A 42 -15.57 -1.63 8.36
C SER A 42 -14.17 -2.18 8.62
N GLU A 43 -13.46 -1.55 9.52
CA GLU A 43 -12.10 -1.94 9.85
C GLU A 43 -12.02 -2.65 11.20
N LEU A 44 -11.74 -1.88 12.24
CA LEU A 44 -11.58 -2.41 13.57
C LEU A 44 -12.62 -1.84 14.51
N GLY A 45 -12.95 -0.57 14.29
CA GLY A 45 -13.86 0.11 15.18
C GLY A 45 -13.08 0.84 16.23
N ASP A 46 -12.88 2.16 16.02
CA ASP A 46 -12.06 3.00 16.91
C ASP A 46 -10.56 2.72 16.70
N THR A 47 -9.69 3.57 17.27
CA THR A 47 -8.22 3.46 17.16
C THR A 47 -7.75 3.80 15.73
N GLU A 48 -8.62 4.47 14.98
CA GLU A 48 -8.36 4.86 13.59
C GLU A 48 -7.17 5.82 13.50
N THR A 49 -7.00 6.65 14.52
CA THR A 49 -5.92 7.63 14.55
C THR A 49 -4.57 6.99 14.94
N MET A 50 -4.61 5.70 15.26
CA MET A 50 -3.41 4.97 15.65
C MET A 50 -2.97 4.02 14.53
N ARG A 51 -3.47 4.24 13.32
CA ARG A 51 -3.13 3.37 12.19
C ARG A 51 -2.33 4.10 11.12
N THR A 52 -2.08 5.36 11.33
CA THR A 52 -1.35 6.16 10.36
C THR A 52 -0.31 7.04 11.06
N PRO A 53 0.66 7.57 10.29
CA PRO A 53 1.69 8.48 10.84
C PRO A 53 1.07 9.77 11.34
N GLY A 54 -0.12 10.04 10.88
CA GLY A 54 -0.83 11.23 11.29
C GLY A 54 -1.55 11.92 10.15
N TYR A 55 -2.48 11.21 9.53
CA TYR A 55 -3.27 11.78 8.47
C TYR A 55 -4.61 11.07 8.40
N PHE A 56 -5.57 11.72 7.78
CA PHE A 56 -6.88 11.14 7.56
C PHE A 56 -7.09 10.90 6.08
N PHE A 57 -7.72 9.79 5.75
CA PHE A 57 -7.95 9.40 4.35
C PHE A 57 -9.21 10.05 3.79
N GLN A 58 -10.07 10.55 4.69
CA GLN A 58 -11.37 11.14 4.33
C GLN A 58 -12.37 10.06 3.96
N GLN A 59 -13.20 9.70 4.91
CA GLN A 59 -14.19 8.65 4.71
C GLN A 59 -15.34 9.18 3.85
N ALA A 60 -15.19 9.08 2.55
CA ALA A 60 -16.19 9.52 1.61
C ALA A 60 -15.98 8.86 0.25
N PRO A 61 -16.96 8.09 -0.24
CA PRO A 61 -16.89 7.38 -1.53
C PRO A 61 -16.69 8.35 -2.72
N ASN A 62 -17.10 9.60 -2.54
CA ASN A 62 -16.97 10.63 -3.59
C ASN A 62 -15.58 11.26 -3.55
N ARG A 63 -14.78 10.85 -2.57
CA ARG A 63 -13.44 11.35 -2.39
C ARG A 63 -12.43 10.23 -2.51
N ARG A 64 -11.20 10.56 -2.20
CA ARG A 64 -10.13 9.60 -2.19
C ARG A 64 -10.34 8.64 -1.04
N ARG A 65 -10.53 7.38 -1.35
CA ARG A 65 -10.78 6.38 -0.33
C ARG A 65 -9.49 6.05 0.40
N ILE A 66 -8.39 6.28 -0.28
CA ILE A 66 -7.06 6.05 0.24
C ILE A 66 -6.17 7.25 -0.09
N SER A 67 -5.29 7.61 0.82
CA SER A 67 -4.41 8.75 0.66
C SER A 67 -3.53 8.62 -0.59
N ARG A 68 -2.99 7.45 -0.82
CA ARG A 68 -2.17 7.19 -1.98
C ARG A 68 -3.01 6.67 -3.13
N GLU A 69 -2.58 6.93 -4.35
CA GLU A 69 -3.32 6.51 -5.51
C GLU A 69 -3.18 5.01 -5.74
N HIS A 70 -4.31 4.37 -5.96
CA HIS A 70 -4.36 2.94 -6.16
C HIS A 70 -4.61 2.62 -7.64
N GLY A 71 -3.74 1.82 -8.22
CA GLY A 71 -3.90 1.42 -9.60
C GLY A 71 -4.83 0.23 -9.74
N ARG A 72 -4.32 -0.86 -10.27
CA ARG A 72 -5.10 -2.08 -10.42
C ARG A 72 -5.01 -2.92 -9.17
N THR A 73 -3.96 -3.69 -9.09
CA THR A 73 -3.75 -4.59 -8.00
C THR A 73 -2.54 -4.18 -7.17
N TRP A 74 -2.00 -3.00 -7.45
CA TRP A 74 -0.85 -2.51 -6.73
C TRP A 74 -1.20 -1.33 -5.84
N THR A 75 -0.66 -1.34 -4.64
CA THR A 75 -0.89 -0.29 -3.66
C THR A 75 0.44 0.19 -3.08
N LYS A 76 0.66 1.50 -3.08
CA LYS A 76 1.87 2.03 -2.49
C LYS A 76 1.61 2.46 -1.05
N LEU A 77 2.24 1.78 -0.12
CA LEU A 77 2.01 2.06 1.28
C LEU A 77 3.09 2.97 1.83
N THR A 78 2.67 4.11 2.33
CA THR A 78 3.58 5.09 2.87
C THR A 78 3.44 5.19 4.39
N TYR A 79 4.45 4.76 5.12
CA TYR A 79 4.43 4.83 6.57
C TYR A 79 5.40 5.91 7.06
N ALA A 80 6.24 6.39 6.13
CA ALA A 80 7.24 7.44 6.42
C ALA A 80 8.33 6.96 7.38
N ASN A 81 8.22 5.74 7.83
CA ASN A 81 9.20 5.16 8.74
C ASN A 81 9.89 3.99 8.09
N HIS A 82 11.20 3.98 8.17
CA HIS A 82 12.01 2.92 7.60
C HIS A 82 11.73 1.58 8.29
N SER A 83 11.49 1.64 9.59
CA SER A 83 11.20 0.45 10.38
C SER A 83 9.95 -0.27 9.84
N SER A 84 8.87 0.48 9.66
CA SER A 84 7.62 -0.08 9.13
C SER A 84 7.81 -0.51 7.67
N TYR A 85 8.60 0.28 6.95
CA TYR A 85 8.92 0.05 5.56
C TYR A 85 9.59 -1.31 5.34
N LEU A 86 10.62 -1.58 6.12
CA LEU A 86 11.36 -2.78 6.00
C LEU A 86 10.54 -4.00 6.41
N ARG A 87 9.73 -3.85 7.46
CA ARG A 87 8.90 -4.94 7.98
C ARG A 87 7.77 -5.31 7.02
N ALA A 88 7.43 -4.39 6.10
CA ALA A 88 6.36 -4.63 5.13
C ALA A 88 6.72 -5.79 4.18
N LEU A 89 8.01 -6.03 4.00
CA LEU A 89 8.51 -7.08 3.10
C LEU A 89 8.31 -8.48 3.70
N ARG A 90 7.86 -8.52 4.94
CA ARG A 90 7.66 -9.77 5.67
C ARG A 90 6.79 -10.79 4.89
N GLU A 91 7.20 -12.04 4.95
CA GLU A 91 6.48 -13.14 4.28
C GLU A 91 5.27 -13.57 5.07
N HIS A 92 5.05 -12.89 6.19
CA HIS A 92 3.88 -13.15 7.02
C HIS A 92 2.63 -12.70 6.30
N GLY A 93 2.81 -11.84 5.27
CA GLY A 93 1.71 -11.47 4.43
C GLY A 93 1.22 -12.69 3.67
N THR A 94 2.21 -13.44 3.16
CA THR A 94 2.01 -14.77 2.55
C THR A 94 0.99 -14.82 1.41
N ILE A 95 0.58 -16.04 1.07
CA ILE A 95 -0.39 -16.26 0.01
C ILE A 95 -1.76 -15.89 0.51
N TYR A 96 -2.22 -14.74 0.08
CA TYR A 96 -3.48 -14.24 0.50
C TYR A 96 -4.45 -14.26 -0.67
N CYS A 97 -5.63 -14.85 -0.46
CA CYS A 97 -6.70 -14.93 -1.49
C CYS A 97 -6.32 -15.93 -2.61
N GLY A 98 -5.05 -15.98 -2.96
CA GLY A 98 -4.60 -16.87 -4.01
C GLY A 98 -3.17 -16.60 -4.42
N ALA A 99 -2.64 -15.44 -4.07
CA ALA A 99 -1.27 -15.09 -4.43
C ALA A 99 -0.52 -14.53 -3.23
N ALA A 100 0.81 -14.68 -3.25
CA ALA A 100 1.65 -14.16 -2.17
C ALA A 100 1.69 -12.65 -2.19
N ILE A 101 1.92 -12.06 -1.04
CA ILE A 101 1.96 -10.62 -0.95
C ILE A 101 3.34 -10.14 -1.33
N GLY A 102 3.41 -9.34 -2.37
CA GLY A 102 4.67 -8.85 -2.85
C GLY A 102 4.91 -7.41 -2.49
N CYS A 103 5.74 -7.20 -1.49
CA CYS A 103 6.09 -5.86 -1.07
C CYS A 103 7.51 -5.55 -1.48
N VAL A 104 7.67 -4.66 -2.43
CA VAL A 104 9.00 -4.32 -2.91
C VAL A 104 9.33 -2.86 -2.56
N PRO A 105 10.63 -2.51 -2.52
CA PRO A 105 11.07 -1.14 -2.26
C PRO A 105 10.58 -0.20 -3.36
N TYR A 106 10.36 1.06 -3.01
CA TYR A 106 9.87 2.04 -3.96
C TYR A 106 10.81 2.16 -5.15
N LYS A 107 10.32 1.78 -6.31
CA LYS A 107 11.08 1.88 -7.54
C LYS A 107 10.34 2.77 -8.51
N HIS A 108 10.97 3.87 -8.87
CA HIS A 108 10.34 4.86 -9.75
C HIS A 108 9.99 4.26 -11.12
N GLU A 109 10.89 3.44 -11.66
CA GLU A 109 10.67 2.82 -12.96
C GLU A 109 9.45 1.90 -12.91
N LEU A 110 9.35 1.13 -11.83
CA LEU A 110 8.23 0.21 -11.66
C LEU A 110 6.92 0.98 -11.59
N ILE A 111 6.94 2.08 -10.86
CA ILE A 111 5.78 2.93 -10.70
C ILE A 111 5.37 3.51 -12.05
N SER A 112 6.35 3.93 -12.83
CA SER A 112 6.09 4.51 -14.15
C SER A 112 5.38 3.51 -15.06
N GLU A 113 5.89 2.29 -15.12
CA GLU A 113 5.26 1.27 -15.96
C GLU A 113 3.84 0.94 -15.47
N LEU A 114 3.69 0.85 -14.15
CA LEU A 114 2.40 0.56 -13.55
C LEU A 114 1.39 1.67 -13.85
N SER A 115 1.83 2.92 -13.73
CA SER A 115 0.97 4.07 -13.97
C SER A 115 0.55 4.16 -15.44
N ARG A 116 1.49 3.87 -16.34
CA ARG A 116 1.22 3.93 -17.78
C ARG A 116 0.18 2.89 -18.18
N GLU A 117 0.31 1.70 -17.61
CA GLU A 117 -0.65 0.60 -17.82
C GLU A 117 -0.77 0.25 -19.31
N GLY A 118 0.33 0.32 -20.03
CA GLY A 118 0.30 -0.02 -21.44
C GLY A 118 0.15 1.19 -22.34
N HIS A 119 0.23 2.39 -21.77
CA HIS A 119 0.16 3.60 -22.57
C HIS A 119 1.50 3.82 -23.25
N HIS A 120 1.51 3.73 -24.57
CA HIS A 120 2.73 3.92 -25.34
C HIS A 120 2.51 4.98 -26.40
N HIS A 121 3.49 5.13 -27.26
CA HIS A 121 3.40 6.09 -28.34
C HIS A 121 3.09 5.37 -29.64
N HIS A 122 2.86 6.13 -30.70
CA HIS A 122 2.55 5.54 -32.00
C HIS A 122 3.78 4.82 -32.55
N HIS A 123 3.78 3.50 -32.45
CA HIS A 123 4.92 2.70 -32.87
C HIS A 123 4.77 2.22 -34.31
N HIS A 124 3.54 2.01 -34.75
CA HIS A 124 3.29 1.50 -36.08
C HIS A 124 2.69 2.59 -36.94
N MET A 1 11.01 21.63 7.58
CA MET A 1 10.45 22.95 7.27
C MET A 1 10.01 23.03 5.82
N SER A 2 10.94 22.86 4.90
CA SER A 2 10.64 22.96 3.49
C SER A 2 10.13 21.64 2.91
N LEU A 3 8.79 21.51 2.84
CA LEU A 3 8.11 20.33 2.28
C LEU A 3 8.55 19.02 2.96
N GLY A 4 9.59 18.41 2.43
CA GLY A 4 10.07 17.16 2.97
C GLY A 4 10.20 16.11 1.89
N SER A 5 9.46 16.31 0.80
CA SER A 5 9.42 15.41 -0.40
C SER A 5 8.87 14.01 -0.09
N GLU A 6 9.40 13.37 0.95
CA GLU A 6 9.01 12.03 1.35
C GLU A 6 9.34 11.04 0.22
N SER A 7 10.51 11.23 -0.38
CA SER A 7 10.96 10.41 -1.45
C SER A 7 12.21 9.64 -1.00
N GLU A 8 13.09 9.35 -1.93
CA GLU A 8 14.32 8.60 -1.66
C GLU A 8 14.02 7.25 -1.02
N THR A 9 12.88 6.69 -1.38
CA THR A 9 12.40 5.42 -0.86
C THR A 9 11.93 5.57 0.59
N GLY A 10 12.89 5.80 1.47
CA GLY A 10 12.58 5.94 2.89
C GLY A 10 11.81 4.76 3.44
N ASN A 11 10.63 5.06 3.97
CA ASN A 11 9.76 4.04 4.53
C ASN A 11 8.55 3.81 3.63
N ALA A 12 8.60 4.35 2.42
CA ALA A 12 7.51 4.21 1.48
C ALA A 12 7.71 2.96 0.63
N VAL A 13 6.66 2.17 0.53
CA VAL A 13 6.71 0.92 -0.21
C VAL A 13 5.55 0.80 -1.17
N VAL A 14 5.70 -0.08 -2.14
CA VAL A 14 4.66 -0.34 -3.11
C VAL A 14 4.09 -1.72 -2.86
N VAL A 15 2.84 -1.77 -2.44
CA VAL A 15 2.20 -3.03 -2.15
C VAL A 15 1.32 -3.44 -3.32
N PHE A 16 1.48 -4.67 -3.78
CA PHE A 16 0.69 -5.19 -4.88
C PHE A 16 0.45 -6.69 -4.71
N GLY A 17 -0.39 -7.25 -5.57
CA GLY A 17 -0.69 -8.66 -5.48
C GLY A 17 -2.00 -8.94 -4.78
N TYR A 18 -2.67 -7.86 -4.40
CA TYR A 18 -3.94 -7.95 -3.72
C TYR A 18 -5.00 -7.31 -4.58
N ARG A 19 -6.24 -7.66 -4.38
CA ARG A 19 -7.31 -7.08 -5.16
C ARG A 19 -8.36 -6.47 -4.23
N GLU A 20 -9.07 -5.46 -4.72
CA GLU A 20 -10.02 -4.68 -3.92
C GLU A 20 -11.02 -5.56 -3.13
N ALA A 21 -11.38 -6.71 -3.68
CA ALA A 21 -12.35 -7.62 -3.06
C ALA A 21 -11.93 -8.10 -1.66
N ILE A 22 -10.62 -8.11 -1.37
CA ILE A 22 -10.15 -8.59 -0.05
C ILE A 22 -10.11 -7.44 0.96
N THR A 23 -11.02 -6.48 0.80
CA THR A 23 -11.05 -5.26 1.61
C THR A 23 -10.82 -5.52 3.10
N LYS A 24 -11.82 -6.07 3.76
CA LYS A 24 -11.78 -6.33 5.18
C LYS A 24 -10.66 -7.28 5.57
N GLN A 25 -10.46 -8.32 4.78
CA GLN A 25 -9.46 -9.33 5.09
C GLN A 25 -8.09 -8.72 5.35
N ILE A 26 -7.51 -8.10 4.35
CA ILE A 26 -6.19 -7.54 4.46
C ILE A 26 -6.20 -6.24 5.31
N LEU A 27 -7.34 -5.54 5.33
CA LEU A 27 -7.46 -4.30 6.09
C LEU A 27 -7.25 -4.55 7.58
N ALA A 28 -7.90 -5.59 8.09
CA ALA A 28 -7.82 -5.93 9.50
C ALA A 28 -6.39 -6.24 9.94
N TYR A 29 -5.58 -6.71 9.03
CA TYR A 29 -4.22 -7.09 9.35
C TYR A 29 -3.21 -5.94 9.18
N PHE A 30 -3.25 -5.27 8.04
CA PHE A 30 -2.23 -4.25 7.73
C PHE A 30 -2.60 -2.84 8.18
N ALA A 31 -3.89 -2.57 8.42
CA ALA A 31 -4.32 -1.21 8.79
C ALA A 31 -3.77 -0.79 10.14
N GLN A 32 -3.22 -1.75 10.87
CA GLN A 32 -2.62 -1.48 12.15
C GLN A 32 -1.41 -0.56 12.01
N PHE A 33 -0.73 -0.65 10.87
CA PHE A 33 0.43 0.19 10.62
C PHE A 33 0.28 1.02 9.35
N GLY A 34 -0.71 0.69 8.54
CA GLY A 34 -0.94 1.43 7.32
C GLY A 34 -2.21 1.00 6.64
N GLU A 35 -3.14 1.92 6.52
CA GLU A 35 -4.42 1.65 5.90
C GLU A 35 -4.27 1.54 4.39
N ILE A 36 -4.62 0.37 3.84
CA ILE A 36 -4.49 0.10 2.41
C ILE A 36 -5.87 0.09 1.76
N LEU A 37 -5.89 0.19 0.43
CA LEU A 37 -7.12 0.18 -0.35
C LEU A 37 -7.91 1.48 -0.18
N GLU A 38 -9.02 1.40 0.55
CA GLU A 38 -9.93 2.53 0.79
C GLU A 38 -10.84 2.19 1.95
N ASP A 39 -11.71 1.21 1.70
CA ASP A 39 -12.71 0.74 2.64
C ASP A 39 -13.71 1.85 3.00
N LEU A 40 -14.54 1.60 4.00
CA LEU A 40 -15.63 2.50 4.35
C LEU A 40 -16.13 2.26 5.78
N GLU A 41 -15.49 1.35 6.50
CA GLU A 41 -15.97 0.92 7.80
C GLU A 41 -14.84 0.93 8.83
N SER A 42 -15.23 0.97 10.09
CA SER A 42 -14.27 0.89 11.15
C SER A 42 -14.03 -0.57 11.52
N GLU A 43 -13.04 -1.17 10.88
CA GLU A 43 -12.70 -2.54 11.15
C GLU A 43 -12.28 -2.67 12.60
N LEU A 44 -11.41 -1.78 13.00
CA LEU A 44 -10.96 -1.74 14.35
C LEU A 44 -11.92 -0.83 15.11
N GLY A 45 -12.78 -1.42 15.91
CA GLY A 45 -13.79 -0.66 16.60
C GLY A 45 -13.30 -0.03 17.89
N ASP A 46 -12.97 -0.88 18.85
CA ASP A 46 -12.54 -0.42 20.17
C ASP A 46 -11.23 0.33 20.10
N THR A 47 -10.35 -0.08 19.22
CA THR A 47 -9.10 0.59 19.05
C THR A 47 -9.28 1.79 18.12
N GLU A 48 -9.21 1.54 16.81
CA GLU A 48 -9.38 2.55 15.77
C GLU A 48 -8.24 3.59 15.77
N THR A 49 -7.77 3.98 16.95
CA THR A 49 -6.68 4.92 17.07
C THR A 49 -5.41 4.31 16.51
N MET A 50 -5.34 2.99 16.57
CA MET A 50 -4.20 2.25 16.06
C MET A 50 -4.39 1.94 14.58
N ARG A 51 -4.19 2.95 13.76
CA ARG A 51 -4.23 2.80 12.33
C ARG A 51 -2.96 3.44 11.78
N THR A 52 -3.06 4.14 10.66
CA THR A 52 -1.91 4.82 10.10
C THR A 52 -1.29 5.74 11.16
N PRO A 53 -0.02 5.47 11.53
CA PRO A 53 0.71 6.19 12.59
C PRO A 53 1.15 7.59 12.17
N GLY A 54 0.29 8.26 11.41
CA GLY A 54 0.59 9.59 10.96
C GLY A 54 -0.66 10.45 10.93
N TYR A 55 -1.63 10.00 10.15
CA TYR A 55 -2.87 10.70 9.99
C TYR A 55 -3.95 9.75 9.54
N PHE A 56 -5.17 10.18 9.62
CA PHE A 56 -6.31 9.38 9.18
C PHE A 56 -6.63 9.72 7.73
N PHE A 57 -7.10 8.73 7.01
CA PHE A 57 -7.38 8.88 5.58
C PHE A 57 -8.64 9.71 5.32
N GLN A 58 -8.61 10.44 4.21
CA GLN A 58 -9.73 11.22 3.74
C GLN A 58 -10.08 10.75 2.34
N GLN A 59 -11.27 10.18 2.17
CA GLN A 59 -11.66 9.60 0.89
C GLN A 59 -11.82 10.65 -0.20
N ALA A 60 -12.63 11.64 0.10
CA ALA A 60 -12.90 12.77 -0.81
C ALA A 60 -13.60 12.32 -2.11
N PRO A 61 -14.43 13.18 -2.72
CA PRO A 61 -15.13 12.87 -3.95
C PRO A 61 -14.18 12.77 -5.16
N ASN A 62 -13.85 11.53 -5.54
CA ASN A 62 -12.99 11.24 -6.71
C ASN A 62 -11.64 11.93 -6.62
N ARG A 63 -11.12 12.06 -5.42
CA ARG A 63 -9.81 12.67 -5.20
C ARG A 63 -8.88 11.68 -4.55
N ARG A 64 -7.90 12.18 -3.81
CA ARG A 64 -6.99 11.36 -3.03
C ARG A 64 -7.81 10.50 -2.08
N ARG A 65 -7.98 9.23 -2.47
CA ARG A 65 -8.87 8.31 -1.77
C ARG A 65 -8.45 8.02 -0.34
N ILE A 66 -7.16 7.91 -0.12
CA ILE A 66 -6.66 7.74 1.23
C ILE A 66 -5.71 8.87 1.57
N SER A 67 -4.93 9.25 0.57
CA SER A 67 -3.96 10.32 0.65
C SER A 67 -3.13 10.28 -0.62
N ARG A 68 -2.79 9.06 -1.00
CA ARG A 68 -2.04 8.79 -2.20
C ARG A 68 -2.87 7.88 -3.09
N GLU A 69 -2.68 8.01 -4.40
CA GLU A 69 -3.46 7.27 -5.37
C GLU A 69 -3.02 5.80 -5.45
N HIS A 70 -3.97 4.96 -5.82
CA HIS A 70 -3.75 3.55 -6.03
C HIS A 70 -4.27 3.16 -7.40
N GLY A 71 -3.58 2.25 -8.05
CA GLY A 71 -4.01 1.84 -9.37
C GLY A 71 -4.14 0.34 -9.48
N ARG A 72 -5.24 -0.11 -10.06
CA ARG A 72 -5.52 -1.53 -10.27
C ARG A 72 -5.39 -2.36 -9.00
N THR A 73 -4.20 -2.86 -8.75
CA THR A 73 -3.95 -3.72 -7.62
C THR A 73 -2.69 -3.30 -6.85
N TRP A 74 -2.23 -2.07 -7.06
CA TRP A 74 -1.03 -1.58 -6.41
C TRP A 74 -1.21 -0.17 -5.84
N THR A 75 -0.60 0.08 -4.70
CA THR A 75 -0.60 1.41 -4.10
C THR A 75 0.72 1.69 -3.40
N LYS A 76 1.12 2.94 -3.38
CA LYS A 76 2.32 3.35 -2.70
C LYS A 76 1.92 4.10 -1.44
N LEU A 77 2.04 3.47 -0.30
CA LEU A 77 1.64 4.09 0.94
C LEU A 77 2.83 4.30 1.85
N THR A 78 2.68 5.28 2.72
CA THR A 78 3.71 5.63 3.65
C THR A 78 3.36 5.08 5.05
N TYR A 79 4.27 4.29 5.61
CA TYR A 79 4.02 3.68 6.92
C TYR A 79 4.57 4.54 8.06
N ALA A 80 5.24 5.64 7.70
CA ALA A 80 5.80 6.62 8.66
C ALA A 80 6.98 6.04 9.47
N ASN A 81 6.80 4.87 10.03
CA ASN A 81 7.83 4.25 10.84
C ASN A 81 8.63 3.27 10.02
N HIS A 82 9.92 3.23 10.28
CA HIS A 82 10.82 2.35 9.57
C HIS A 82 10.65 0.91 10.07
N SER A 83 10.16 0.78 11.31
CA SER A 83 9.89 -0.54 11.88
C SER A 83 8.84 -1.28 11.03
N SER A 84 7.82 -0.54 10.60
CA SER A 84 6.76 -1.09 9.79
C SER A 84 7.26 -1.48 8.40
N TYR A 85 8.35 -0.83 7.98
CA TYR A 85 8.95 -1.06 6.66
C TYR A 85 9.37 -2.52 6.50
N LEU A 86 10.03 -3.07 7.51
CA LEU A 86 10.45 -4.46 7.49
C LEU A 86 9.25 -5.42 7.52
N ARG A 87 8.27 -5.10 8.35
CA ARG A 87 7.08 -5.95 8.50
C ARG A 87 6.25 -5.96 7.20
N ALA A 88 6.12 -4.80 6.57
CA ALA A 88 5.35 -4.64 5.35
C ALA A 88 6.14 -5.12 4.13
N LEU A 89 7.43 -5.35 4.33
CA LEU A 89 8.35 -5.77 3.27
C LEU A 89 7.98 -7.17 2.71
N ARG A 90 6.96 -7.80 3.32
CA ARG A 90 6.43 -9.12 2.90
C ARG A 90 6.44 -9.28 1.38
N GLU A 91 6.97 -10.37 0.91
CA GLU A 91 7.08 -10.64 -0.50
C GLU A 91 6.69 -12.07 -0.81
N HIS A 92 7.23 -12.60 -1.90
CA HIS A 92 6.95 -13.96 -2.33
C HIS A 92 7.26 -14.93 -1.20
N GLY A 93 6.28 -15.71 -0.83
CA GLY A 93 6.41 -16.62 0.28
C GLY A 93 5.33 -16.34 1.29
N THR A 94 4.87 -15.10 1.31
CA THR A 94 3.78 -14.71 2.15
C THR A 94 2.48 -14.85 1.37
N ILE A 95 1.87 -16.00 1.49
CA ILE A 95 0.65 -16.30 0.78
C ILE A 95 -0.54 -16.00 1.65
N TYR A 96 -1.44 -15.19 1.13
CA TYR A 96 -2.63 -14.81 1.84
C TYR A 96 -3.84 -15.02 0.95
N CYS A 97 -4.81 -15.77 1.46
CA CYS A 97 -6.08 -16.02 0.76
C CYS A 97 -5.88 -16.90 -0.50
N GLY A 98 -4.67 -17.44 -0.67
CA GLY A 98 -4.41 -18.30 -1.81
C GLY A 98 -3.38 -17.74 -2.78
N ALA A 99 -3.00 -16.49 -2.58
CA ALA A 99 -2.01 -15.85 -3.44
C ALA A 99 -0.97 -15.12 -2.62
N ALA A 100 0.23 -14.97 -3.17
CA ALA A 100 1.29 -14.29 -2.46
C ALA A 100 1.27 -12.81 -2.77
N ILE A 101 1.30 -12.01 -1.72
CA ILE A 101 1.32 -10.57 -1.86
C ILE A 101 2.76 -10.08 -1.96
N GLY A 102 2.98 -9.09 -2.78
CA GLY A 102 4.31 -8.58 -2.97
C GLY A 102 4.43 -7.13 -2.62
N CYS A 103 5.34 -6.82 -1.73
CA CYS A 103 5.60 -5.47 -1.34
C CYS A 103 7.09 -5.21 -1.39
N VAL A 104 7.47 -4.18 -2.12
CA VAL A 104 8.86 -3.82 -2.27
C VAL A 104 9.06 -2.34 -2.08
N PRO A 105 10.31 -1.90 -1.80
CA PRO A 105 10.63 -0.48 -1.66
C PRO A 105 10.33 0.28 -2.95
N TYR A 106 10.05 1.58 -2.82
CA TYR A 106 9.70 2.41 -3.97
C TYR A 106 10.76 2.35 -5.05
N LYS A 107 10.33 2.00 -6.25
CA LYS A 107 11.21 1.97 -7.41
C LYS A 107 10.50 2.62 -8.59
N HIS A 108 11.23 3.43 -9.34
CA HIS A 108 10.65 4.17 -10.46
C HIS A 108 10.16 3.23 -11.57
N GLU A 109 10.95 2.21 -11.87
CA GLU A 109 10.62 1.29 -12.94
C GLU A 109 9.35 0.50 -12.64
N LEU A 110 9.19 0.09 -11.38
CA LEU A 110 8.02 -0.68 -10.99
C LEU A 110 6.75 0.12 -11.23
N ILE A 111 6.76 1.38 -10.81
CA ILE A 111 5.61 2.25 -10.98
C ILE A 111 5.35 2.49 -12.47
N SER A 112 6.42 2.74 -13.21
CA SER A 112 6.31 3.03 -14.63
C SER A 112 5.69 1.86 -15.41
N GLU A 113 6.16 0.64 -15.17
CA GLU A 113 5.62 -0.52 -15.88
C GLU A 113 4.17 -0.79 -15.47
N LEU A 114 3.87 -0.59 -14.20
CA LEU A 114 2.52 -0.76 -13.69
C LEU A 114 1.57 0.25 -14.34
N SER A 115 2.03 1.48 -14.45
CA SER A 115 1.24 2.56 -15.02
C SER A 115 1.05 2.41 -16.54
N ARG A 116 2.13 2.06 -17.24
CA ARG A 116 2.08 1.92 -18.70
C ARG A 116 1.23 0.74 -19.12
N GLU A 117 1.29 -0.35 -18.36
CA GLU A 117 0.52 -1.56 -18.63
C GLU A 117 0.90 -2.15 -19.97
N GLY A 118 2.14 -2.60 -20.06
CA GLY A 118 2.63 -3.16 -21.28
C GLY A 118 3.54 -4.33 -21.05
N HIS A 119 4.51 -4.47 -21.92
CA HIS A 119 5.46 -5.56 -21.86
C HIS A 119 6.76 -5.12 -22.53
N HIS A 120 7.89 -5.71 -22.12
CA HIS A 120 9.19 -5.33 -22.70
C HIS A 120 9.36 -5.87 -24.12
N HIS A 121 8.54 -6.83 -24.48
CA HIS A 121 8.57 -7.40 -25.83
C HIS A 121 7.32 -7.00 -26.58
N HIS A 122 7.48 -6.68 -27.85
CA HIS A 122 6.37 -6.26 -28.68
C HIS A 122 6.19 -7.24 -29.83
N HIS A 123 6.81 -8.41 -29.69
CA HIS A 123 6.72 -9.45 -30.69
C HIS A 123 5.39 -10.17 -30.57
N HIS A 124 4.46 -9.85 -31.44
CA HIS A 124 3.15 -10.46 -31.41
C HIS A 124 3.12 -11.71 -32.26
N MET A 1 14.04 13.03 -14.85
CA MET A 1 14.73 14.33 -14.92
C MET A 1 16.22 14.10 -15.00
N SER A 2 16.97 15.15 -15.27
CA SER A 2 18.42 15.04 -15.33
C SER A 2 18.99 14.86 -13.93
N LEU A 3 19.88 13.87 -13.79
CA LEU A 3 20.50 13.52 -12.51
C LEU A 3 19.44 13.33 -11.41
N GLY A 4 18.76 12.20 -11.45
CA GLY A 4 17.76 11.90 -10.47
C GLY A 4 18.19 10.76 -9.58
N SER A 5 18.06 10.94 -8.28
CA SER A 5 18.48 9.93 -7.34
C SER A 5 17.44 8.81 -7.21
N GLU A 6 17.91 7.59 -6.98
CA GLU A 6 17.04 6.43 -6.81
C GLU A 6 16.82 6.15 -5.33
N SER A 7 17.36 7.02 -4.50
CA SER A 7 17.30 6.87 -3.05
C SER A 7 16.10 7.61 -2.45
N GLU A 8 15.09 7.87 -3.25
CA GLU A 8 13.90 8.58 -2.78
C GLU A 8 12.80 7.61 -2.36
N THR A 9 13.18 6.34 -2.18
CA THR A 9 12.27 5.31 -1.75
C THR A 9 11.71 5.62 -0.35
N GLY A 10 12.60 5.97 0.56
CA GLY A 10 12.19 6.28 1.91
C GLY A 10 11.59 5.08 2.61
N ASN A 11 10.43 5.27 3.21
CA ASN A 11 9.75 4.19 3.93
C ASN A 11 8.52 3.73 3.16
N ALA A 12 8.42 4.14 1.92
CA ALA A 12 7.28 3.78 1.09
C ALA A 12 7.47 2.41 0.45
N VAL A 13 6.47 1.56 0.59
CA VAL A 13 6.52 0.23 0.00
C VAL A 13 5.43 0.09 -1.05
N VAL A 14 5.65 -0.79 -1.99
CA VAL A 14 4.68 -1.05 -3.03
C VAL A 14 4.13 -2.45 -2.85
N VAL A 15 2.84 -2.55 -2.62
CA VAL A 15 2.21 -3.83 -2.42
C VAL A 15 1.26 -4.11 -3.58
N PHE A 16 1.37 -5.28 -4.18
CA PHE A 16 0.54 -5.64 -5.31
C PHE A 16 0.20 -7.13 -5.26
N GLY A 17 -0.72 -7.55 -6.11
CA GLY A 17 -1.12 -8.95 -6.14
C GLY A 17 -2.45 -9.21 -5.47
N TYR A 18 -3.23 -8.17 -5.33
CA TYR A 18 -4.55 -8.27 -4.72
C TYR A 18 -5.58 -7.49 -5.51
N ARG A 19 -6.84 -7.82 -5.36
CA ARG A 19 -7.89 -7.16 -6.08
C ARG A 19 -8.59 -6.15 -5.17
N GLU A 20 -9.25 -5.19 -5.77
CA GLU A 20 -9.90 -4.09 -5.05
C GLU A 20 -11.11 -4.58 -4.20
N ALA A 21 -11.44 -5.86 -4.34
CA ALA A 21 -12.61 -6.43 -3.65
C ALA A 21 -12.29 -7.03 -2.27
N ILE A 22 -11.00 -7.24 -1.98
CA ILE A 22 -10.60 -7.88 -0.70
C ILE A 22 -10.16 -6.85 0.34
N THR A 23 -10.74 -5.65 0.27
CA THR A 23 -10.28 -4.56 1.12
C THR A 23 -10.42 -4.89 2.61
N LYS A 24 -11.61 -5.30 3.02
CA LYS A 24 -11.89 -5.60 4.41
C LYS A 24 -11.03 -6.75 4.90
N GLN A 25 -10.88 -7.76 4.06
CA GLN A 25 -10.14 -8.98 4.41
C GLN A 25 -8.67 -8.66 4.69
N ILE A 26 -8.01 -8.06 3.72
CA ILE A 26 -6.61 -7.78 3.82
C ILE A 26 -6.32 -6.68 4.86
N LEU A 27 -7.27 -5.77 5.03
CA LEU A 27 -7.12 -4.69 6.01
C LEU A 27 -7.01 -5.23 7.42
N ALA A 28 -7.86 -6.18 7.76
CA ALA A 28 -7.86 -6.79 9.09
C ALA A 28 -6.55 -7.51 9.37
N TYR A 29 -5.85 -7.89 8.32
CA TYR A 29 -4.59 -8.60 8.45
C TYR A 29 -3.39 -7.64 8.60
N PHE A 30 -3.34 -6.62 7.76
CA PHE A 30 -2.20 -5.69 7.74
C PHE A 30 -2.43 -4.44 8.59
N ALA A 31 -3.62 -4.30 9.14
CA ALA A 31 -4.03 -3.09 9.90
C ALA A 31 -3.01 -2.63 10.95
N GLN A 32 -2.22 -3.55 11.46
CA GLN A 32 -1.19 -3.23 12.45
C GLN A 32 -0.17 -2.26 11.87
N PHE A 33 0.05 -2.36 10.57
CA PHE A 33 1.02 -1.54 9.88
C PHE A 33 0.73 -1.46 8.38
N GLY A 34 -0.49 -1.08 8.00
CA GLY A 34 -0.83 -0.99 6.59
C GLY A 34 -2.25 -0.49 6.33
N GLU A 35 -2.35 0.59 5.56
CA GLU A 35 -3.65 1.16 5.15
C GLU A 35 -3.90 0.73 3.72
N ILE A 36 -4.55 -0.41 3.57
CA ILE A 36 -4.70 -0.97 2.25
C ILE A 36 -5.98 -0.54 1.58
N LEU A 37 -5.84 -0.03 0.36
CA LEU A 37 -6.96 0.41 -0.47
C LEU A 37 -7.68 1.60 0.15
N GLU A 38 -8.85 1.92 -0.40
CA GLU A 38 -9.56 3.12 -0.01
C GLU A 38 -11.00 2.80 0.46
N ASP A 39 -11.28 1.55 0.76
CA ASP A 39 -12.62 1.16 1.21
C ASP A 39 -12.54 0.51 2.60
N LEU A 40 -12.46 1.34 3.60
CA LEU A 40 -12.31 0.88 4.96
C LEU A 40 -13.67 0.61 5.61
N GLU A 41 -14.42 1.69 5.83
CA GLU A 41 -15.75 1.64 6.46
C GLU A 41 -15.73 0.94 7.83
N SER A 42 -16.00 -0.37 7.83
CA SER A 42 -15.98 -1.16 9.04
C SER A 42 -14.60 -1.73 9.22
N GLU A 43 -13.84 -1.14 10.10
CA GLU A 43 -12.46 -1.52 10.28
C GLU A 43 -12.27 -2.44 11.50
N LEU A 44 -11.71 -1.90 12.58
CA LEU A 44 -11.43 -2.71 13.74
C LEU A 44 -12.20 -2.21 14.97
N GLY A 45 -11.76 -1.08 15.54
CA GLY A 45 -12.41 -0.55 16.73
C GLY A 45 -12.43 0.97 16.76
N ASP A 46 -12.82 1.54 17.91
CA ASP A 46 -12.91 3.00 18.06
C ASP A 46 -11.75 3.56 18.87
N THR A 47 -10.86 2.67 19.33
CA THR A 47 -9.68 3.08 20.10
C THR A 47 -8.57 3.50 19.14
N GLU A 48 -8.88 3.42 17.88
CA GLU A 48 -7.95 3.72 16.82
C GLU A 48 -8.00 5.18 16.43
N THR A 49 -8.40 6.02 17.38
CA THR A 49 -8.34 7.45 17.22
C THR A 49 -6.87 7.82 17.08
N MET A 50 -6.04 7.04 17.74
CA MET A 50 -4.61 7.17 17.70
C MET A 50 -4.00 6.06 16.82
N ARG A 51 -3.89 6.34 15.54
CA ARG A 51 -3.31 5.39 14.58
C ARG A 51 -2.05 5.98 13.93
N THR A 52 -1.03 5.14 13.73
CA THR A 52 0.27 5.55 13.19
C THR A 52 1.23 4.38 13.37
N PRO A 53 2.35 4.32 12.59
CA PRO A 53 3.32 3.24 12.66
C PRO A 53 3.70 2.90 14.10
N GLY A 54 3.60 1.61 14.42
CA GLY A 54 3.89 1.17 15.76
C GLY A 54 2.62 0.85 16.51
N TYR A 55 1.52 1.40 16.03
CA TYR A 55 0.20 1.16 16.59
C TYR A 55 -0.65 0.45 15.55
N PHE A 56 -0.97 1.21 14.51
CA PHE A 56 -1.78 0.74 13.39
C PHE A 56 -1.38 1.55 12.16
N PHE A 57 -2.21 1.53 11.15
CA PHE A 57 -1.95 2.33 9.98
C PHE A 57 -2.29 3.81 10.24
N GLN A 58 -1.58 4.71 9.58
CA GLN A 58 -1.64 6.19 9.80
C GLN A 58 -3.01 6.85 9.49
N GLN A 59 -4.06 6.09 9.35
CA GLN A 59 -5.35 6.62 9.03
C GLN A 59 -5.94 7.38 10.21
N ALA A 60 -6.57 8.49 9.90
CA ALA A 60 -7.22 9.32 10.91
C ALA A 60 -8.62 8.77 11.21
N PRO A 61 -9.07 8.89 12.47
CA PRO A 61 -10.37 8.35 12.90
C PRO A 61 -11.53 8.87 12.07
N ASN A 62 -11.37 10.05 11.47
CA ASN A 62 -12.40 10.60 10.63
C ASN A 62 -12.28 10.13 9.18
N ARG A 63 -11.09 10.27 8.60
CA ARG A 63 -10.88 9.89 7.21
C ARG A 63 -9.55 9.18 6.97
N ARG A 64 -9.53 8.41 5.90
CA ARG A 64 -8.33 7.75 5.41
C ARG A 64 -7.25 8.78 5.08
N ARG A 65 -6.01 8.47 5.42
CA ARG A 65 -4.91 9.38 5.16
C ARG A 65 -4.00 8.86 4.10
N ILE A 66 -4.37 7.73 3.52
CA ILE A 66 -3.61 7.13 2.46
C ILE A 66 -3.29 8.16 1.35
N SER A 67 -4.30 8.53 0.57
CA SER A 67 -4.19 9.56 -0.49
C SER A 67 -2.93 9.38 -1.39
N ARG A 68 -2.37 8.18 -1.44
CA ARG A 68 -1.21 7.93 -2.28
C ARG A 68 -1.62 7.64 -3.69
N GLU A 69 -0.80 8.03 -4.64
CA GLU A 69 -1.10 7.79 -6.03
C GLU A 69 -0.88 6.33 -6.38
N HIS A 70 -1.96 5.65 -6.64
CA HIS A 70 -1.93 4.25 -6.99
C HIS A 70 -3.05 3.92 -7.93
N GLY A 71 -2.98 2.75 -8.51
CA GLY A 71 -4.01 2.30 -9.40
C GLY A 71 -4.78 1.17 -8.78
N ARG A 72 -5.14 0.19 -9.58
CA ARG A 72 -5.83 -0.95 -9.07
C ARG A 72 -4.87 -2.11 -8.99
N THR A 73 -5.06 -2.97 -7.98
CA THR A 73 -4.21 -4.16 -7.70
C THR A 73 -2.82 -3.79 -7.13
N TRP A 74 -2.47 -2.50 -7.19
CA TRP A 74 -1.21 -2.03 -6.61
C TRP A 74 -1.42 -0.76 -5.79
N THR A 75 -0.91 -0.76 -4.57
CA THR A 75 -1.05 0.37 -3.66
C THR A 75 0.29 0.67 -2.95
N LYS A 76 0.63 1.96 -2.89
CA LYS A 76 1.84 2.41 -2.20
C LYS A 76 1.50 2.80 -0.77
N LEU A 77 2.24 2.25 0.18
CA LEU A 77 1.96 2.51 1.60
C LEU A 77 3.06 3.33 2.25
N THR A 78 2.69 4.51 2.77
CA THR A 78 3.62 5.38 3.46
C THR A 78 3.23 5.51 4.95
N TYR A 79 4.19 5.25 5.85
CA TYR A 79 3.96 5.33 7.31
C TYR A 79 4.79 6.45 7.91
N ALA A 80 5.61 7.08 7.07
CA ALA A 80 6.50 8.18 7.49
C ALA A 80 7.65 7.69 8.39
N ASN A 81 7.61 6.41 8.75
CA ASN A 81 8.64 5.81 9.61
C ASN A 81 9.19 4.54 8.99
N HIS A 82 10.49 4.34 9.17
CA HIS A 82 11.16 3.16 8.62
C HIS A 82 10.82 1.91 9.40
N SER A 83 10.33 2.10 10.62
CA SER A 83 9.99 1.01 11.50
C SER A 83 8.90 0.13 10.88
N SER A 84 7.88 0.76 10.30
CA SER A 84 6.79 0.02 9.68
C SER A 84 7.21 -0.48 8.30
N TYR A 85 8.18 0.19 7.69
CA TYR A 85 8.69 -0.17 6.36
C TYR A 85 9.25 -1.59 6.36
N LEU A 86 10.09 -1.89 7.33
CA LEU A 86 10.73 -3.16 7.40
C LEU A 86 9.72 -4.30 7.61
N ARG A 87 8.76 -4.06 8.48
CA ARG A 87 7.73 -5.06 8.77
C ARG A 87 6.80 -5.25 7.57
N ALA A 88 6.49 -4.15 6.88
CA ALA A 88 5.60 -4.16 5.71
C ALA A 88 6.30 -4.78 4.50
N LEU A 89 7.61 -4.96 4.59
CA LEU A 89 8.41 -5.53 3.51
C LEU A 89 7.91 -6.94 3.19
N ARG A 90 7.57 -7.68 4.25
CA ARG A 90 7.03 -9.03 4.14
C ARG A 90 7.97 -9.96 3.37
N GLU A 91 7.46 -10.53 2.26
CA GLU A 91 8.22 -11.47 1.44
C GLU A 91 8.74 -12.64 2.30
N HIS A 92 7.90 -13.12 3.19
CA HIS A 92 8.24 -14.24 4.05
C HIS A 92 7.26 -15.39 3.84
N GLY A 93 6.96 -15.67 2.57
CA GLY A 93 6.01 -16.72 2.26
C GLY A 93 4.60 -16.29 2.56
N THR A 94 4.30 -15.05 2.27
CA THR A 94 3.00 -14.48 2.56
C THR A 94 1.99 -14.81 1.47
N ILE A 95 1.20 -15.83 1.73
CA ILE A 95 0.15 -16.24 0.82
C ILE A 95 -1.21 -15.90 1.41
N TYR A 96 -1.99 -15.17 0.67
CA TYR A 96 -3.30 -14.77 1.12
C TYR A 96 -4.33 -15.05 0.01
N CYS A 97 -5.44 -15.68 0.38
CA CYS A 97 -6.50 -16.04 -0.58
C CYS A 97 -6.00 -17.04 -1.64
N GLY A 98 -4.92 -17.75 -1.32
CA GLY A 98 -4.41 -18.75 -2.21
C GLY A 98 -3.24 -18.28 -3.07
N ALA A 99 -2.91 -16.99 -2.99
CA ALA A 99 -1.81 -16.46 -3.79
C ALA A 99 -0.90 -15.57 -2.95
N ALA A 100 0.36 -15.47 -3.33
CA ALA A 100 1.30 -14.64 -2.61
C ALA A 100 1.28 -13.24 -3.16
N ILE A 101 1.25 -12.27 -2.28
CA ILE A 101 1.23 -10.88 -2.67
C ILE A 101 2.66 -10.35 -2.74
N GLY A 102 2.88 -9.38 -3.59
CA GLY A 102 4.21 -8.84 -3.75
C GLY A 102 4.40 -7.58 -2.96
N CYS A 103 5.44 -7.53 -2.17
CA CYS A 103 5.76 -6.38 -1.35
C CYS A 103 7.23 -6.03 -1.52
N VAL A 104 7.49 -4.89 -2.15
CA VAL A 104 8.86 -4.44 -2.39
C VAL A 104 8.99 -2.93 -2.17
N PRO A 105 10.22 -2.44 -1.93
CA PRO A 105 10.48 -1.01 -1.76
C PRO A 105 10.12 -0.22 -3.02
N TYR A 106 9.72 1.04 -2.83
CA TYR A 106 9.30 1.91 -3.93
C TYR A 106 10.38 2.03 -5.01
N LYS A 107 10.05 1.58 -6.21
CA LYS A 107 10.94 1.66 -7.34
C LYS A 107 10.33 2.58 -8.39
N HIS A 108 11.16 3.43 -8.97
CA HIS A 108 10.70 4.40 -9.96
C HIS A 108 10.20 3.67 -11.22
N GLU A 109 10.97 2.70 -11.68
CA GLU A 109 10.64 1.95 -12.88
C GLU A 109 9.39 1.06 -12.68
N LEU A 110 9.27 0.48 -11.49
CA LEU A 110 8.14 -0.40 -11.19
C LEU A 110 6.83 0.36 -11.31
N ILE A 111 6.81 1.57 -10.75
CA ILE A 111 5.65 2.44 -10.82
C ILE A 111 5.36 2.82 -12.26
N SER A 112 6.41 3.06 -13.04
CA SER A 112 6.26 3.45 -14.43
C SER A 112 5.48 2.39 -15.20
N GLU A 113 5.83 1.12 -15.00
CA GLU A 113 5.12 0.04 -15.68
C GLU A 113 3.69 -0.06 -15.16
N LEU A 114 3.52 0.07 -13.85
CA LEU A 114 2.21 0.01 -13.22
C LEU A 114 1.30 1.14 -13.68
N SER A 115 1.87 2.34 -13.80
CA SER A 115 1.12 3.53 -14.19
C SER A 115 0.56 3.40 -15.61
N ARG A 116 1.19 2.57 -16.42
CA ARG A 116 0.75 2.37 -17.80
C ARG A 116 -0.61 1.69 -17.83
N GLU A 117 -0.84 0.79 -16.87
CA GLU A 117 -2.11 0.06 -16.75
C GLU A 117 -2.37 -0.79 -17.98
N GLY A 118 -1.30 -1.28 -18.58
CA GLY A 118 -1.42 -2.14 -19.74
C GLY A 118 -1.39 -3.60 -19.37
N HIS A 119 -1.89 -3.91 -18.16
CA HIS A 119 -1.91 -5.27 -17.61
C HIS A 119 -0.49 -5.71 -17.23
N HIS A 120 -0.36 -6.46 -16.14
CA HIS A 120 0.94 -6.93 -15.72
C HIS A 120 1.50 -7.90 -16.76
N HIS A 121 2.65 -7.56 -17.31
CA HIS A 121 3.28 -8.37 -18.35
C HIS A 121 3.63 -9.73 -17.79
N HIS A 122 3.29 -10.77 -18.55
CA HIS A 122 3.58 -12.13 -18.13
C HIS A 122 5.09 -12.35 -18.08
N HIS A 123 5.62 -12.44 -16.89
CA HIS A 123 7.04 -12.63 -16.73
C HIS A 123 7.41 -14.08 -17.00
N HIS A 124 8.04 -14.31 -18.12
CA HIS A 124 8.46 -15.64 -18.49
C HIS A 124 9.93 -15.79 -18.14
N MET A 1 20.33 8.77 -13.59
CA MET A 1 19.59 7.62 -13.02
C MET A 1 19.68 7.59 -11.50
N SER A 2 20.52 8.46 -10.93
CA SER A 2 20.71 8.51 -9.49
C SER A 2 19.45 9.02 -8.76
N LEU A 3 18.80 10.03 -9.32
CA LEU A 3 17.62 10.59 -8.68
C LEU A 3 16.43 10.66 -9.64
N GLY A 4 15.26 10.35 -9.12
CA GLY A 4 14.06 10.42 -9.93
C GLY A 4 13.19 11.59 -9.53
N SER A 5 13.12 11.84 -8.23
CA SER A 5 12.36 12.94 -7.68
C SER A 5 12.95 13.36 -6.35
N GLU A 6 13.04 14.64 -6.13
CA GLU A 6 13.57 15.13 -4.88
C GLU A 6 12.45 15.34 -3.88
N SER A 7 11.92 14.22 -3.41
CA SER A 7 10.92 14.21 -2.43
C SER A 7 11.38 13.30 -1.30
N GLU A 8 10.50 13.04 -0.40
CA GLU A 8 10.82 12.21 0.76
C GLU A 8 10.19 10.83 0.64
N THR A 9 9.99 10.38 -0.59
CA THR A 9 9.37 9.09 -0.85
C THR A 9 10.37 7.93 -0.63
N GLY A 10 10.93 7.86 0.57
CA GLY A 10 11.86 6.81 0.90
C GLY A 10 11.29 5.88 1.94
N ASN A 11 10.23 6.33 2.60
CA ASN A 11 9.57 5.54 3.66
C ASN A 11 8.25 4.98 3.17
N ALA A 12 8.08 4.94 1.85
CA ALA A 12 6.87 4.41 1.26
C ALA A 12 7.20 3.23 0.37
N VAL A 13 6.31 2.27 0.33
CA VAL A 13 6.51 1.07 -0.46
C VAL A 13 5.29 0.81 -1.33
N VAL A 14 5.45 -0.01 -2.34
CA VAL A 14 4.37 -0.35 -3.22
C VAL A 14 3.88 -1.76 -2.90
N VAL A 15 2.61 -1.85 -2.53
CA VAL A 15 2.01 -3.14 -2.19
C VAL A 15 1.16 -3.61 -3.36
N PHE A 16 1.40 -4.84 -3.81
CA PHE A 16 0.66 -5.40 -4.95
C PHE A 16 0.42 -6.90 -4.78
N GLY A 17 -0.50 -7.44 -5.59
CA GLY A 17 -0.82 -8.87 -5.52
C GLY A 17 -2.18 -9.13 -4.90
N TYR A 18 -3.05 -8.15 -4.94
CA TYR A 18 -4.38 -8.24 -4.34
C TYR A 18 -5.38 -7.43 -5.15
N ARG A 19 -6.66 -7.63 -4.88
CA ARG A 19 -7.72 -6.90 -5.56
C ARG A 19 -8.52 -6.09 -4.55
N GLU A 20 -9.21 -5.06 -5.02
CA GLU A 20 -9.97 -4.17 -4.14
C GLU A 20 -11.31 -4.82 -3.70
N ALA A 21 -11.22 -6.06 -3.30
CA ALA A 21 -12.37 -6.80 -2.80
C ALA A 21 -12.04 -7.48 -1.49
N ILE A 22 -10.78 -7.43 -1.09
CA ILE A 22 -10.32 -8.07 0.13
C ILE A 22 -10.02 -7.05 1.23
N THR A 23 -10.81 -5.97 1.26
CA THR A 23 -10.60 -4.87 2.21
C THR A 23 -10.48 -5.38 3.65
N LYS A 24 -11.61 -5.79 4.24
CA LYS A 24 -11.66 -6.29 5.61
C LYS A 24 -10.61 -7.38 5.85
N GLN A 25 -10.37 -8.18 4.84
CA GLN A 25 -9.45 -9.30 4.91
C GLN A 25 -7.99 -8.88 5.12
N ILE A 26 -7.39 -8.31 4.09
CA ILE A 26 -5.98 -7.95 4.11
C ILE A 26 -5.71 -6.76 5.04
N LEU A 27 -6.68 -5.87 5.14
CA LEU A 27 -6.55 -4.68 5.97
C LEU A 27 -6.33 -5.05 7.43
N ALA A 28 -7.00 -6.11 7.87
CA ALA A 28 -6.92 -6.56 9.27
C ALA A 28 -5.47 -6.80 9.73
N TYR A 29 -4.59 -7.10 8.79
CA TYR A 29 -3.20 -7.38 9.13
C TYR A 29 -2.31 -6.13 9.10
N PHE A 30 -2.43 -5.31 8.06
CA PHE A 30 -1.54 -4.15 7.89
C PHE A 30 -2.12 -2.84 8.44
N ALA A 31 -3.40 -2.85 8.81
CA ALA A 31 -4.11 -1.60 9.21
C ALA A 31 -3.44 -0.85 10.35
N GLN A 32 -2.84 -1.58 11.25
CA GLN A 32 -2.18 -0.97 12.40
C GLN A 32 -0.99 -0.11 11.95
N PHE A 33 -0.48 -0.37 10.76
CA PHE A 33 0.67 0.36 10.25
C PHE A 33 0.36 1.09 8.94
N GLY A 34 -0.84 0.88 8.39
CA GLY A 34 -1.21 1.52 7.15
C GLY A 34 -2.52 1.00 6.59
N GLU A 35 -3.17 1.79 5.76
CA GLU A 35 -4.46 1.41 5.20
C GLU A 35 -4.31 0.88 3.78
N ILE A 36 -5.11 -0.13 3.45
CA ILE A 36 -5.07 -0.75 2.14
C ILE A 36 -6.50 -0.90 1.57
N LEU A 37 -6.68 -0.51 0.31
CA LEU A 37 -7.97 -0.62 -0.41
C LEU A 37 -8.98 0.41 0.06
N GLU A 38 -10.18 0.33 -0.52
CA GLU A 38 -11.26 1.21 -0.16
C GLU A 38 -11.94 0.72 1.10
N ASP A 39 -11.51 1.22 2.22
CA ASP A 39 -12.12 0.86 3.49
C ASP A 39 -13.28 1.79 3.80
N LEU A 40 -14.04 1.48 4.84
CA LEU A 40 -15.20 2.28 5.19
C LEU A 40 -15.28 2.54 6.69
N GLU A 41 -14.12 2.60 7.33
CA GLU A 41 -13.99 2.99 8.74
C GLU A 41 -14.20 1.82 9.69
N SER A 42 -15.31 1.12 9.55
CA SER A 42 -15.57 -0.04 10.38
C SER A 42 -15.00 -1.28 9.72
N GLU A 43 -13.74 -1.53 9.98
CA GLU A 43 -13.03 -2.59 9.30
C GLU A 43 -12.54 -3.62 10.28
N LEU A 44 -12.19 -3.17 11.46
CA LEU A 44 -11.61 -4.03 12.45
C LEU A 44 -12.53 -4.12 13.66
N GLY A 45 -12.00 -4.64 14.76
CA GLY A 45 -12.79 -4.77 15.96
C GLY A 45 -12.15 -4.06 17.14
N ASP A 46 -11.63 -4.83 18.07
CA ASP A 46 -11.02 -4.30 19.28
C ASP A 46 -9.77 -3.48 18.97
N THR A 47 -9.01 -3.93 17.98
CA THR A 47 -7.75 -3.27 17.63
C THR A 47 -7.96 -2.25 16.47
N GLU A 48 -9.14 -1.68 16.40
CA GLU A 48 -9.43 -0.70 15.36
C GLU A 48 -9.04 0.71 15.80
N THR A 49 -8.70 0.85 17.07
CA THR A 49 -8.34 2.13 17.65
C THR A 49 -7.02 2.67 17.10
N MET A 50 -6.19 1.79 16.57
CA MET A 50 -4.92 2.22 16.04
C MET A 50 -4.77 1.87 14.57
N ARG A 51 -5.15 2.81 13.70
CA ARG A 51 -4.95 2.66 12.28
C ARG A 51 -4.20 3.85 11.73
N THR A 52 -3.24 3.58 10.86
CA THR A 52 -2.34 4.59 10.28
C THR A 52 -1.49 5.28 11.36
N PRO A 53 -0.17 5.17 11.26
CA PRO A 53 0.77 5.81 12.19
C PRO A 53 0.65 7.33 12.16
N GLY A 54 0.07 7.81 11.09
CA GLY A 54 -0.17 9.23 10.92
C GLY A 54 -1.39 9.68 11.68
N TYR A 55 -1.99 8.75 12.44
CA TYR A 55 -3.16 9.00 13.28
C TYR A 55 -4.44 9.18 12.48
N PHE A 56 -5.09 8.04 12.19
CA PHE A 56 -6.38 8.00 11.49
C PHE A 56 -6.34 8.57 10.07
N PHE A 57 -6.67 7.71 9.12
CA PHE A 57 -6.74 8.06 7.71
C PHE A 57 -7.81 9.13 7.46
N GLN A 58 -8.99 8.93 8.07
CA GLN A 58 -10.17 9.80 7.90
C GLN A 58 -10.67 9.80 6.47
N GLN A 59 -11.70 9.00 6.20
CA GLN A 59 -12.25 8.85 4.85
C GLN A 59 -12.87 10.12 4.33
N ALA A 60 -13.53 10.84 5.21
CA ALA A 60 -14.24 12.07 4.86
C ALA A 60 -15.30 11.81 3.78
N PRO A 61 -16.58 11.76 4.16
CA PRO A 61 -17.67 11.46 3.23
C PRO A 61 -17.66 12.39 2.01
N ASN A 62 -17.93 11.80 0.83
CA ASN A 62 -17.92 12.50 -0.46
C ASN A 62 -16.49 12.66 -1.01
N ARG A 63 -15.50 12.45 -0.15
CA ARG A 63 -14.12 12.62 -0.56
C ARG A 63 -13.42 11.27 -0.76
N ARG A 64 -12.09 11.33 -0.69
CA ARG A 64 -11.24 10.18 -0.86
C ARG A 64 -11.21 9.36 0.42
N ARG A 65 -11.69 8.11 0.36
CA ARG A 65 -11.72 7.27 1.55
C ARG A 65 -10.31 6.97 2.02
N ILE A 66 -9.41 6.72 1.09
CA ILE A 66 -8.03 6.51 1.41
C ILE A 66 -7.19 7.66 0.87
N SER A 67 -6.59 8.40 1.78
CA SER A 67 -5.77 9.55 1.41
C SER A 67 -4.36 9.07 1.07
N ARG A 68 -4.30 8.16 0.14
CA ARG A 68 -3.05 7.59 -0.28
C ARG A 68 -3.09 7.34 -1.78
N GLU A 69 -1.94 7.39 -2.41
CA GLU A 69 -1.86 7.17 -3.85
C GLU A 69 -2.03 5.68 -4.18
N HIS A 70 -3.00 5.38 -5.01
CA HIS A 70 -3.30 4.00 -5.36
C HIS A 70 -3.62 3.86 -6.83
N GLY A 71 -3.42 2.67 -7.36
CA GLY A 71 -3.75 2.41 -8.74
C GLY A 71 -4.92 1.46 -8.85
N ARG A 72 -4.68 0.27 -9.37
CA ARG A 72 -5.72 -0.74 -9.50
C ARG A 72 -5.55 -1.83 -8.48
N THR A 73 -4.55 -2.64 -8.68
CA THR A 73 -4.29 -3.76 -7.81
C THR A 73 -3.08 -3.49 -6.93
N TRP A 74 -2.65 -2.24 -6.91
CA TRP A 74 -1.48 -1.83 -6.15
C TRP A 74 -1.69 -0.45 -5.56
N THR A 75 -1.03 -0.17 -4.45
CA THR A 75 -1.07 1.13 -3.85
C THR A 75 0.28 1.48 -3.25
N LYS A 76 0.63 2.74 -3.28
CA LYS A 76 1.83 3.21 -2.64
C LYS A 76 1.48 3.48 -1.20
N LEU A 77 1.85 2.60 -0.33
CA LEU A 77 1.45 2.70 1.04
C LEU A 77 2.51 3.40 1.86
N THR A 78 2.13 4.49 2.47
CA THR A 78 3.01 5.24 3.30
C THR A 78 2.81 4.83 4.76
N TYR A 79 3.66 3.94 5.22
CA TYR A 79 3.64 3.48 6.61
C TYR A 79 4.13 4.57 7.52
N ALA A 80 4.99 5.44 6.98
CA ALA A 80 5.59 6.55 7.72
C ALA A 80 6.67 6.05 8.69
N ASN A 81 6.30 5.11 9.54
CA ASN A 81 7.23 4.53 10.49
C ASN A 81 8.23 3.60 9.81
N HIS A 82 9.47 3.69 10.23
CA HIS A 82 10.53 2.87 9.65
C HIS A 82 10.51 1.47 10.27
N SER A 83 9.93 1.36 11.45
CA SER A 83 9.85 0.09 12.15
C SER A 83 9.06 -0.95 11.36
N SER A 84 7.91 -0.55 10.83
CA SER A 84 7.09 -1.47 10.06
C SER A 84 7.53 -1.48 8.60
N TYR A 85 8.37 -0.53 8.23
CA TYR A 85 8.88 -0.43 6.87
C TYR A 85 9.64 -1.70 6.50
N LEU A 86 10.52 -2.13 7.38
CA LEU A 86 11.31 -3.35 7.18
C LEU A 86 10.42 -4.60 7.14
N ARG A 87 9.43 -4.63 8.02
CA ARG A 87 8.53 -5.79 8.12
C ARG A 87 7.70 -5.97 6.85
N ALA A 88 7.55 -4.90 6.09
CA ALA A 88 6.79 -4.93 4.84
C ALA A 88 7.46 -5.85 3.79
N LEU A 89 8.75 -6.08 3.97
CA LEU A 89 9.54 -6.90 3.03
C LEU A 89 9.22 -8.39 3.19
N ARG A 90 8.44 -8.73 4.22
CA ARG A 90 8.05 -10.12 4.51
C ARG A 90 7.59 -10.85 3.22
N GLU A 91 8.24 -11.97 2.93
CA GLU A 91 7.97 -12.71 1.70
C GLU A 91 7.70 -14.20 2.01
N HIS A 92 7.87 -14.57 3.28
CA HIS A 92 7.74 -15.95 3.70
C HIS A 92 6.33 -16.53 3.47
N GLY A 93 6.20 -17.30 2.37
CA GLY A 93 4.96 -18.00 2.02
C GLY A 93 3.69 -17.23 2.30
N THR A 94 3.49 -16.14 1.60
CA THR A 94 2.29 -15.34 1.81
C THR A 94 1.41 -15.30 0.57
N ILE A 95 0.50 -16.25 0.46
CA ILE A 95 -0.45 -16.26 -0.63
C ILE A 95 -1.81 -15.86 -0.10
N TYR A 96 -2.34 -14.78 -0.64
CA TYR A 96 -3.62 -14.28 -0.17
C TYR A 96 -4.46 -13.87 -1.36
N CYS A 97 -5.72 -14.29 -1.35
CA CYS A 97 -6.67 -13.97 -2.43
C CYS A 97 -6.27 -14.68 -3.74
N GLY A 98 -5.40 -15.67 -3.62
CA GLY A 98 -4.99 -16.43 -4.79
C GLY A 98 -3.57 -16.15 -5.23
N ALA A 99 -2.98 -15.06 -4.78
CA ALA A 99 -1.63 -14.71 -5.19
C ALA A 99 -0.80 -14.21 -4.02
N ALA A 100 0.51 -14.27 -4.17
CA ALA A 100 1.41 -13.77 -3.16
C ALA A 100 1.45 -12.26 -3.20
N ILE A 101 1.44 -11.63 -2.05
CA ILE A 101 1.49 -10.18 -2.00
C ILE A 101 2.91 -9.71 -1.75
N GLY A 102 3.30 -8.65 -2.43
CA GLY A 102 4.64 -8.16 -2.28
C GLY A 102 4.67 -6.69 -1.94
N CYS A 103 5.62 -6.29 -1.12
CA CYS A 103 5.79 -4.90 -0.74
C CYS A 103 7.25 -4.50 -0.90
N VAL A 104 7.54 -3.77 -1.95
CA VAL A 104 8.90 -3.34 -2.21
C VAL A 104 8.99 -1.81 -2.13
N PRO A 105 10.21 -1.27 -1.93
CA PRO A 105 10.41 0.18 -1.85
C PRO A 105 9.95 0.88 -3.12
N TYR A 106 9.46 2.10 -2.96
CA TYR A 106 8.94 2.85 -4.09
C TYR A 106 9.99 3.03 -5.18
N LYS A 107 9.63 2.58 -6.37
CA LYS A 107 10.48 2.72 -7.53
C LYS A 107 9.67 3.33 -8.66
N HIS A 108 10.22 4.33 -9.31
CA HIS A 108 9.53 5.02 -10.40
C HIS A 108 9.34 4.07 -11.57
N GLU A 109 10.37 3.28 -11.84
CA GLU A 109 10.35 2.32 -12.93
C GLU A 109 9.28 1.27 -12.70
N LEU A 110 9.10 0.89 -11.44
CA LEU A 110 8.09 -0.10 -11.08
C LEU A 110 6.69 0.41 -11.42
N ILE A 111 6.44 1.67 -11.10
CA ILE A 111 5.15 2.28 -11.37
C ILE A 111 4.90 2.33 -12.88
N SER A 112 5.91 2.74 -13.62
CA SER A 112 5.83 2.83 -15.07
C SER A 112 5.58 1.44 -15.68
N GLU A 113 6.25 0.41 -15.13
CA GLU A 113 6.09 -0.96 -15.61
C GLU A 113 4.65 -1.43 -15.44
N LEU A 114 4.12 -1.28 -14.23
CA LEU A 114 2.76 -1.66 -13.93
C LEU A 114 1.75 -0.85 -14.73
N SER A 115 2.05 0.43 -14.92
CA SER A 115 1.16 1.30 -15.69
C SER A 115 1.02 0.79 -17.13
N ARG A 116 2.14 0.38 -17.74
CA ARG A 116 2.13 -0.14 -19.11
C ARG A 116 1.67 -1.61 -19.12
N GLU A 117 1.50 -2.18 -17.93
CA GLU A 117 1.05 -3.56 -17.74
C GLU A 117 2.07 -4.58 -18.28
N GLY A 118 3.32 -4.14 -18.40
CA GLY A 118 4.38 -5.02 -18.84
C GLY A 118 4.41 -5.26 -20.35
N HIS A 119 3.27 -5.17 -20.99
CA HIS A 119 3.18 -5.44 -22.42
C HIS A 119 3.50 -4.20 -23.23
N HIS A 120 4.58 -4.27 -23.99
CA HIS A 120 4.99 -3.17 -24.85
C HIS A 120 5.36 -3.71 -26.23
N HIS A 121 4.35 -3.98 -27.04
CA HIS A 121 4.57 -4.48 -28.39
C HIS A 121 3.30 -4.38 -29.21
N HIS A 122 3.44 -3.90 -30.43
CA HIS A 122 2.32 -3.75 -31.35
C HIS A 122 2.73 -4.13 -32.76
N HIS A 123 1.76 -4.27 -33.64
CA HIS A 123 2.03 -4.63 -35.02
C HIS A 123 2.26 -3.37 -35.83
N HIS A 124 3.50 -3.22 -36.34
CA HIS A 124 3.90 -2.04 -37.10
C HIS A 124 3.72 -0.78 -36.25
#